data_2BQY
# 
_entry.id   2BQY 
# 
_audit_conform.dict_name       mmcif_pdbx.dic 
_audit_conform.dict_version    5.391 
_audit_conform.dict_location   http://mmcif.pdb.org/dictionaries/ascii/mmcif_pdbx.dic 
# 
loop_
_database_2.database_id 
_database_2.database_code 
_database_2.pdbx_database_accession 
_database_2.pdbx_DOI 
PDB   2BQY         pdb_00002bqy 10.2210/pdb2bqy/pdb 
PDBE  EBI-23557    ?            ?                   
WWPDB D_1290023557 ?            ?                   
# 
loop_
_pdbx_audit_revision_history.ordinal 
_pdbx_audit_revision_history.data_content_type 
_pdbx_audit_revision_history.major_revision 
_pdbx_audit_revision_history.minor_revision 
_pdbx_audit_revision_history.revision_date 
1 'Structure model' 1 0 2006-10-18 
2 'Structure model' 1 1 2011-05-08 
3 'Structure model' 1 2 2011-07-13 
4 'Structure model' 1 3 2024-05-08 
# 
_pdbx_audit_revision_details.ordinal             1 
_pdbx_audit_revision_details.revision_ordinal    1 
_pdbx_audit_revision_details.data_content_type   'Structure model' 
_pdbx_audit_revision_details.provider            repository 
_pdbx_audit_revision_details.type                'Initial release' 
_pdbx_audit_revision_details.description         ? 
_pdbx_audit_revision_details.details             ? 
# 
loop_
_pdbx_audit_revision_group.ordinal 
_pdbx_audit_revision_group.revision_ordinal 
_pdbx_audit_revision_group.data_content_type 
_pdbx_audit_revision_group.group 
1 2 'Structure model' 'Version format compliance' 
2 3 'Structure model' 'Version format compliance' 
3 4 'Structure model' 'Data collection'           
4 4 'Structure model' 'Database references'       
5 4 'Structure model' Other                       
# 
loop_
_pdbx_audit_revision_category.ordinal 
_pdbx_audit_revision_category.revision_ordinal 
_pdbx_audit_revision_category.data_content_type 
_pdbx_audit_revision_category.category 
1 4 'Structure model' chem_comp_atom       
2 4 'Structure model' chem_comp_bond       
3 4 'Structure model' database_2           
4 4 'Structure model' pdbx_database_status 
# 
loop_
_pdbx_audit_revision_item.ordinal 
_pdbx_audit_revision_item.revision_ordinal 
_pdbx_audit_revision_item.data_content_type 
_pdbx_audit_revision_item.item 
1 4 'Structure model' '_database_2.pdbx_DOI'                 
2 4 'Structure model' '_database_2.pdbx_database_accession'  
3 4 'Structure model' '_pdbx_database_status.status_code_sf' 
# 
_pdbx_database_status.status_code                     REL 
_pdbx_database_status.entry_id                        2BQY 
_pdbx_database_status.deposit_site                    PDBE 
_pdbx_database_status.process_site                    PDBE 
_pdbx_database_status.SG_entry                        . 
_pdbx_database_status.recvd_initial_deposition_date   2005-04-28 
_pdbx_database_status.pdb_format_compatible           Y 
_pdbx_database_status.status_code_sf                  REL 
_pdbx_database_status.status_code_mr                  ? 
_pdbx_database_status.status_code_cs                  ? 
_pdbx_database_status.methods_development_category    ? 
_pdbx_database_status.status_code_nmr_data            ? 
# 
_pdbx_database_related.db_name        PDB 
_pdbx_database_related.db_id          2BQX 
_pdbx_database_related.content_type   unspecified 
_pdbx_database_related.details        
'INORGANIC PYROPHOSPHATASE FROM THE PATHOGENIC BACTERIUM HELICOBACTER PYLORI-KINETIC AND STRUCTURAL PROPERTIES' 
# 
loop_
_audit_author.name 
_audit_author.pdbx_ordinal 
'Chao, T.-C.' 1 
'Sun, Y.-J.'  2 
# 
_citation.id                        primary 
_citation.title                     
'Kinetic and Structural Properties of Inorganic Pyrophosphatase from the Pathogenic Bacterium Helicobacter Pylori.' 
_citation.journal_abbrev            Proteins 
_citation.journal_volume            65 
_citation.page_first                670 
_citation.page_last                 ? 
_citation.year                      2006 
_citation.journal_id_ASTM           PSFGEY 
_citation.country                   US 
_citation.journal_id_ISSN           0887-3585 
_citation.journal_id_CSD            0867 
_citation.book_publisher            ? 
_citation.pdbx_database_id_PubMed   16988955 
_citation.pdbx_database_id_DOI      10.1002/PROT.21093 
# 
loop_
_citation_author.citation_id 
_citation_author.name 
_citation_author.ordinal 
_citation_author.identifier_ORCID 
primary 'Chao, T.-C.' 1 ? 
primary 'Huang, H.'   2 ? 
primary 'Tsai, J.Y.'  3 ? 
primary 'Huang, C.Y.' 4 ? 
primary 'Sun, Y.-J.'  5 ? 
# 
loop_
_entity.id 
_entity.type 
_entity.src_method 
_entity.pdbx_description 
_entity.formula_weight 
_entity.pdbx_number_of_molecules 
_entity.pdbx_ec 
_entity.pdbx_mutation 
_entity.pdbx_fragment 
_entity.details 
1 polymer     man 'INORGANIC PYROPHOSPHATASE' 19297.938 1  3.6.1.1 ? ? ? 
2 non-polymer syn 'PYROPHOSPHATE 2-'          175.959   1  ?       ? ? ? 
3 water       nat water                       18.015    91 ?       ? ? ? 
# 
_entity_name_com.entity_id   1 
_entity_name_com.name        'PYROPHOSPHATE PHOSPHO-HYDROLASE, PPASE' 
# 
_entity_poly.entity_id                      1 
_entity_poly.type                           'polypeptide(L)' 
_entity_poly.nstd_linkage                   no 
_entity_poly.nstd_monomer                   no 
_entity_poly.pdbx_seq_one_letter_code       
;MNLEKLEVSHDADSLCVVIEISKHSNIKYELDKESGALMVDRVLYGAQNYPANYGFVPNTLGSDGDPVDALVLSDVAFQA
GSVVKARLVGVLNMEDESGMDEKLIALPIDKIDPTHSYVKDIDDLSKHTLDKIKHFFETYKDLEPNKWVKVKGFENKESA
IKVLEKAIKAYQG
;
_entity_poly.pdbx_seq_one_letter_code_can   
;MNLEKLEVSHDADSLCVVIEISKHSNIKYELDKESGALMVDRVLYGAQNYPANYGFVPNTLGSDGDPVDALVLSDVAFQA
GSVVKARLVGVLNMEDESGMDEKLIALPIDKIDPTHSYVKDIDDLSKHTLDKIKHFFETYKDLEPNKWVKVKGFENKESA
IKVLEKAIKAYQG
;
_entity_poly.pdbx_strand_id                 A 
_entity_poly.pdbx_target_identifier         ? 
# 
loop_
_pdbx_entity_nonpoly.entity_id 
_pdbx_entity_nonpoly.name 
_pdbx_entity_nonpoly.comp_id 
2 'PYROPHOSPHATE 2-' POP 
3 water              HOH 
# 
loop_
_entity_poly_seq.entity_id 
_entity_poly_seq.num 
_entity_poly_seq.mon_id 
_entity_poly_seq.hetero 
1 1   MET n 
1 2   ASN n 
1 3   LEU n 
1 4   GLU n 
1 5   LYS n 
1 6   LEU n 
1 7   GLU n 
1 8   VAL n 
1 9   SER n 
1 10  HIS n 
1 11  ASP n 
1 12  ALA n 
1 13  ASP n 
1 14  SER n 
1 15  LEU n 
1 16  CYS n 
1 17  VAL n 
1 18  VAL n 
1 19  ILE n 
1 20  GLU n 
1 21  ILE n 
1 22  SER n 
1 23  LYS n 
1 24  HIS n 
1 25  SER n 
1 26  ASN n 
1 27  ILE n 
1 28  LYS n 
1 29  TYR n 
1 30  GLU n 
1 31  LEU n 
1 32  ASP n 
1 33  LYS n 
1 34  GLU n 
1 35  SER n 
1 36  GLY n 
1 37  ALA n 
1 38  LEU n 
1 39  MET n 
1 40  VAL n 
1 41  ASP n 
1 42  ARG n 
1 43  VAL n 
1 44  LEU n 
1 45  TYR n 
1 46  GLY n 
1 47  ALA n 
1 48  GLN n 
1 49  ASN n 
1 50  TYR n 
1 51  PRO n 
1 52  ALA n 
1 53  ASN n 
1 54  TYR n 
1 55  GLY n 
1 56  PHE n 
1 57  VAL n 
1 58  PRO n 
1 59  ASN n 
1 60  THR n 
1 61  LEU n 
1 62  GLY n 
1 63  SER n 
1 64  ASP n 
1 65  GLY n 
1 66  ASP n 
1 67  PRO n 
1 68  VAL n 
1 69  ASP n 
1 70  ALA n 
1 71  LEU n 
1 72  VAL n 
1 73  LEU n 
1 74  SER n 
1 75  ASP n 
1 76  VAL n 
1 77  ALA n 
1 78  PHE n 
1 79  GLN n 
1 80  ALA n 
1 81  GLY n 
1 82  SER n 
1 83  VAL n 
1 84  VAL n 
1 85  LYS n 
1 86  ALA n 
1 87  ARG n 
1 88  LEU n 
1 89  VAL n 
1 90  GLY n 
1 91  VAL n 
1 92  LEU n 
1 93  ASN n 
1 94  MET n 
1 95  GLU n 
1 96  ASP n 
1 97  GLU n 
1 98  SER n 
1 99  GLY n 
1 100 MET n 
1 101 ASP n 
1 102 GLU n 
1 103 LYS n 
1 104 LEU n 
1 105 ILE n 
1 106 ALA n 
1 107 LEU n 
1 108 PRO n 
1 109 ILE n 
1 110 ASP n 
1 111 LYS n 
1 112 ILE n 
1 113 ASP n 
1 114 PRO n 
1 115 THR n 
1 116 HIS n 
1 117 SER n 
1 118 TYR n 
1 119 VAL n 
1 120 LYS n 
1 121 ASP n 
1 122 ILE n 
1 123 ASP n 
1 124 ASP n 
1 125 LEU n 
1 126 SER n 
1 127 LYS n 
1 128 HIS n 
1 129 THR n 
1 130 LEU n 
1 131 ASP n 
1 132 LYS n 
1 133 ILE n 
1 134 LYS n 
1 135 HIS n 
1 136 PHE n 
1 137 PHE n 
1 138 GLU n 
1 139 THR n 
1 140 TYR n 
1 141 LYS n 
1 142 ASP n 
1 143 LEU n 
1 144 GLU n 
1 145 PRO n 
1 146 ASN n 
1 147 LYS n 
1 148 TRP n 
1 149 VAL n 
1 150 LYS n 
1 151 VAL n 
1 152 LYS n 
1 153 GLY n 
1 154 PHE n 
1 155 GLU n 
1 156 ASN n 
1 157 LYS n 
1 158 GLU n 
1 159 SER n 
1 160 ALA n 
1 161 ILE n 
1 162 LYS n 
1 163 VAL n 
1 164 LEU n 
1 165 GLU n 
1 166 LYS n 
1 167 ALA n 
1 168 ILE n 
1 169 LYS n 
1 170 ALA n 
1 171 TYR n 
1 172 GLN n 
1 173 GLY n 
# 
_entity_src_gen.entity_id                          1 
_entity_src_gen.pdbx_src_id                        1 
_entity_src_gen.pdbx_alt_source_flag               sample 
_entity_src_gen.pdbx_seq_type                      ? 
_entity_src_gen.pdbx_beg_seq_num                   ? 
_entity_src_gen.pdbx_end_seq_num                   ? 
_entity_src_gen.gene_src_common_name               ? 
_entity_src_gen.gene_src_genus                     ? 
_entity_src_gen.pdbx_gene_src_gene                 ? 
_entity_src_gen.gene_src_species                   ? 
_entity_src_gen.gene_src_strain                    26695 
_entity_src_gen.gene_src_tissue                    ? 
_entity_src_gen.gene_src_tissue_fraction           ? 
_entity_src_gen.gene_src_details                   ? 
_entity_src_gen.pdbx_gene_src_fragment             ? 
_entity_src_gen.pdbx_gene_src_scientific_name      'HELICOBACTER PYLORI' 
_entity_src_gen.pdbx_gene_src_ncbi_taxonomy_id     85962 
_entity_src_gen.pdbx_gene_src_variant              ? 
_entity_src_gen.pdbx_gene_src_cell_line            ? 
_entity_src_gen.pdbx_gene_src_atcc                 700392D 
_entity_src_gen.pdbx_gene_src_organ                ? 
_entity_src_gen.pdbx_gene_src_organelle            ? 
_entity_src_gen.pdbx_gene_src_cell                 ? 
_entity_src_gen.pdbx_gene_src_cellular_location    ? 
_entity_src_gen.host_org_common_name               ? 
_entity_src_gen.pdbx_host_org_scientific_name      'ESCHERICHIA COLI' 
_entity_src_gen.pdbx_host_org_ncbi_taxonomy_id     562 
_entity_src_gen.host_org_genus                     ? 
_entity_src_gen.pdbx_host_org_gene                 ? 
_entity_src_gen.pdbx_host_org_organ                ? 
_entity_src_gen.host_org_species                   ? 
_entity_src_gen.pdbx_host_org_tissue               ? 
_entity_src_gen.pdbx_host_org_tissue_fraction      ? 
_entity_src_gen.pdbx_host_org_strain               SG13009 
_entity_src_gen.pdbx_host_org_variant              ? 
_entity_src_gen.pdbx_host_org_cell_line            ? 
_entity_src_gen.pdbx_host_org_atcc                 ? 
_entity_src_gen.pdbx_host_org_culture_collection   ? 
_entity_src_gen.pdbx_host_org_cell                 ? 
_entity_src_gen.pdbx_host_org_organelle            ? 
_entity_src_gen.pdbx_host_org_cellular_location    ? 
_entity_src_gen.pdbx_host_org_vector_type          PLASMID 
_entity_src_gen.pdbx_host_org_vector               ? 
_entity_src_gen.host_org_details                   ? 
_entity_src_gen.expression_system_id               ? 
_entity_src_gen.plasmid_name                       PQE30 
_entity_src_gen.plasmid_details                    ? 
_entity_src_gen.pdbx_description                   ? 
# 
loop_
_chem_comp.id 
_chem_comp.type 
_chem_comp.mon_nstd_flag 
_chem_comp.name 
_chem_comp.pdbx_synonyms 
_chem_comp.formula 
_chem_comp.formula_weight 
ALA 'L-peptide linking' y ALANINE            ? 'C3 H7 N O2'     89.093  
ARG 'L-peptide linking' y ARGININE           ? 'C6 H15 N4 O2 1' 175.209 
ASN 'L-peptide linking' y ASPARAGINE         ? 'C4 H8 N2 O3'    132.118 
ASP 'L-peptide linking' y 'ASPARTIC ACID'    ? 'C4 H7 N O4'     133.103 
CYS 'L-peptide linking' y CYSTEINE           ? 'C3 H7 N O2 S'   121.158 
GLN 'L-peptide linking' y GLUTAMINE          ? 'C5 H10 N2 O3'   146.144 
GLU 'L-peptide linking' y 'GLUTAMIC ACID'    ? 'C5 H9 N O4'     147.129 
GLY 'peptide linking'   y GLYCINE            ? 'C2 H5 N O2'     75.067  
HIS 'L-peptide linking' y HISTIDINE          ? 'C6 H10 N3 O2 1' 156.162 
HOH non-polymer         . WATER              ? 'H2 O'           18.015  
ILE 'L-peptide linking' y ISOLEUCINE         ? 'C6 H13 N O2'    131.173 
LEU 'L-peptide linking' y LEUCINE            ? 'C6 H13 N O2'    131.173 
LYS 'L-peptide linking' y LYSINE             ? 'C6 H15 N2 O2 1' 147.195 
MET 'L-peptide linking' y METHIONINE         ? 'C5 H11 N O2 S'  149.211 
PHE 'L-peptide linking' y PHENYLALANINE      ? 'C9 H11 N O2'    165.189 
POP non-polymer         . 'PYROPHOSPHATE 2-' ? 'H2 O7 P2 -2'    175.959 
PRO 'L-peptide linking' y PROLINE            ? 'C5 H9 N O2'     115.130 
SER 'L-peptide linking' y SERINE             ? 'C3 H7 N O3'     105.093 
THR 'L-peptide linking' y THREONINE          ? 'C4 H9 N O3'     119.119 
TRP 'L-peptide linking' y TRYPTOPHAN         ? 'C11 H12 N2 O2'  204.225 
TYR 'L-peptide linking' y TYROSINE           ? 'C9 H11 N O3'    181.189 
VAL 'L-peptide linking' y VALINE             ? 'C5 H11 N O2'    117.146 
# 
loop_
_pdbx_poly_seq_scheme.asym_id 
_pdbx_poly_seq_scheme.entity_id 
_pdbx_poly_seq_scheme.seq_id 
_pdbx_poly_seq_scheme.mon_id 
_pdbx_poly_seq_scheme.ndb_seq_num 
_pdbx_poly_seq_scheme.pdb_seq_num 
_pdbx_poly_seq_scheme.auth_seq_num 
_pdbx_poly_seq_scheme.pdb_mon_id 
_pdbx_poly_seq_scheme.auth_mon_id 
_pdbx_poly_seq_scheme.pdb_strand_id 
_pdbx_poly_seq_scheme.pdb_ins_code 
_pdbx_poly_seq_scheme.hetero 
A 1 1   MET 1   1   ?   ?   ?   A . n 
A 1 2   ASN 2   2   ?   ?   ?   A . n 
A 1 3   LEU 3   3   ?   ?   ?   A . n 
A 1 4   GLU 4   4   4   GLU GLU A . n 
A 1 5   LYS 5   5   5   LYS LYS A . n 
A 1 6   LEU 6   6   6   LEU LEU A . n 
A 1 7   GLU 7   7   7   GLU GLU A . n 
A 1 8   VAL 8   8   8   VAL VAL A . n 
A 1 9   SER 9   9   9   SER SER A . n 
A 1 10  HIS 10  10  10  HIS HIS A . n 
A 1 11  ASP 11  11  11  ASP ASP A . n 
A 1 12  ALA 12  12  12  ALA ALA A . n 
A 1 13  ASP 13  13  13  ASP ASP A . n 
A 1 14  SER 14  14  14  SER SER A . n 
A 1 15  LEU 15  15  15  LEU LEU A . n 
A 1 16  CYS 16  16  16  CYS CYS A . n 
A 1 17  VAL 17  17  17  VAL VAL A . n 
A 1 18  VAL 18  18  18  VAL VAL A . n 
A 1 19  ILE 19  19  19  ILE ILE A . n 
A 1 20  GLU 20  20  20  GLU GLU A . n 
A 1 21  ILE 21  21  21  ILE ILE A . n 
A 1 22  SER 22  22  22  SER SER A . n 
A 1 23  LYS 23  23  23  LYS LYS A . n 
A 1 24  HIS 24  24  24  HIS HIS A . n 
A 1 25  SER 25  25  25  SER SER A . n 
A 1 26  ASN 26  26  26  ASN ASN A . n 
A 1 27  ILE 27  27  27  ILE ILE A . n 
A 1 28  LYS 28  28  28  LYS LYS A . n 
A 1 29  TYR 29  29  29  TYR TYR A . n 
A 1 30  GLU 30  30  30  GLU GLU A . n 
A 1 31  LEU 31  31  31  LEU LEU A . n 
A 1 32  ASP 32  32  32  ASP ASP A . n 
A 1 33  LYS 33  33  33  LYS LYS A . n 
A 1 34  GLU 34  34  34  GLU GLU A . n 
A 1 35  SER 35  35  35  SER SER A . n 
A 1 36  GLY 36  36  36  GLY GLY A . n 
A 1 37  ALA 37  37  37  ALA ALA A . n 
A 1 38  LEU 38  38  38  LEU LEU A . n 
A 1 39  MET 39  39  39  MET MET A . n 
A 1 40  VAL 40  40  40  VAL VAL A . n 
A 1 41  ASP 41  41  41  ASP ASP A . n 
A 1 42  ARG 42  42  42  ARG ARG A . n 
A 1 43  VAL 43  43  43  VAL VAL A . n 
A 1 44  LEU 44  44  44  LEU LEU A . n 
A 1 45  TYR 45  45  45  TYR TYR A . n 
A 1 46  GLY 46  46  46  GLY GLY A . n 
A 1 47  ALA 47  47  47  ALA ALA A . n 
A 1 48  GLN 48  48  48  GLN GLN A . n 
A 1 49  ASN 49  49  49  ASN ASN A . n 
A 1 50  TYR 50  50  50  TYR TYR A . n 
A 1 51  PRO 51  51  51  PRO PRO A . n 
A 1 52  ALA 52  52  52  ALA ALA A . n 
A 1 53  ASN 53  53  53  ASN ASN A . n 
A 1 54  TYR 54  54  54  TYR TYR A . n 
A 1 55  GLY 55  55  55  GLY GLY A . n 
A 1 56  PHE 56  56  56  PHE PHE A . n 
A 1 57  VAL 57  57  57  VAL VAL A . n 
A 1 58  PRO 58  58  58  PRO PRO A . n 
A 1 59  ASN 59  59  59  ASN ASN A . n 
A 1 60  THR 60  60  60  THR THR A . n 
A 1 61  LEU 61  61  61  LEU LEU A . n 
A 1 62  GLY 62  62  62  GLY GLY A . n 
A 1 63  SER 63  63  63  SER SER A . n 
A 1 64  ASP 64  64  64  ASP ASP A . n 
A 1 65  GLY 65  65  65  GLY GLY A . n 
A 1 66  ASP 66  66  66  ASP ASP A . n 
A 1 67  PRO 67  67  67  PRO PRO A . n 
A 1 68  VAL 68  68  68  VAL VAL A . n 
A 1 69  ASP 69  69  69  ASP ASP A . n 
A 1 70  ALA 70  70  70  ALA ALA A . n 
A 1 71  LEU 71  71  71  LEU LEU A . n 
A 1 72  VAL 72  72  72  VAL VAL A . n 
A 1 73  LEU 73  73  73  LEU LEU A . n 
A 1 74  SER 74  74  74  SER SER A . n 
A 1 75  ASP 75  75  75  ASP ASP A . n 
A 1 76  VAL 76  76  76  VAL VAL A . n 
A 1 77  ALA 77  77  77  ALA ALA A . n 
A 1 78  PHE 78  78  78  PHE PHE A . n 
A 1 79  GLN 79  79  79  GLN GLN A . n 
A 1 80  ALA 80  80  80  ALA ALA A . n 
A 1 81  GLY 81  81  81  GLY GLY A . n 
A 1 82  SER 82  82  82  SER SER A . n 
A 1 83  VAL 83  83  83  VAL VAL A . n 
A 1 84  VAL 84  84  84  VAL VAL A . n 
A 1 85  LYS 85  85  85  LYS LYS A . n 
A 1 86  ALA 86  86  86  ALA ALA A . n 
A 1 87  ARG 87  87  87  ARG ARG A . n 
A 1 88  LEU 88  88  88  LEU LEU A . n 
A 1 89  VAL 89  89  89  VAL VAL A . n 
A 1 90  GLY 90  90  90  GLY GLY A . n 
A 1 91  VAL 91  91  91  VAL VAL A . n 
A 1 92  LEU 92  92  92  LEU LEU A . n 
A 1 93  ASN 93  93  93  ASN ASN A . n 
A 1 94  MET 94  94  94  MET MET A . n 
A 1 95  GLU 95  95  95  GLU GLU A . n 
A 1 96  ASP 96  96  96  ASP ASP A . n 
A 1 97  GLU 97  97  97  GLU GLU A . n 
A 1 98  SER 98  98  98  SER SER A . n 
A 1 99  GLY 99  99  99  GLY GLY A . n 
A 1 100 MET 100 100 100 MET MET A . n 
A 1 101 ASP 101 101 101 ASP ASP A . n 
A 1 102 GLU 102 102 102 GLU GLU A . n 
A 1 103 LYS 103 103 103 LYS LYS A . n 
A 1 104 LEU 104 104 104 LEU LEU A . n 
A 1 105 ILE 105 105 105 ILE ILE A . n 
A 1 106 ALA 106 106 106 ALA ALA A . n 
A 1 107 LEU 107 107 107 LEU LEU A . n 
A 1 108 PRO 108 108 108 PRO PRO A . n 
A 1 109 ILE 109 109 109 ILE ILE A . n 
A 1 110 ASP 110 110 110 ASP ASP A . n 
A 1 111 LYS 111 111 111 LYS LYS A . n 
A 1 112 ILE 112 112 112 ILE ILE A . n 
A 1 113 ASP 113 113 113 ASP ASP A . n 
A 1 114 PRO 114 114 114 PRO PRO A . n 
A 1 115 THR 115 115 115 THR THR A . n 
A 1 116 HIS 116 116 116 HIS HIS A . n 
A 1 117 SER 117 117 117 SER SER A . n 
A 1 118 TYR 118 118 118 TYR TYR A . n 
A 1 119 VAL 119 119 119 VAL VAL A . n 
A 1 120 LYS 120 120 120 LYS LYS A . n 
A 1 121 ASP 121 121 121 ASP ASP A . n 
A 1 122 ILE 122 122 122 ILE ILE A . n 
A 1 123 ASP 123 123 123 ASP ASP A . n 
A 1 124 ASP 124 124 124 ASP ASP A . n 
A 1 125 LEU 125 125 125 LEU LEU A . n 
A 1 126 SER 126 126 126 SER SER A . n 
A 1 127 LYS 127 127 127 LYS LYS A . n 
A 1 128 HIS 128 128 128 HIS HIS A . n 
A 1 129 THR 129 129 129 THR THR A . n 
A 1 130 LEU 130 130 130 LEU LEU A . n 
A 1 131 ASP 131 131 131 ASP ASP A . n 
A 1 132 LYS 132 132 132 LYS LYS A . n 
A 1 133 ILE 133 133 133 ILE ILE A . n 
A 1 134 LYS 134 134 134 LYS LYS A . n 
A 1 135 HIS 135 135 135 HIS HIS A . n 
A 1 136 PHE 136 136 136 PHE PHE A . n 
A 1 137 PHE 137 137 137 PHE PHE A . n 
A 1 138 GLU 138 138 138 GLU GLU A . n 
A 1 139 THR 139 139 139 THR THR A . n 
A 1 140 TYR 140 140 140 TYR TYR A . n 
A 1 141 LYS 141 141 141 LYS LYS A . n 
A 1 142 ASP 142 142 142 ASP ASP A . n 
A 1 143 LEU 143 143 143 LEU LEU A . n 
A 1 144 GLU 144 144 144 GLU GLU A . n 
A 1 145 PRO 145 145 145 PRO PRO A . n 
A 1 146 ASN 146 146 146 ASN ASN A . n 
A 1 147 LYS 147 147 147 LYS LYS A . n 
A 1 148 TRP 148 148 148 TRP TRP A . n 
A 1 149 VAL 149 149 149 VAL VAL A . n 
A 1 150 LYS 150 150 150 LYS LYS A . n 
A 1 151 VAL 151 151 151 VAL VAL A . n 
A 1 152 LYS 152 152 152 LYS LYS A . n 
A 1 153 GLY 153 153 153 GLY GLY A . n 
A 1 154 PHE 154 154 154 PHE PHE A . n 
A 1 155 GLU 155 155 155 GLU GLU A . n 
A 1 156 ASN 156 156 156 ASN ASN A . n 
A 1 157 LYS 157 157 157 LYS LYS A . n 
A 1 158 GLU 158 158 158 GLU GLU A . n 
A 1 159 SER 159 159 159 SER SER A . n 
A 1 160 ALA 160 160 160 ALA ALA A . n 
A 1 161 ILE 161 161 161 ILE ILE A . n 
A 1 162 LYS 162 162 162 LYS LYS A . n 
A 1 163 VAL 163 163 163 VAL VAL A . n 
A 1 164 LEU 164 164 164 LEU LEU A . n 
A 1 165 GLU 165 165 165 GLU GLU A . n 
A 1 166 LYS 166 166 166 LYS LYS A . n 
A 1 167 ALA 167 167 167 ALA ALA A . n 
A 1 168 ILE 168 168 168 ILE ILE A . n 
A 1 169 LYS 169 169 169 LYS LYS A . n 
A 1 170 ALA 170 170 170 ALA ALA A . n 
A 1 171 TYR 171 171 171 TYR TYR A . n 
A 1 172 GLN 172 172 172 GLN GLN A . n 
A 1 173 GLY 173 173 173 GLY GLY A . n 
# 
loop_
_pdbx_nonpoly_scheme.asym_id 
_pdbx_nonpoly_scheme.entity_id 
_pdbx_nonpoly_scheme.mon_id 
_pdbx_nonpoly_scheme.ndb_seq_num 
_pdbx_nonpoly_scheme.pdb_seq_num 
_pdbx_nonpoly_scheme.auth_seq_num 
_pdbx_nonpoly_scheme.pdb_mon_id 
_pdbx_nonpoly_scheme.auth_mon_id 
_pdbx_nonpoly_scheme.pdb_strand_id 
_pdbx_nonpoly_scheme.pdb_ins_code 
B 2 POP 1  1174 1174 POP POP A . 
C 3 HOH 1  2001 2001 HOH HOH A . 
C 3 HOH 2  2002 2002 HOH HOH A . 
C 3 HOH 3  2003 2003 HOH HOH A . 
C 3 HOH 4  2004 2004 HOH HOH A . 
C 3 HOH 5  2005 2005 HOH HOH A . 
C 3 HOH 6  2006 2006 HOH HOH A . 
C 3 HOH 7  2007 2007 HOH HOH A . 
C 3 HOH 8  2008 2008 HOH HOH A . 
C 3 HOH 9  2009 2009 HOH HOH A . 
C 3 HOH 10 2010 2010 HOH HOH A . 
C 3 HOH 11 2011 2011 HOH HOH A . 
C 3 HOH 12 2012 2012 HOH HOH A . 
C 3 HOH 13 2013 2013 HOH HOH A . 
C 3 HOH 14 2014 2014 HOH HOH A . 
C 3 HOH 15 2015 2015 HOH HOH A . 
C 3 HOH 16 2016 2016 HOH HOH A . 
C 3 HOH 17 2017 2017 HOH HOH A . 
C 3 HOH 18 2018 2018 HOH HOH A . 
C 3 HOH 19 2019 2019 HOH HOH A . 
C 3 HOH 20 2020 2020 HOH HOH A . 
C 3 HOH 21 2021 2021 HOH HOH A . 
C 3 HOH 22 2022 2022 HOH HOH A . 
C 3 HOH 23 2023 2023 HOH HOH A . 
C 3 HOH 24 2024 2024 HOH HOH A . 
C 3 HOH 25 2025 2025 HOH HOH A . 
C 3 HOH 26 2026 2026 HOH HOH A . 
C 3 HOH 27 2027 2027 HOH HOH A . 
C 3 HOH 28 2028 2028 HOH HOH A . 
C 3 HOH 29 2029 2029 HOH HOH A . 
C 3 HOH 30 2030 2030 HOH HOH A . 
C 3 HOH 31 2031 2031 HOH HOH A . 
C 3 HOH 32 2032 2032 HOH HOH A . 
C 3 HOH 33 2033 2033 HOH HOH A . 
C 3 HOH 34 2034 2034 HOH HOH A . 
C 3 HOH 35 2035 2035 HOH HOH A . 
C 3 HOH 36 2036 2036 HOH HOH A . 
C 3 HOH 37 2037 2037 HOH HOH A . 
C 3 HOH 38 2038 2038 HOH HOH A . 
C 3 HOH 39 2039 2039 HOH HOH A . 
C 3 HOH 40 2040 2040 HOH HOH A . 
C 3 HOH 41 2041 2041 HOH HOH A . 
C 3 HOH 42 2042 2042 HOH HOH A . 
C 3 HOH 43 2043 2043 HOH HOH A . 
C 3 HOH 44 2044 2044 HOH HOH A . 
C 3 HOH 45 2045 2045 HOH HOH A . 
C 3 HOH 46 2046 2046 HOH HOH A . 
C 3 HOH 47 2047 2047 HOH HOH A . 
C 3 HOH 48 2048 2048 HOH HOH A . 
C 3 HOH 49 2049 2049 HOH HOH A . 
C 3 HOH 50 2050 2050 HOH HOH A . 
C 3 HOH 51 2051 2051 HOH HOH A . 
C 3 HOH 52 2052 2052 HOH HOH A . 
C 3 HOH 53 2053 2053 HOH HOH A . 
C 3 HOH 54 2054 2054 HOH HOH A . 
C 3 HOH 55 2055 2055 HOH HOH A . 
C 3 HOH 56 2056 2056 HOH HOH A . 
C 3 HOH 57 2057 2057 HOH HOH A . 
C 3 HOH 58 2058 2058 HOH HOH A . 
C 3 HOH 59 2059 2059 HOH HOH A . 
C 3 HOH 60 2060 2060 HOH HOH A . 
C 3 HOH 61 2061 2061 HOH HOH A . 
C 3 HOH 62 2062 2062 HOH HOH A . 
C 3 HOH 63 2063 2063 HOH HOH A . 
C 3 HOH 64 2064 2064 HOH HOH A . 
C 3 HOH 65 2065 2065 HOH HOH A . 
C 3 HOH 66 2066 2066 HOH HOH A . 
C 3 HOH 67 2067 2067 HOH HOH A . 
C 3 HOH 68 2068 2068 HOH HOH A . 
C 3 HOH 69 2069 2069 HOH HOH A . 
C 3 HOH 70 2070 2070 HOH HOH A . 
C 3 HOH 71 2071 2071 HOH HOH A . 
C 3 HOH 72 2072 2072 HOH HOH A . 
C 3 HOH 73 2073 2073 HOH HOH A . 
C 3 HOH 74 2074 2074 HOH HOH A . 
C 3 HOH 75 2075 2075 HOH HOH A . 
C 3 HOH 76 2076 2076 HOH HOH A . 
C 3 HOH 77 2077 2077 HOH HOH A . 
C 3 HOH 78 2078 2078 HOH HOH A . 
C 3 HOH 79 2079 2079 HOH HOH A . 
C 3 HOH 80 2080 2080 HOH HOH A . 
C 3 HOH 81 2081 2081 HOH HOH A . 
C 3 HOH 82 2082 2082 HOH HOH A . 
C 3 HOH 83 2083 2083 HOH HOH A . 
C 3 HOH 84 2084 2084 HOH HOH A . 
C 3 HOH 85 2085 2085 HOH HOH A . 
C 3 HOH 86 2086 2086 HOH HOH A . 
C 3 HOH 87 2087 2087 HOH HOH A . 
C 3 HOH 88 2088 2088 HOH HOH A . 
C 3 HOH 89 2089 2089 HOH HOH A . 
C 3 HOH 90 2090 2090 HOH HOH A . 
C 3 HOH 91 2091 2091 HOH HOH A . 
# 
loop_
_software.name 
_software.classification 
_software.version 
_software.citation_id 
_software.pdbx_ordinal 
CNS       refinement       1.1 ? 1 
HKL-2000  'data reduction' .   ? 2 
SCALEPACK 'data scaling'   .   ? 3 
AMoRE     phasing          .   ? 4 
# 
_cell.entry_id           2BQY 
_cell.length_a           101.500 
_cell.length_b           101.500 
_cell.length_c           93.950 
_cell.angle_alpha        90.00 
_cell.angle_beta         90.00 
_cell.angle_gamma        120.00 
_cell.Z_PDB              12 
_cell.pdbx_unique_axis   ? 
# 
_symmetry.entry_id                         2BQY 
_symmetry.space_group_name_H-M             'P 63 2 2' 
_symmetry.pdbx_full_space_group_name_H-M   ? 
_symmetry.cell_setting                     ? 
_symmetry.Int_Tables_number                182 
# 
_exptl.entry_id          2BQY 
_exptl.method            'X-RAY DIFFRACTION' 
_exptl.crystals_number   1 
# 
_exptl_crystal.id                    1 
_exptl_crystal.density_meas          ? 
_exptl_crystal.density_Matthews      3.44 
_exptl_crystal.density_percent_sol   64 
_exptl_crystal.description           ? 
# 
_diffrn.id                     1 
_diffrn.ambient_temp           100.0 
_diffrn.ambient_temp_details   ? 
_diffrn.crystal_id             1 
# 
_diffrn_detector.diffrn_id              1 
_diffrn_detector.detector               CCD 
_diffrn_detector.type                   'ADSC CCD' 
_diffrn_detector.pdbx_collection_date   2004-04-15 
_diffrn_detector.details                ? 
# 
_diffrn_radiation.diffrn_id                        1 
_diffrn_radiation.wavelength_id                    1 
_diffrn_radiation.pdbx_monochromatic_or_laue_m_l   M 
_diffrn_radiation.monochromator                    ? 
_diffrn_radiation.pdbx_diffrn_protocol             'SINGLE WAVELENGTH' 
_diffrn_radiation.pdbx_scattering_type             x-ray 
# 
_diffrn_radiation_wavelength.id           1 
_diffrn_radiation_wavelength.wavelength   1.12714 
_diffrn_radiation_wavelength.wt           1.0 
# 
_diffrn_source.diffrn_id                   1 
_diffrn_source.source                      SYNCHROTRON 
_diffrn_source.type                        'NSRRC BEAMLINE BL17B2' 
_diffrn_source.pdbx_synchrotron_site       NSRRC 
_diffrn_source.pdbx_synchrotron_beamline   BL17B2 
_diffrn_source.pdbx_wavelength             1.12714 
_diffrn_source.pdbx_wavelength_list        ? 
# 
_reflns.pdbx_diffrn_id               1 
_reflns.pdbx_ordinal                 1 
_reflns.entry_id                     2BQY 
_reflns.observed_criterion_sigma_I   2.000 
_reflns.observed_criterion_sigma_F   ? 
_reflns.d_resolution_low             19.910 
_reflns.d_resolution_high            2.300 
_reflns.number_obs                   146975 
_reflns.number_all                   ? 
_reflns.percent_possible_obs         99.3 
_reflns.pdbx_Rmerge_I_obs            0.09000 
_reflns.pdbx_Rsym_value              ? 
_reflns.pdbx_netI_over_sigmaI        24.0000 
_reflns.B_iso_Wilson_estimate        38.1 
_reflns.pdbx_redundancy              11.000 
# 
_reflns_shell.pdbx_diffrn_id         1 
_reflns_shell.pdbx_ordinal           1 
_reflns_shell.d_res_high             2.30 
_reflns_shell.d_res_low              2.44 
_reflns_shell.percent_possible_all   100.0 
_reflns_shell.Rmerge_I_obs           0.48000 
_reflns_shell.pdbx_Rsym_value        ? 
_reflns_shell.meanI_over_sigI_obs    4.700 
_reflns_shell.pdbx_redundancy        7.00 
# 
_refine.pdbx_refine_id                           'X-RAY DIFFRACTION' 
_refine.entry_id                                 2BQY 
_refine.pdbx_diffrn_id                           1 
_refine.pdbx_TLS_residual_ADP_flag               ? 
_refine.ls_number_reflns_obs                     12738 
_refine.ls_number_reflns_all                     ? 
_refine.pdbx_ls_sigma_I                          ? 
_refine.pdbx_ls_sigma_F                          0.0 
_refine.pdbx_data_cutoff_high_absF               541678.73 
_refine.pdbx_data_cutoff_low_absF                ? 
_refine.pdbx_data_cutoff_high_rms_absF           ? 
_refine.ls_d_res_low                             19.91 
_refine.ls_d_res_high                            2.30 
_refine.ls_percent_reflns_obs                    96.5 
_refine.ls_R_factor_obs                          0.250 
_refine.ls_R_factor_all                          ? 
_refine.ls_R_factor_R_work                       0.250 
_refine.ls_R_factor_R_free                       0.288 
_refine.ls_R_factor_R_free_error                 0.011 
_refine.ls_R_factor_R_free_error_details         ? 
_refine.ls_percent_reflns_R_free                 5.1 
_refine.ls_number_reflns_R_free                  649 
_refine.ls_number_parameters                     ? 
_refine.ls_number_restraints                     ? 
_refine.occupancy_min                            ? 
_refine.occupancy_max                            ? 
_refine.correlation_coeff_Fo_to_Fc               ? 
_refine.correlation_coeff_Fo_to_Fc_free          ? 
_refine.B_iso_mean                               43.4 
_refine.aniso_B[1][1]                            0.34 
_refine.aniso_B[2][2]                            0.34 
_refine.aniso_B[3][3]                            -0.67 
_refine.aniso_B[1][2]                            -0.86 
_refine.aniso_B[1][3]                            0.00 
_refine.aniso_B[2][3]                            0.00 
_refine.solvent_model_details                    'FLAT MODEL' 
_refine.solvent_model_param_ksol                 0.382943 
_refine.solvent_model_param_bsol                 40.9642 
_refine.pdbx_solvent_vdw_probe_radii             ? 
_refine.pdbx_solvent_ion_probe_radii             ? 
_refine.pdbx_solvent_shrinkage_radii             ? 
_refine.pdbx_ls_cross_valid_method               THROUGHOUT 
_refine.details                                  ? 
_refine.pdbx_starting_model                      ? 
_refine.pdbx_method_to_determine_struct          'MOLECULAR REPLACEMENT' 
_refine.pdbx_isotropic_thermal_model             RESTRAINED 
_refine.pdbx_stereochemistry_target_values       ? 
_refine.pdbx_stereochem_target_val_spec_case     ? 
_refine.pdbx_R_Free_selection_details            RANDOM 
_refine.pdbx_overall_ESU_R                       ? 
_refine.pdbx_overall_ESU_R_Free                  ? 
_refine.overall_SU_ML                            ? 
_refine.pdbx_overall_phase_error                 ? 
_refine.overall_SU_B                             ? 
_refine.overall_SU_R_Cruickshank_DPI             ? 
_refine.pdbx_overall_SU_R_free_Cruickshank_DPI   ? 
_refine.pdbx_overall_SU_R_Blow_DPI               ? 
_refine.pdbx_overall_SU_R_free_Blow_DPI          ? 
# 
_refine_analyze.pdbx_refine_id                  'X-RAY DIFFRACTION' 
_refine_analyze.entry_id                        2BQY 
_refine_analyze.Luzzati_coordinate_error_obs    0.36 
_refine_analyze.Luzzati_sigma_a_obs             0.39 
_refine_analyze.Luzzati_d_res_low_obs           5.00 
_refine_analyze.Luzzati_coordinate_error_free   0.44 
_refine_analyze.Luzzati_sigma_a_free            0.47 
_refine_analyze.Luzzati_d_res_low_free          ? 
_refine_analyze.number_disordered_residues      ? 
_refine_analyze.occupancy_sum_hydrogen          ? 
_refine_analyze.occupancy_sum_non_hydrogen      ? 
# 
_refine_hist.pdbx_refine_id                   'X-RAY DIFFRACTION' 
_refine_hist.cycle_id                         LAST 
_refine_hist.pdbx_number_atoms_protein        1332 
_refine_hist.pdbx_number_atoms_nucleic_acid   0 
_refine_hist.pdbx_number_atoms_ligand         9 
_refine_hist.number_atoms_solvent             91 
_refine_hist.number_atoms_total               1432 
_refine_hist.d_res_high                       2.30 
_refine_hist.d_res_low                        19.91 
# 
loop_
_refine_ls_restr.type 
_refine_ls_restr.dev_ideal 
_refine_ls_restr.dev_ideal_target 
_refine_ls_restr.weight 
_refine_ls_restr.number 
_refine_ls_restr.pdbx_refine_id 
_refine_ls_restr.pdbx_restraint_function 
c_bond_d                0.010 ?    ? ? 'X-RAY DIFFRACTION' ? 
c_bond_d_na             ?     ?    ? ? 'X-RAY DIFFRACTION' ? 
c_bond_d_prot           ?     ?    ? ? 'X-RAY DIFFRACTION' ? 
c_angle_d               ?     ?    ? ? 'X-RAY DIFFRACTION' ? 
c_angle_d_na            ?     ?    ? ? 'X-RAY DIFFRACTION' ? 
c_angle_d_prot          ?     ?    ? ? 'X-RAY DIFFRACTION' ? 
c_angle_deg             1.2   ?    ? ? 'X-RAY DIFFRACTION' ? 
c_angle_deg_na          ?     ?    ? ? 'X-RAY DIFFRACTION' ? 
c_angle_deg_prot        ?     ?    ? ? 'X-RAY DIFFRACTION' ? 
c_dihedral_angle_d      23.8  ?    ? ? 'X-RAY DIFFRACTION' ? 
c_dihedral_angle_d_na   ?     ?    ? ? 'X-RAY DIFFRACTION' ? 
c_dihedral_angle_d_prot ?     ?    ? ? 'X-RAY DIFFRACTION' ? 
c_improper_angle_d      0.77  ?    ? ? 'X-RAY DIFFRACTION' ? 
c_improper_angle_d_na   ?     ?    ? ? 'X-RAY DIFFRACTION' ? 
c_improper_angle_d_prot ?     ?    ? ? 'X-RAY DIFFRACTION' ? 
c_mcbond_it             1.31  1.50 ? ? 'X-RAY DIFFRACTION' ? 
c_mcangle_it            1.89  2.00 ? ? 'X-RAY DIFFRACTION' ? 
c_scbond_it             2.57  2.00 ? ? 'X-RAY DIFFRACTION' ? 
c_scangle_it            2.75  2.50 ? ? 'X-RAY DIFFRACTION' ? 
# 
_refine_ls_shell.pdbx_refine_id                   'X-RAY DIFFRACTION' 
_refine_ls_shell.pdbx_total_number_of_bins_used   6 
_refine_ls_shell.d_res_high                       2.30 
_refine_ls_shell.d_res_low                        2.44 
_refine_ls_shell.number_reflns_R_work             1901 
_refine_ls_shell.R_factor_R_work                  0.348 
_refine_ls_shell.percent_reflns_obs               92.9 
_refine_ls_shell.R_factor_R_free                  0.402 
_refine_ls_shell.R_factor_R_free_error            0.043 
_refine_ls_shell.percent_reflns_R_free            4.4 
_refine_ls_shell.number_reflns_R_free             87 
_refine_ls_shell.number_reflns_all                ? 
_refine_ls_shell.R_factor_all                     ? 
# 
loop_
_pdbx_xplor_file.pdbx_refine_id 
_pdbx_xplor_file.serial_no 
_pdbx_xplor_file.param_file 
_pdbx_xplor_file.topol_file 
'X-RAY DIFFRACTION' 1 PROTEIN_REP.PARAM PROTEIN.TOP 
'X-RAY DIFFRACTION' 2 WATER_REP.PARAM   WATER.TOP   
'X-RAY DIFFRACTION' 3 POPPARAM          POPTOPO     
# 
_struct.entry_id                  2BQY 
_struct.title                     
'Inorganic Pyrophosphatase from the Pathogenic Bacterium Helicobacter pylori-Kinetic and Structural Properties' 
_struct.pdbx_model_details        ? 
_struct.pdbx_CASP_flag            ? 
_struct.pdbx_model_type_details   ? 
# 
_struct_keywords.entry_id        2BQY 
_struct_keywords.pdbx_keywords   HYDROLASE 
_struct_keywords.text            'HYDROLASE, INORGANIC PYROPHOSPHATASE, HELICOBACTER PYLORI' 
# 
loop_
_struct_asym.id 
_struct_asym.pdbx_blank_PDB_chainid_flag 
_struct_asym.pdbx_modified 
_struct_asym.entity_id 
_struct_asym.details 
A N N 1 ? 
B N N 2 ? 
C N N 3 ? 
# 
_struct_ref.id                         1 
_struct_ref.db_name                    UNP 
_struct_ref.db_code                    IPYR_HELPY 
_struct_ref.entity_id                  1 
_struct_ref.pdbx_seq_one_letter_code   ? 
_struct_ref.pdbx_align_begin           ? 
_struct_ref.pdbx_db_accession          P56153 
_struct_ref.pdbx_db_isoform            ? 
# 
_struct_ref_seq.align_id                      1 
_struct_ref_seq.ref_id                        1 
_struct_ref_seq.pdbx_PDB_id_code              2BQY 
_struct_ref_seq.pdbx_strand_id                A 
_struct_ref_seq.seq_align_beg                 1 
_struct_ref_seq.pdbx_seq_align_beg_ins_code   ? 
_struct_ref_seq.seq_align_end                 173 
_struct_ref_seq.pdbx_seq_align_end_ins_code   ? 
_struct_ref_seq.pdbx_db_accession             P56153 
_struct_ref_seq.db_align_beg                  1 
_struct_ref_seq.pdbx_db_align_beg_ins_code    ? 
_struct_ref_seq.db_align_end                  173 
_struct_ref_seq.pdbx_db_align_end_ins_code    ? 
_struct_ref_seq.pdbx_auth_seq_align_beg       1 
_struct_ref_seq.pdbx_auth_seq_align_end       173 
# 
_pdbx_struct_assembly.id                   1 
_pdbx_struct_assembly.details              author_and_software_defined_assembly 
_pdbx_struct_assembly.method_details       PQS 
_pdbx_struct_assembly.oligomeric_details   hexameric 
_pdbx_struct_assembly.oligomeric_count     6 
# 
_pdbx_struct_assembly_gen.assembly_id       1 
_pdbx_struct_assembly_gen.oper_expression   1,2,3,4,5,6 
_pdbx_struct_assembly_gen.asym_id_list      A,B,C 
# 
loop_
_pdbx_struct_oper_list.id 
_pdbx_struct_oper_list.type 
_pdbx_struct_oper_list.name 
_pdbx_struct_oper_list.symmetry_operation 
_pdbx_struct_oper_list.matrix[1][1] 
_pdbx_struct_oper_list.matrix[1][2] 
_pdbx_struct_oper_list.matrix[1][3] 
_pdbx_struct_oper_list.vector[1] 
_pdbx_struct_oper_list.matrix[2][1] 
_pdbx_struct_oper_list.matrix[2][2] 
_pdbx_struct_oper_list.matrix[2][3] 
_pdbx_struct_oper_list.vector[2] 
_pdbx_struct_oper_list.matrix[3][1] 
_pdbx_struct_oper_list.matrix[3][2] 
_pdbx_struct_oper_list.matrix[3][3] 
_pdbx_struct_oper_list.vector[3] 
1 'identity operation'         1_555  x,y,z            1.0000000000  0.0000000000  0.0000000000  0.0000000000   0.0000000000  1.0000000000  0.0000000000  0.0000000000  0.0000000000  0.0000000000  1.0000000000  0.0000000000  
2 'crystal symmetry operation' 3_565  -x+y,-x+1,z      0.3190340096  0.1008620248  -0.9423609461 20.4258208406  -0.8899856825 -0.3099235991 -0.3344739867 22.2414996116 -0.3257956195 0.9453963268  -0.0091104105 12.5438694161 
3 'crystal symmetry operation' 2_665  -y+1,x-y+1,z     0.3190340096  -0.8899856825 -0.3257956195 17.3648223976  0.1008620248  -0.3099235991 0.9453963268  -7.0259521097 -0.9423609461 -0.3344739867 -0.0091104105 26.8019786969 
4 'crystal symmetry operation' 10_665 -y+1,-x+1,-z+1/2 -0.4307040382 -0.2234435024 0.8743952383  -14.6119163387 -0.2234435024 -0.9123004516 -0.3431922016 27.7573001749 0.8743952383  -0.3431922016 0.3430044898  16.6065558205 
5 'crystal symmetry operation' 12_565 x,x-y+1,-z+1/2   -0.2234218567 0.8524587795  0.4726486043  -17.4108187424 0.8524587795  -0.0642461714 0.5188318212  -1.4026050754 0.4726486043  0.5188318212  -0.7123319719 31.1362906124 
6 'crystal symmetry operation' 11_555 -x+y,y,-z+1/2    -0.9839421243 0.1601083806  -0.0788872770 2.9144104276   0.1601083806  0.5963938212  -0.7865619598 21.0887926473 -0.0788872770 -0.7865619598 -0.6124516969 43.3947248387 
# 
_struct_biol.id   1 
# 
loop_
_struct_conf.conf_type_id 
_struct_conf.id 
_struct_conf.pdbx_PDB_helix_id 
_struct_conf.beg_label_comp_id 
_struct_conf.beg_label_asym_id 
_struct_conf.beg_label_seq_id 
_struct_conf.pdbx_beg_PDB_ins_code 
_struct_conf.end_label_comp_id 
_struct_conf.end_label_asym_id 
_struct_conf.end_label_seq_id 
_struct_conf.pdbx_end_PDB_ins_code 
_struct_conf.beg_auth_comp_id 
_struct_conf.beg_auth_asym_id 
_struct_conf.beg_auth_seq_id 
_struct_conf.end_auth_comp_id 
_struct_conf.end_auth_asym_id 
_struct_conf.end_auth_seq_id 
_struct_conf.pdbx_PDB_helix_class 
_struct_conf.details 
_struct_conf.pdbx_PDB_helix_length 
HELX_P HELX_P1 1 ASP A 121 ? LEU A 125 ? ASP A 121 LEU A 125 5 ? 5  
HELX_P HELX_P2 2 SER A 126 ? TYR A 140 ? SER A 126 TYR A 140 1 ? 15 
HELX_P HELX_P3 3 ASN A 156 ? GLY A 173 ? ASN A 156 GLY A 173 1 ? 18 
# 
_struct_conf_type.id          HELX_P 
_struct_conf_type.criteria    ? 
_struct_conf_type.reference   ? 
# 
loop_
_struct_sheet.id 
_struct_sheet.type 
_struct_sheet.number_strands 
_struct_sheet.details 
AA ? 13 ? 
AB ? 2  ? 
# 
loop_
_struct_sheet_order.sheet_id 
_struct_sheet_order.range_id_1 
_struct_sheet_order.range_id_2 
_struct_sheet_order.offset 
_struct_sheet_order.sense 
AA 1  2  ? anti-parallel 
AA 2  3  ? anti-parallel 
AA 4  5  ? anti-parallel 
AA 6  7  ? anti-parallel 
AA 8  9  ? anti-parallel 
AA 10 11 ? parallel      
AA 12 13 ? anti-parallel 
AB 1  2  ? anti-parallel 
# 
loop_
_struct_sheet_range.sheet_id 
_struct_sheet_range.id 
_struct_sheet_range.beg_label_comp_id 
_struct_sheet_range.beg_label_asym_id 
_struct_sheet_range.beg_label_seq_id 
_struct_sheet_range.pdbx_beg_PDB_ins_code 
_struct_sheet_range.end_label_comp_id 
_struct_sheet_range.end_label_asym_id 
_struct_sheet_range.end_label_seq_id 
_struct_sheet_range.pdbx_end_PDB_ins_code 
_struct_sheet_range.beg_auth_comp_id 
_struct_sheet_range.beg_auth_asym_id 
_struct_sheet_range.beg_auth_seq_id 
_struct_sheet_range.end_auth_comp_id 
_struct_sheet_range.end_auth_asym_id 
_struct_sheet_range.end_auth_seq_id 
AA 1  LEU A 15  ? ILE A 21  ? LEU A 15  ILE A 21  
AA 2  VAL A 83  ? ASP A 96  ? VAL A 83  ASP A 96  
AA 3  VAL A 149 ? GLU A 155 ? VAL A 149 GLU A 155 
AA 4  ASN A 53  ? PHE A 56  ? ASN A 53  PHE A 56  
AA 5  LEU A 15  ? ILE A 21  ? LEU A 15  ILE A 21  
AA 6  ASP A 69  ? VAL A 72  ? ASP A 69  VAL A 72  
AA 7  ASN A 53  ? PHE A 56  ? ASN A 53  PHE A 56  
AA 8  VAL A 83  ? ASP A 96  ? VAL A 83  ASP A 96  
AA 9  LEU A 15  ? ILE A 21  ? LEU A 15  ILE A 21  
AA 10 GLY A 99  ? PRO A 108 ? GLY A 99  PRO A 108 
AA 11 ASP A 69  ? VAL A 72  ? ASP A 69  VAL A 72  
AA 12 VAL A 149 ? GLU A 155 ? VAL A 149 GLU A 155 
AA 13 VAL A 83  ? ASP A 96  ? VAL A 83  ASP A 96  
AB 1  ILE A 27  ? LEU A 31  ? ILE A 27  LEU A 31  
AB 2  LEU A 38  ? VAL A 43  ? LEU A 38  VAL A 43  
# 
loop_
_pdbx_struct_sheet_hbond.sheet_id 
_pdbx_struct_sheet_hbond.range_id_1 
_pdbx_struct_sheet_hbond.range_id_2 
_pdbx_struct_sheet_hbond.range_1_label_atom_id 
_pdbx_struct_sheet_hbond.range_1_label_comp_id 
_pdbx_struct_sheet_hbond.range_1_label_asym_id 
_pdbx_struct_sheet_hbond.range_1_label_seq_id 
_pdbx_struct_sheet_hbond.range_1_PDB_ins_code 
_pdbx_struct_sheet_hbond.range_1_auth_atom_id 
_pdbx_struct_sheet_hbond.range_1_auth_comp_id 
_pdbx_struct_sheet_hbond.range_1_auth_asym_id 
_pdbx_struct_sheet_hbond.range_1_auth_seq_id 
_pdbx_struct_sheet_hbond.range_2_label_atom_id 
_pdbx_struct_sheet_hbond.range_2_label_comp_id 
_pdbx_struct_sheet_hbond.range_2_label_asym_id 
_pdbx_struct_sheet_hbond.range_2_label_seq_id 
_pdbx_struct_sheet_hbond.range_2_PDB_ins_code 
_pdbx_struct_sheet_hbond.range_2_auth_atom_id 
_pdbx_struct_sheet_hbond.range_2_auth_comp_id 
_pdbx_struct_sheet_hbond.range_2_auth_asym_id 
_pdbx_struct_sheet_hbond.range_2_auth_seq_id 
AA 1  2  N VAL A 17  ? N VAL A 17  O VAL A 84  ? O VAL A 84  
AA 2  3  N GLU A 95  ? N GLU A 95  O LYS A 150 ? O LYS A 150 
AA 4  5  N PHE A 56  ? N PHE A 56  O VAL A 18  ? O VAL A 18  
AA 6  7  N VAL A 72  ? N VAL A 72  O ASN A 53  ? O ASN A 53  
AA 8  9  N ALA A 86  ? N ALA A 86  O LEU A 15  ? O LEU A 15  
AA 10 11 N LEU A 104 ? N LEU A 104 O ASP A 69  ? O ASP A 69  
AA 12 13 N GLU A 155 ? N GLU A 155 O VAL A 91  ? O VAL A 91  
AB 1  2  N GLU A 30  ? N GLU A 30  O MET A 39  ? O MET A 39  
# 
_struct_site.id                   AC1 
_struct_site.pdbx_evidence_code   Software 
_struct_site.pdbx_auth_asym_id    ? 
_struct_site.pdbx_auth_comp_id    ? 
_struct_site.pdbx_auth_seq_id     ? 
_struct_site.pdbx_auth_ins_code   ? 
_struct_site.pdbx_num_residues    10 
_struct_site.details              'BINDING SITE FOR RESIDUE POP A1174' 
# 
loop_
_struct_site_gen.id 
_struct_site_gen.site_id 
_struct_site_gen.pdbx_num_res 
_struct_site_gen.label_comp_id 
_struct_site_gen.label_asym_id 
_struct_site_gen.label_seq_id 
_struct_site_gen.pdbx_auth_ins_code 
_struct_site_gen.auth_comp_id 
_struct_site_gen.auth_asym_id 
_struct_site_gen.auth_seq_id 
_struct_site_gen.label_atom_id 
_struct_site_gen.label_alt_id 
_struct_site_gen.symmetry 
_struct_site_gen.details 
1  AC1 10 LYS A 28  ? LYS A 28   . ? 1_555 ? 
2  AC1 10 TYR A 54  ? TYR A 54   . ? 1_555 ? 
3  AC1 10 ASP A 96  ? ASP A 96   . ? 1_555 ? 
4  AC1 10 ASP A 101 ? ASP A 101  . ? 1_555 ? 
5  AC1 10 LYS A 103 ? LYS A 103  . ? 1_555 ? 
6  AC1 10 TYR A 140 ? TYR A 140  . ? 1_555 ? 
7  AC1 10 LYS A 141 ? LYS A 141  . ? 1_555 ? 
8  AC1 10 HOH C .   ? HOH A 2045 . ? 1_555 ? 
9  AC1 10 HOH C .   ? HOH A 2090 . ? 1_555 ? 
10 AC1 10 HOH C .   ? HOH A 2091 . ? 1_555 ? 
# 
loop_
_pdbx_validate_torsion.id 
_pdbx_validate_torsion.PDB_model_num 
_pdbx_validate_torsion.auth_comp_id 
_pdbx_validate_torsion.auth_asym_id 
_pdbx_validate_torsion.auth_seq_id 
_pdbx_validate_torsion.PDB_ins_code 
_pdbx_validate_torsion.label_alt_id 
_pdbx_validate_torsion.phi 
_pdbx_validate_torsion.psi 
1 1 LYS A 5   ? ? -51.66  96.06   
2 1 LEU A 6   ? ? -163.50 89.32   
3 1 GLU A 7   ? ? -168.39 -38.96  
4 1 VAL A 8   ? ? 1.98    126.86  
5 1 SER A 14  ? ? -156.91 35.14   
6 1 LYS A 33  ? ? -38.35  -36.98  
7 1 ASN A 156 ? ? -51.71  -176.95 
# 
_pdbx_database_remark.id     700 
_pdbx_database_remark.text   
;
SHEET
DETERMINATION METHOD: DSSP
THE SHEETS PRESENTED AS "AA" IN EACH CHAIN ON SHEET RECORDS
BELOW IS ACTUALLY AN  5-STRANDED BARREL THIS IS REPRESENTED BY
A  6-STRANDED SHEET IN WHICH THE FIRST AND LAST STRANDS
ARE IDENTICAL.
;
# 
loop_
_pdbx_unobs_or_zero_occ_residues.id 
_pdbx_unobs_or_zero_occ_residues.PDB_model_num 
_pdbx_unobs_or_zero_occ_residues.polymer_flag 
_pdbx_unobs_or_zero_occ_residues.occupancy_flag 
_pdbx_unobs_or_zero_occ_residues.auth_asym_id 
_pdbx_unobs_or_zero_occ_residues.auth_comp_id 
_pdbx_unobs_or_zero_occ_residues.auth_seq_id 
_pdbx_unobs_or_zero_occ_residues.PDB_ins_code 
_pdbx_unobs_or_zero_occ_residues.label_asym_id 
_pdbx_unobs_or_zero_occ_residues.label_comp_id 
_pdbx_unobs_or_zero_occ_residues.label_seq_id 
1 1 Y 1 A MET 1 ? A MET 1 
2 1 Y 1 A ASN 2 ? A ASN 2 
3 1 Y 1 A LEU 3 ? A LEU 3 
# 
loop_
_chem_comp_atom.comp_id 
_chem_comp_atom.atom_id 
_chem_comp_atom.type_symbol 
_chem_comp_atom.pdbx_aromatic_flag 
_chem_comp_atom.pdbx_stereo_config 
_chem_comp_atom.pdbx_ordinal 
ALA N    N N N 1   
ALA CA   C N S 2   
ALA C    C N N 3   
ALA O    O N N 4   
ALA CB   C N N 5   
ALA OXT  O N N 6   
ALA H    H N N 7   
ALA H2   H N N 8   
ALA HA   H N N 9   
ALA HB1  H N N 10  
ALA HB2  H N N 11  
ALA HB3  H N N 12  
ALA HXT  H N N 13  
ARG N    N N N 14  
ARG CA   C N S 15  
ARG C    C N N 16  
ARG O    O N N 17  
ARG CB   C N N 18  
ARG CG   C N N 19  
ARG CD   C N N 20  
ARG NE   N N N 21  
ARG CZ   C N N 22  
ARG NH1  N N N 23  
ARG NH2  N N N 24  
ARG OXT  O N N 25  
ARG H    H N N 26  
ARG H2   H N N 27  
ARG HA   H N N 28  
ARG HB2  H N N 29  
ARG HB3  H N N 30  
ARG HG2  H N N 31  
ARG HG3  H N N 32  
ARG HD2  H N N 33  
ARG HD3  H N N 34  
ARG HE   H N N 35  
ARG HH11 H N N 36  
ARG HH12 H N N 37  
ARG HH21 H N N 38  
ARG HH22 H N N 39  
ARG HXT  H N N 40  
ASN N    N N N 41  
ASN CA   C N S 42  
ASN C    C N N 43  
ASN O    O N N 44  
ASN CB   C N N 45  
ASN CG   C N N 46  
ASN OD1  O N N 47  
ASN ND2  N N N 48  
ASN OXT  O N N 49  
ASN H    H N N 50  
ASN H2   H N N 51  
ASN HA   H N N 52  
ASN HB2  H N N 53  
ASN HB3  H N N 54  
ASN HD21 H N N 55  
ASN HD22 H N N 56  
ASN HXT  H N N 57  
ASP N    N N N 58  
ASP CA   C N S 59  
ASP C    C N N 60  
ASP O    O N N 61  
ASP CB   C N N 62  
ASP CG   C N N 63  
ASP OD1  O N N 64  
ASP OD2  O N N 65  
ASP OXT  O N N 66  
ASP H    H N N 67  
ASP H2   H N N 68  
ASP HA   H N N 69  
ASP HB2  H N N 70  
ASP HB3  H N N 71  
ASP HD2  H N N 72  
ASP HXT  H N N 73  
CYS N    N N N 74  
CYS CA   C N R 75  
CYS C    C N N 76  
CYS O    O N N 77  
CYS CB   C N N 78  
CYS SG   S N N 79  
CYS OXT  O N N 80  
CYS H    H N N 81  
CYS H2   H N N 82  
CYS HA   H N N 83  
CYS HB2  H N N 84  
CYS HB3  H N N 85  
CYS HG   H N N 86  
CYS HXT  H N N 87  
GLN N    N N N 88  
GLN CA   C N S 89  
GLN C    C N N 90  
GLN O    O N N 91  
GLN CB   C N N 92  
GLN CG   C N N 93  
GLN CD   C N N 94  
GLN OE1  O N N 95  
GLN NE2  N N N 96  
GLN OXT  O N N 97  
GLN H    H N N 98  
GLN H2   H N N 99  
GLN HA   H N N 100 
GLN HB2  H N N 101 
GLN HB3  H N N 102 
GLN HG2  H N N 103 
GLN HG3  H N N 104 
GLN HE21 H N N 105 
GLN HE22 H N N 106 
GLN HXT  H N N 107 
GLU N    N N N 108 
GLU CA   C N S 109 
GLU C    C N N 110 
GLU O    O N N 111 
GLU CB   C N N 112 
GLU CG   C N N 113 
GLU CD   C N N 114 
GLU OE1  O N N 115 
GLU OE2  O N N 116 
GLU OXT  O N N 117 
GLU H    H N N 118 
GLU H2   H N N 119 
GLU HA   H N N 120 
GLU HB2  H N N 121 
GLU HB3  H N N 122 
GLU HG2  H N N 123 
GLU HG3  H N N 124 
GLU HE2  H N N 125 
GLU HXT  H N N 126 
GLY N    N N N 127 
GLY CA   C N N 128 
GLY C    C N N 129 
GLY O    O N N 130 
GLY OXT  O N N 131 
GLY H    H N N 132 
GLY H2   H N N 133 
GLY HA2  H N N 134 
GLY HA3  H N N 135 
GLY HXT  H N N 136 
HIS N    N N N 137 
HIS CA   C N S 138 
HIS C    C N N 139 
HIS O    O N N 140 
HIS CB   C N N 141 
HIS CG   C Y N 142 
HIS ND1  N Y N 143 
HIS CD2  C Y N 144 
HIS CE1  C Y N 145 
HIS NE2  N Y N 146 
HIS OXT  O N N 147 
HIS H    H N N 148 
HIS H2   H N N 149 
HIS HA   H N N 150 
HIS HB2  H N N 151 
HIS HB3  H N N 152 
HIS HD1  H N N 153 
HIS HD2  H N N 154 
HIS HE1  H N N 155 
HIS HE2  H N N 156 
HIS HXT  H N N 157 
HOH O    O N N 158 
HOH H1   H N N 159 
HOH H2   H N N 160 
ILE N    N N N 161 
ILE CA   C N S 162 
ILE C    C N N 163 
ILE O    O N N 164 
ILE CB   C N S 165 
ILE CG1  C N N 166 
ILE CG2  C N N 167 
ILE CD1  C N N 168 
ILE OXT  O N N 169 
ILE H    H N N 170 
ILE H2   H N N 171 
ILE HA   H N N 172 
ILE HB   H N N 173 
ILE HG12 H N N 174 
ILE HG13 H N N 175 
ILE HG21 H N N 176 
ILE HG22 H N N 177 
ILE HG23 H N N 178 
ILE HD11 H N N 179 
ILE HD12 H N N 180 
ILE HD13 H N N 181 
ILE HXT  H N N 182 
LEU N    N N N 183 
LEU CA   C N S 184 
LEU C    C N N 185 
LEU O    O N N 186 
LEU CB   C N N 187 
LEU CG   C N N 188 
LEU CD1  C N N 189 
LEU CD2  C N N 190 
LEU OXT  O N N 191 
LEU H    H N N 192 
LEU H2   H N N 193 
LEU HA   H N N 194 
LEU HB2  H N N 195 
LEU HB3  H N N 196 
LEU HG   H N N 197 
LEU HD11 H N N 198 
LEU HD12 H N N 199 
LEU HD13 H N N 200 
LEU HD21 H N N 201 
LEU HD22 H N N 202 
LEU HD23 H N N 203 
LEU HXT  H N N 204 
LYS N    N N N 205 
LYS CA   C N S 206 
LYS C    C N N 207 
LYS O    O N N 208 
LYS CB   C N N 209 
LYS CG   C N N 210 
LYS CD   C N N 211 
LYS CE   C N N 212 
LYS NZ   N N N 213 
LYS OXT  O N N 214 
LYS H    H N N 215 
LYS H2   H N N 216 
LYS HA   H N N 217 
LYS HB2  H N N 218 
LYS HB3  H N N 219 
LYS HG2  H N N 220 
LYS HG3  H N N 221 
LYS HD2  H N N 222 
LYS HD3  H N N 223 
LYS HE2  H N N 224 
LYS HE3  H N N 225 
LYS HZ1  H N N 226 
LYS HZ2  H N N 227 
LYS HZ3  H N N 228 
LYS HXT  H N N 229 
MET N    N N N 230 
MET CA   C N S 231 
MET C    C N N 232 
MET O    O N N 233 
MET CB   C N N 234 
MET CG   C N N 235 
MET SD   S N N 236 
MET CE   C N N 237 
MET OXT  O N N 238 
MET H    H N N 239 
MET H2   H N N 240 
MET HA   H N N 241 
MET HB2  H N N 242 
MET HB3  H N N 243 
MET HG2  H N N 244 
MET HG3  H N N 245 
MET HE1  H N N 246 
MET HE2  H N N 247 
MET HE3  H N N 248 
MET HXT  H N N 249 
PHE N    N N N 250 
PHE CA   C N S 251 
PHE C    C N N 252 
PHE O    O N N 253 
PHE CB   C N N 254 
PHE CG   C Y N 255 
PHE CD1  C Y N 256 
PHE CD2  C Y N 257 
PHE CE1  C Y N 258 
PHE CE2  C Y N 259 
PHE CZ   C Y N 260 
PHE OXT  O N N 261 
PHE H    H N N 262 
PHE H2   H N N 263 
PHE HA   H N N 264 
PHE HB2  H N N 265 
PHE HB3  H N N 266 
PHE HD1  H N N 267 
PHE HD2  H N N 268 
PHE HE1  H N N 269 
PHE HE2  H N N 270 
PHE HZ   H N N 271 
PHE HXT  H N N 272 
POP P1   P N N 273 
POP O1   O N N 274 
POP O2   O N N 275 
POP O3   O N N 276 
POP O    O N N 277 
POP P2   P N N 278 
POP O4   O N N 279 
POP O5   O N N 280 
POP O6   O N N 281 
POP HO2  H N N 282 
POP HO5  H N N 283 
PRO N    N N N 284 
PRO CA   C N S 285 
PRO C    C N N 286 
PRO O    O N N 287 
PRO CB   C N N 288 
PRO CG   C N N 289 
PRO CD   C N N 290 
PRO OXT  O N N 291 
PRO H    H N N 292 
PRO HA   H N N 293 
PRO HB2  H N N 294 
PRO HB3  H N N 295 
PRO HG2  H N N 296 
PRO HG3  H N N 297 
PRO HD2  H N N 298 
PRO HD3  H N N 299 
PRO HXT  H N N 300 
SER N    N N N 301 
SER CA   C N S 302 
SER C    C N N 303 
SER O    O N N 304 
SER CB   C N N 305 
SER OG   O N N 306 
SER OXT  O N N 307 
SER H    H N N 308 
SER H2   H N N 309 
SER HA   H N N 310 
SER HB2  H N N 311 
SER HB3  H N N 312 
SER HG   H N N 313 
SER HXT  H N N 314 
THR N    N N N 315 
THR CA   C N S 316 
THR C    C N N 317 
THR O    O N N 318 
THR CB   C N R 319 
THR OG1  O N N 320 
THR CG2  C N N 321 
THR OXT  O N N 322 
THR H    H N N 323 
THR H2   H N N 324 
THR HA   H N N 325 
THR HB   H N N 326 
THR HG1  H N N 327 
THR HG21 H N N 328 
THR HG22 H N N 329 
THR HG23 H N N 330 
THR HXT  H N N 331 
TRP N    N N N 332 
TRP CA   C N S 333 
TRP C    C N N 334 
TRP O    O N N 335 
TRP CB   C N N 336 
TRP CG   C Y N 337 
TRP CD1  C Y N 338 
TRP CD2  C Y N 339 
TRP NE1  N Y N 340 
TRP CE2  C Y N 341 
TRP CE3  C Y N 342 
TRP CZ2  C Y N 343 
TRP CZ3  C Y N 344 
TRP CH2  C Y N 345 
TRP OXT  O N N 346 
TRP H    H N N 347 
TRP H2   H N N 348 
TRP HA   H N N 349 
TRP HB2  H N N 350 
TRP HB3  H N N 351 
TRP HD1  H N N 352 
TRP HE1  H N N 353 
TRP HE3  H N N 354 
TRP HZ2  H N N 355 
TRP HZ3  H N N 356 
TRP HH2  H N N 357 
TRP HXT  H N N 358 
TYR N    N N N 359 
TYR CA   C N S 360 
TYR C    C N N 361 
TYR O    O N N 362 
TYR CB   C N N 363 
TYR CG   C Y N 364 
TYR CD1  C Y N 365 
TYR CD2  C Y N 366 
TYR CE1  C Y N 367 
TYR CE2  C Y N 368 
TYR CZ   C Y N 369 
TYR OH   O N N 370 
TYR OXT  O N N 371 
TYR H    H N N 372 
TYR H2   H N N 373 
TYR HA   H N N 374 
TYR HB2  H N N 375 
TYR HB3  H N N 376 
TYR HD1  H N N 377 
TYR HD2  H N N 378 
TYR HE1  H N N 379 
TYR HE2  H N N 380 
TYR HH   H N N 381 
TYR HXT  H N N 382 
VAL N    N N N 383 
VAL CA   C N S 384 
VAL C    C N N 385 
VAL O    O N N 386 
VAL CB   C N N 387 
VAL CG1  C N N 388 
VAL CG2  C N N 389 
VAL OXT  O N N 390 
VAL H    H N N 391 
VAL H2   H N N 392 
VAL HA   H N N 393 
VAL HB   H N N 394 
VAL HG11 H N N 395 
VAL HG12 H N N 396 
VAL HG13 H N N 397 
VAL HG21 H N N 398 
VAL HG22 H N N 399 
VAL HG23 H N N 400 
VAL HXT  H N N 401 
# 
loop_
_chem_comp_bond.comp_id 
_chem_comp_bond.atom_id_1 
_chem_comp_bond.atom_id_2 
_chem_comp_bond.value_order 
_chem_comp_bond.pdbx_aromatic_flag 
_chem_comp_bond.pdbx_stereo_config 
_chem_comp_bond.pdbx_ordinal 
ALA N   CA   sing N N 1   
ALA N   H    sing N N 2   
ALA N   H2   sing N N 3   
ALA CA  C    sing N N 4   
ALA CA  CB   sing N N 5   
ALA CA  HA   sing N N 6   
ALA C   O    doub N N 7   
ALA C   OXT  sing N N 8   
ALA CB  HB1  sing N N 9   
ALA CB  HB2  sing N N 10  
ALA CB  HB3  sing N N 11  
ALA OXT HXT  sing N N 12  
ARG N   CA   sing N N 13  
ARG N   H    sing N N 14  
ARG N   H2   sing N N 15  
ARG CA  C    sing N N 16  
ARG CA  CB   sing N N 17  
ARG CA  HA   sing N N 18  
ARG C   O    doub N N 19  
ARG C   OXT  sing N N 20  
ARG CB  CG   sing N N 21  
ARG CB  HB2  sing N N 22  
ARG CB  HB3  sing N N 23  
ARG CG  CD   sing N N 24  
ARG CG  HG2  sing N N 25  
ARG CG  HG3  sing N N 26  
ARG CD  NE   sing N N 27  
ARG CD  HD2  sing N N 28  
ARG CD  HD3  sing N N 29  
ARG NE  CZ   sing N N 30  
ARG NE  HE   sing N N 31  
ARG CZ  NH1  sing N N 32  
ARG CZ  NH2  doub N N 33  
ARG NH1 HH11 sing N N 34  
ARG NH1 HH12 sing N N 35  
ARG NH2 HH21 sing N N 36  
ARG NH2 HH22 sing N N 37  
ARG OXT HXT  sing N N 38  
ASN N   CA   sing N N 39  
ASN N   H    sing N N 40  
ASN N   H2   sing N N 41  
ASN CA  C    sing N N 42  
ASN CA  CB   sing N N 43  
ASN CA  HA   sing N N 44  
ASN C   O    doub N N 45  
ASN C   OXT  sing N N 46  
ASN CB  CG   sing N N 47  
ASN CB  HB2  sing N N 48  
ASN CB  HB3  sing N N 49  
ASN CG  OD1  doub N N 50  
ASN CG  ND2  sing N N 51  
ASN ND2 HD21 sing N N 52  
ASN ND2 HD22 sing N N 53  
ASN OXT HXT  sing N N 54  
ASP N   CA   sing N N 55  
ASP N   H    sing N N 56  
ASP N   H2   sing N N 57  
ASP CA  C    sing N N 58  
ASP CA  CB   sing N N 59  
ASP CA  HA   sing N N 60  
ASP C   O    doub N N 61  
ASP C   OXT  sing N N 62  
ASP CB  CG   sing N N 63  
ASP CB  HB2  sing N N 64  
ASP CB  HB3  sing N N 65  
ASP CG  OD1  doub N N 66  
ASP CG  OD2  sing N N 67  
ASP OD2 HD2  sing N N 68  
ASP OXT HXT  sing N N 69  
CYS N   CA   sing N N 70  
CYS N   H    sing N N 71  
CYS N   H2   sing N N 72  
CYS CA  C    sing N N 73  
CYS CA  CB   sing N N 74  
CYS CA  HA   sing N N 75  
CYS C   O    doub N N 76  
CYS C   OXT  sing N N 77  
CYS CB  SG   sing N N 78  
CYS CB  HB2  sing N N 79  
CYS CB  HB3  sing N N 80  
CYS SG  HG   sing N N 81  
CYS OXT HXT  sing N N 82  
GLN N   CA   sing N N 83  
GLN N   H    sing N N 84  
GLN N   H2   sing N N 85  
GLN CA  C    sing N N 86  
GLN CA  CB   sing N N 87  
GLN CA  HA   sing N N 88  
GLN C   O    doub N N 89  
GLN C   OXT  sing N N 90  
GLN CB  CG   sing N N 91  
GLN CB  HB2  sing N N 92  
GLN CB  HB3  sing N N 93  
GLN CG  CD   sing N N 94  
GLN CG  HG2  sing N N 95  
GLN CG  HG3  sing N N 96  
GLN CD  OE1  doub N N 97  
GLN CD  NE2  sing N N 98  
GLN NE2 HE21 sing N N 99  
GLN NE2 HE22 sing N N 100 
GLN OXT HXT  sing N N 101 
GLU N   CA   sing N N 102 
GLU N   H    sing N N 103 
GLU N   H2   sing N N 104 
GLU CA  C    sing N N 105 
GLU CA  CB   sing N N 106 
GLU CA  HA   sing N N 107 
GLU C   O    doub N N 108 
GLU C   OXT  sing N N 109 
GLU CB  CG   sing N N 110 
GLU CB  HB2  sing N N 111 
GLU CB  HB3  sing N N 112 
GLU CG  CD   sing N N 113 
GLU CG  HG2  sing N N 114 
GLU CG  HG3  sing N N 115 
GLU CD  OE1  doub N N 116 
GLU CD  OE2  sing N N 117 
GLU OE2 HE2  sing N N 118 
GLU OXT HXT  sing N N 119 
GLY N   CA   sing N N 120 
GLY N   H    sing N N 121 
GLY N   H2   sing N N 122 
GLY CA  C    sing N N 123 
GLY CA  HA2  sing N N 124 
GLY CA  HA3  sing N N 125 
GLY C   O    doub N N 126 
GLY C   OXT  sing N N 127 
GLY OXT HXT  sing N N 128 
HIS N   CA   sing N N 129 
HIS N   H    sing N N 130 
HIS N   H2   sing N N 131 
HIS CA  C    sing N N 132 
HIS CA  CB   sing N N 133 
HIS CA  HA   sing N N 134 
HIS C   O    doub N N 135 
HIS C   OXT  sing N N 136 
HIS CB  CG   sing N N 137 
HIS CB  HB2  sing N N 138 
HIS CB  HB3  sing N N 139 
HIS CG  ND1  sing Y N 140 
HIS CG  CD2  doub Y N 141 
HIS ND1 CE1  doub Y N 142 
HIS ND1 HD1  sing N N 143 
HIS CD2 NE2  sing Y N 144 
HIS CD2 HD2  sing N N 145 
HIS CE1 NE2  sing Y N 146 
HIS CE1 HE1  sing N N 147 
HIS NE2 HE2  sing N N 148 
HIS OXT HXT  sing N N 149 
HOH O   H1   sing N N 150 
HOH O   H2   sing N N 151 
ILE N   CA   sing N N 152 
ILE N   H    sing N N 153 
ILE N   H2   sing N N 154 
ILE CA  C    sing N N 155 
ILE CA  CB   sing N N 156 
ILE CA  HA   sing N N 157 
ILE C   O    doub N N 158 
ILE C   OXT  sing N N 159 
ILE CB  CG1  sing N N 160 
ILE CB  CG2  sing N N 161 
ILE CB  HB   sing N N 162 
ILE CG1 CD1  sing N N 163 
ILE CG1 HG12 sing N N 164 
ILE CG1 HG13 sing N N 165 
ILE CG2 HG21 sing N N 166 
ILE CG2 HG22 sing N N 167 
ILE CG2 HG23 sing N N 168 
ILE CD1 HD11 sing N N 169 
ILE CD1 HD12 sing N N 170 
ILE CD1 HD13 sing N N 171 
ILE OXT HXT  sing N N 172 
LEU N   CA   sing N N 173 
LEU N   H    sing N N 174 
LEU N   H2   sing N N 175 
LEU CA  C    sing N N 176 
LEU CA  CB   sing N N 177 
LEU CA  HA   sing N N 178 
LEU C   O    doub N N 179 
LEU C   OXT  sing N N 180 
LEU CB  CG   sing N N 181 
LEU CB  HB2  sing N N 182 
LEU CB  HB3  sing N N 183 
LEU CG  CD1  sing N N 184 
LEU CG  CD2  sing N N 185 
LEU CG  HG   sing N N 186 
LEU CD1 HD11 sing N N 187 
LEU CD1 HD12 sing N N 188 
LEU CD1 HD13 sing N N 189 
LEU CD2 HD21 sing N N 190 
LEU CD2 HD22 sing N N 191 
LEU CD2 HD23 sing N N 192 
LEU OXT HXT  sing N N 193 
LYS N   CA   sing N N 194 
LYS N   H    sing N N 195 
LYS N   H2   sing N N 196 
LYS CA  C    sing N N 197 
LYS CA  CB   sing N N 198 
LYS CA  HA   sing N N 199 
LYS C   O    doub N N 200 
LYS C   OXT  sing N N 201 
LYS CB  CG   sing N N 202 
LYS CB  HB2  sing N N 203 
LYS CB  HB3  sing N N 204 
LYS CG  CD   sing N N 205 
LYS CG  HG2  sing N N 206 
LYS CG  HG3  sing N N 207 
LYS CD  CE   sing N N 208 
LYS CD  HD2  sing N N 209 
LYS CD  HD3  sing N N 210 
LYS CE  NZ   sing N N 211 
LYS CE  HE2  sing N N 212 
LYS CE  HE3  sing N N 213 
LYS NZ  HZ1  sing N N 214 
LYS NZ  HZ2  sing N N 215 
LYS NZ  HZ3  sing N N 216 
LYS OXT HXT  sing N N 217 
MET N   CA   sing N N 218 
MET N   H    sing N N 219 
MET N   H2   sing N N 220 
MET CA  C    sing N N 221 
MET CA  CB   sing N N 222 
MET CA  HA   sing N N 223 
MET C   O    doub N N 224 
MET C   OXT  sing N N 225 
MET CB  CG   sing N N 226 
MET CB  HB2  sing N N 227 
MET CB  HB3  sing N N 228 
MET CG  SD   sing N N 229 
MET CG  HG2  sing N N 230 
MET CG  HG3  sing N N 231 
MET SD  CE   sing N N 232 
MET CE  HE1  sing N N 233 
MET CE  HE2  sing N N 234 
MET CE  HE3  sing N N 235 
MET OXT HXT  sing N N 236 
PHE N   CA   sing N N 237 
PHE N   H    sing N N 238 
PHE N   H2   sing N N 239 
PHE CA  C    sing N N 240 
PHE CA  CB   sing N N 241 
PHE CA  HA   sing N N 242 
PHE C   O    doub N N 243 
PHE C   OXT  sing N N 244 
PHE CB  CG   sing N N 245 
PHE CB  HB2  sing N N 246 
PHE CB  HB3  sing N N 247 
PHE CG  CD1  doub Y N 248 
PHE CG  CD2  sing Y N 249 
PHE CD1 CE1  sing Y N 250 
PHE CD1 HD1  sing N N 251 
PHE CD2 CE2  doub Y N 252 
PHE CD2 HD2  sing N N 253 
PHE CE1 CZ   doub Y N 254 
PHE CE1 HE1  sing N N 255 
PHE CE2 CZ   sing Y N 256 
PHE CE2 HE2  sing N N 257 
PHE CZ  HZ   sing N N 258 
PHE OXT HXT  sing N N 259 
POP P1  O1   doub N N 260 
POP P1  O2   sing N N 261 
POP P1  O3   sing N N 262 
POP P1  O    sing N N 263 
POP O2  HO2  sing N N 264 
POP O   P2   sing N N 265 
POP P2  O4   doub N N 266 
POP P2  O5   sing N N 267 
POP P2  O6   sing N N 268 
POP O5  HO5  sing N N 269 
PRO N   CA   sing N N 270 
PRO N   CD   sing N N 271 
PRO N   H    sing N N 272 
PRO CA  C    sing N N 273 
PRO CA  CB   sing N N 274 
PRO CA  HA   sing N N 275 
PRO C   O    doub N N 276 
PRO C   OXT  sing N N 277 
PRO CB  CG   sing N N 278 
PRO CB  HB2  sing N N 279 
PRO CB  HB3  sing N N 280 
PRO CG  CD   sing N N 281 
PRO CG  HG2  sing N N 282 
PRO CG  HG3  sing N N 283 
PRO CD  HD2  sing N N 284 
PRO CD  HD3  sing N N 285 
PRO OXT HXT  sing N N 286 
SER N   CA   sing N N 287 
SER N   H    sing N N 288 
SER N   H2   sing N N 289 
SER CA  C    sing N N 290 
SER CA  CB   sing N N 291 
SER CA  HA   sing N N 292 
SER C   O    doub N N 293 
SER C   OXT  sing N N 294 
SER CB  OG   sing N N 295 
SER CB  HB2  sing N N 296 
SER CB  HB3  sing N N 297 
SER OG  HG   sing N N 298 
SER OXT HXT  sing N N 299 
THR N   CA   sing N N 300 
THR N   H    sing N N 301 
THR N   H2   sing N N 302 
THR CA  C    sing N N 303 
THR CA  CB   sing N N 304 
THR CA  HA   sing N N 305 
THR C   O    doub N N 306 
THR C   OXT  sing N N 307 
THR CB  OG1  sing N N 308 
THR CB  CG2  sing N N 309 
THR CB  HB   sing N N 310 
THR OG1 HG1  sing N N 311 
THR CG2 HG21 sing N N 312 
THR CG2 HG22 sing N N 313 
THR CG2 HG23 sing N N 314 
THR OXT HXT  sing N N 315 
TRP N   CA   sing N N 316 
TRP N   H    sing N N 317 
TRP N   H2   sing N N 318 
TRP CA  C    sing N N 319 
TRP CA  CB   sing N N 320 
TRP CA  HA   sing N N 321 
TRP C   O    doub N N 322 
TRP C   OXT  sing N N 323 
TRP CB  CG   sing N N 324 
TRP CB  HB2  sing N N 325 
TRP CB  HB3  sing N N 326 
TRP CG  CD1  doub Y N 327 
TRP CG  CD2  sing Y N 328 
TRP CD1 NE1  sing Y N 329 
TRP CD1 HD1  sing N N 330 
TRP CD2 CE2  doub Y N 331 
TRP CD2 CE3  sing Y N 332 
TRP NE1 CE2  sing Y N 333 
TRP NE1 HE1  sing N N 334 
TRP CE2 CZ2  sing Y N 335 
TRP CE3 CZ3  doub Y N 336 
TRP CE3 HE3  sing N N 337 
TRP CZ2 CH2  doub Y N 338 
TRP CZ2 HZ2  sing N N 339 
TRP CZ3 CH2  sing Y N 340 
TRP CZ3 HZ3  sing N N 341 
TRP CH2 HH2  sing N N 342 
TRP OXT HXT  sing N N 343 
TYR N   CA   sing N N 344 
TYR N   H    sing N N 345 
TYR N   H2   sing N N 346 
TYR CA  C    sing N N 347 
TYR CA  CB   sing N N 348 
TYR CA  HA   sing N N 349 
TYR C   O    doub N N 350 
TYR C   OXT  sing N N 351 
TYR CB  CG   sing N N 352 
TYR CB  HB2  sing N N 353 
TYR CB  HB3  sing N N 354 
TYR CG  CD1  doub Y N 355 
TYR CG  CD2  sing Y N 356 
TYR CD1 CE1  sing Y N 357 
TYR CD1 HD1  sing N N 358 
TYR CD2 CE2  doub Y N 359 
TYR CD2 HD2  sing N N 360 
TYR CE1 CZ   doub Y N 361 
TYR CE1 HE1  sing N N 362 
TYR CE2 CZ   sing Y N 363 
TYR CE2 HE2  sing N N 364 
TYR CZ  OH   sing N N 365 
TYR OH  HH   sing N N 366 
TYR OXT HXT  sing N N 367 
VAL N   CA   sing N N 368 
VAL N   H    sing N N 369 
VAL N   H2   sing N N 370 
VAL CA  C    sing N N 371 
VAL CA  CB   sing N N 372 
VAL CA  HA   sing N N 373 
VAL C   O    doub N N 374 
VAL C   OXT  sing N N 375 
VAL CB  CG1  sing N N 376 
VAL CB  CG2  sing N N 377 
VAL CB  HB   sing N N 378 
VAL CG1 HG11 sing N N 379 
VAL CG1 HG12 sing N N 380 
VAL CG1 HG13 sing N N 381 
VAL CG2 HG21 sing N N 382 
VAL CG2 HG22 sing N N 383 
VAL CG2 HG23 sing N N 384 
VAL OXT HXT  sing N N 385 
# 
_atom_sites.entry_id                    2BQY 
_atom_sites.fract_transf_matrix[1][1]   -0.00708877 
_atom_sites.fract_transf_matrix[1][2]   -0.00778138 
_atom_sites.fract_transf_matrix[1][3]   -0.00431447 
_atom_sites.fract_transf_matrix[2][1]   -0.00101934 
_atom_sites.fract_transf_matrix[2][2]   -0.01016353 
_atom_sites.fract_transf_matrix[2][3]   0.00500769 
_atom_sites.fract_transf_matrix[3][1]   -0.00786521 
_atom_sites.fract_transf_matrix[3][2]   0.00378899 
_atom_sites.fract_transf_matrix[3][3]   0.00608907 
_atom_sites.fract_transf_vector[1]      0.518671 
_atom_sites.fract_transf_vector[2]      0.665357 
_atom_sites.fract_transf_vector[3]      0.089393 
# 
loop_
_atom_type.symbol 
C 
N 
O 
P 
S 
# 
loop_
_atom_site.group_PDB 
_atom_site.id 
_atom_site.type_symbol 
_atom_site.label_atom_id 
_atom_site.label_alt_id 
_atom_site.label_comp_id 
_atom_site.label_asym_id 
_atom_site.label_entity_id 
_atom_site.label_seq_id 
_atom_site.pdbx_PDB_ins_code 
_atom_site.Cartn_x 
_atom_site.Cartn_y 
_atom_site.Cartn_z 
_atom_site.occupancy 
_atom_site.B_iso_or_equiv 
_atom_site.pdbx_formal_charge 
_atom_site.auth_seq_id 
_atom_site.auth_comp_id 
_atom_site.auth_asym_id 
_atom_site.auth_atom_id 
_atom_site.pdbx_PDB_model_num 
ATOM   1    N N   . GLU A 1 4   ? 20.890  -2.934  1.890   1.00 51.44 ? 4    GLU A N   1 
ATOM   2    C CA  . GLU A 1 4   ? 19.835  -3.373  2.844   1.00 50.94 ? 4    GLU A CA  1 
ATOM   3    C C   . GLU A 1 4   ? 18.888  -4.361  2.148   1.00 51.67 ? 4    GLU A C   1 
ATOM   4    O O   . GLU A 1 4   ? 19.033  -5.578  2.269   1.00 54.08 ? 4    GLU A O   1 
ATOM   5    C CB  . GLU A 1 4   ? 19.039  -2.166  3.341   1.00 50.19 ? 4    GLU A CB  1 
ATOM   6    C CG  . GLU A 1 4   ? 18.423  -2.346  4.743   1.00 48.52 ? 4    GLU A CG  1 
ATOM   7    C CD  . GLU A 1 4   ? 17.316  -1.304  5.032   1.00 54.68 ? 4    GLU A CD  1 
ATOM   8    O OE1 . GLU A 1 4   ? 16.226  -1.395  4.357   1.00 54.00 ? 4    GLU A OE1 1 
ATOM   9    O OE2 . GLU A 1 4   ? 17.562  -0.409  5.917   1.00 50.67 ? 4    GLU A OE2 1 
ATOM   10   N N   . LYS A 1 5   ? 17.931  -3.827  1.384   1.00 49.68 ? 5    LYS A N   1 
ATOM   11   C CA  . LYS A 1 5   ? 16.940  -4.648  0.671   1.00 50.45 ? 5    LYS A CA  1 
ATOM   12   C C   . LYS A 1 5   ? 17.465  -5.790  -0.206  1.00 52.08 ? 5    LYS A C   1 
ATOM   13   O O   . LYS A 1 5   ? 17.837  -5.575  -1.368  1.00 54.10 ? 5    LYS A O   1 
ATOM   14   C CB  . LYS A 1 5   ? 16.021  -3.756  -0.179  1.00 46.90 ? 5    LYS A CB  1 
ATOM   15   C CG  . LYS A 1 5   ? 15.127  -2.840  0.677   1.00 46.79 ? 5    LYS A CG  1 
ATOM   16   C CD  . LYS A 1 5   ? 15.059  -1.437  0.098   1.00 47.62 ? 5    LYS A CD  1 
ATOM   17   C CE  . LYS A 1 5   ? 14.697  -1.460  -1.398  1.00 45.24 ? 5    LYS A CE  1 
ATOM   18   N NZ  . LYS A 1 5   ? 13.474  -2.262  -1.615  1.00 48.24 ? 5    LYS A NZ  1 
ATOM   19   N N   . LEU A 1 6   ? 17.486  -6.993  0.368   1.00 51.84 ? 6    LEU A N   1 
ATOM   20   C CA  . LEU A 1 6   ? 17.904  -8.226  -0.319  1.00 50.96 ? 6    LEU A CA  1 
ATOM   21   C C   . LEU A 1 6   ? 17.381  -9.373  0.548   1.00 50.59 ? 6    LEU A C   1 
ATOM   22   O O   . LEU A 1 6   ? 18.111  -9.817  1.456   1.00 51.27 ? 6    LEU A O   1 
ATOM   23   C CB  . LEU A 1 6   ? 19.439  -8.334  -0.424  1.00 49.74 ? 6    LEU A CB  1 
ATOM   24   C CG  . LEU A 1 6   ? 20.194  -7.459  -1.429  1.00 47.77 ? 6    LEU A CG  1 
ATOM   25   C CD1 . LEU A 1 6   ? 20.601  -6.133  -0.782  1.00 47.01 ? 6    LEU A CD1 1 
ATOM   26   C CD2 . LEU A 1 6   ? 21.446  -8.223  -1.882  1.00 48.57 ? 6    LEU A CD2 1 
ATOM   27   N N   . GLU A 1 7   ? 16.148  -9.828  0.291   1.00 49.40 ? 7    GLU A N   1 
ATOM   28   C CA  . GLU A 1 7   ? 15.552  -10.889 1.102   1.00 51.95 ? 7    GLU A CA  1 
ATOM   29   C C   . GLU A 1 7   ? 14.272  -11.450 0.471   1.00 51.24 ? 7    GLU A C   1 
ATOM   30   O O   . GLU A 1 7   ? 13.990  -12.654 0.546   1.00 56.53 ? 7    GLU A O   1 
ATOM   31   C CB  . GLU A 1 7   ? 15.187  -10.309 2.471   1.00 49.39 ? 7    GLU A CB  1 
ATOM   32   C CG  . GLU A 1 7   ? 13.859  -9.466  2.449   1.00 53.10 ? 7    GLU A CG  1 
ATOM   33   C CD  . GLU A 1 7   ? 14.009  -8.034  2.971   1.00 50.57 ? 7    GLU A CD  1 
ATOM   34   O OE1 . GLU A 1 7   ? 14.513  -7.880  4.110   1.00 55.44 ? 7    GLU A OE1 1 
ATOM   35   O OE2 . GLU A 1 7   ? 13.608  -7.082  2.245   1.00 45.37 ? 7    GLU A OE2 1 
ATOM   36   N N   . VAL A 1 8   ? 13.495  -10.529 -0.103  1.00 50.95 ? 8    VAL A N   1 
ATOM   37   C CA  . VAL A 1 8   ? 12.202  -10.773 -0.743  1.00 50.60 ? 8    VAL A CA  1 
ATOM   38   C C   . VAL A 1 8   ? 11.540  -12.152 -0.799  1.00 49.76 ? 8    VAL A C   1 
ATOM   39   O O   . VAL A 1 8   ? 12.111  -13.157 -1.251  1.00 51.15 ? 8    VAL A O   1 
ATOM   40   C CB  . VAL A 1 8   ? 12.193  -10.234 -2.178  1.00 49.33 ? 8    VAL A CB  1 
ATOM   41   C CG1 . VAL A 1 8   ? 10.742  -10.172 -2.684  1.00 50.35 ? 8    VAL A CG1 1 
ATOM   42   C CG2 . VAL A 1 8   ? 12.839  -8.830  -2.213  1.00 46.99 ? 8    VAL A CG2 1 
ATOM   43   N N   . SER A 1 9   ? 10.293  -12.146 -0.336  1.00 49.83 ? 9    SER A N   1 
ATOM   44   C CA  . SER A 1 9   ? 9.419   -13.309 -0.337  1.00 50.72 ? 9    SER A CA  1 
ATOM   45   C C   . SER A 1 9   ? 8.266   -12.772 -1.195  1.00 50.51 ? 9    SER A C   1 
ATOM   46   O O   . SER A 1 9   ? 7.801   -11.634 -0.964  1.00 53.19 ? 9    SER A O   1 
ATOM   47   C CB  . SER A 1 9   ? 8.895   -13.625 1.069   1.00 48.70 ? 9    SER A CB  1 
ATOM   48   O OG  . SER A 1 9   ? 7.861   -14.608 1.004   1.00 51.75 ? 9    SER A OG  1 
ATOM   49   N N   . HIS A 1 10  ? 7.797   -13.556 -2.168  1.00 49.90 ? 10   HIS A N   1 
ATOM   50   C CA  . HIS A 1 10  ? 6.732   -13.066 -3.044  1.00 48.56 ? 10   HIS A CA  1 
ATOM   51   C C   . HIS A 1 10  ? 5.399   -13.801 -3.020  1.00 48.50 ? 10   HIS A C   1 
ATOM   52   O O   . HIS A 1 10  ? 4.558   -13.600 -3.904  1.00 46.99 ? 10   HIS A O   1 
ATOM   53   C CB  . HIS A 1 10  ? 7.248   -12.987 -4.483  1.00 47.86 ? 10   HIS A CB  1 
ATOM   54   C CG  . HIS A 1 10  ? 7.966   -11.712 -4.798  1.00 48.13 ? 10   HIS A CG  1 
ATOM   55   N ND1 . HIS A 1 10  ? 9.058   -11.657 -5.639  1.00 49.55 ? 10   HIS A ND1 1 
ATOM   56   C CD2 . HIS A 1 10  ? 7.738   -10.439 -4.397  1.00 47.69 ? 10   HIS A CD2 1 
ATOM   57   C CE1 . HIS A 1 10  ? 9.459   -10.401 -5.751  1.00 45.42 ? 10   HIS A CE1 1 
ATOM   58   N NE2 . HIS A 1 10  ? 8.676   -9.645  -5.008  1.00 45.08 ? 10   HIS A NE2 1 
ATOM   59   N N   . ASP A 1 11  ? 5.200   -14.658 -2.023  1.00 49.22 ? 11   ASP A N   1 
ATOM   60   C CA  . ASP A 1 11  ? 3.935   -15.392 -1.934  1.00 49.74 ? 11   ASP A CA  1 
ATOM   61   C C   . ASP A 1 11  ? 2.802   -14.415 -1.525  1.00 49.48 ? 11   ASP A C   1 
ATOM   62   O O   . ASP A 1 11  ? 2.954   -13.622 -0.566  1.00 48.12 ? 11   ASP A O   1 
ATOM   63   C CB  . ASP A 1 11  ? 4.040   -16.531 -0.917  1.00 48.63 ? 11   ASP A CB  1 
ATOM   64   C CG  . ASP A 1 11  ? 2.780   -17.396 -0.864  1.00 52.37 ? 11   ASP A CG  1 
ATOM   65   O OD1 . ASP A 1 11  ? 2.679   -18.247 0.054   1.00 55.89 ? 11   ASP A OD1 1 
ATOM   66   O OD2 . ASP A 1 11  ? 1.891   -17.227 -1.745  1.00 51.46 ? 11   ASP A OD2 1 
ATOM   67   N N   . ALA A 1 12  ? 1.682   -14.474 -2.248  1.00 48.75 ? 12   ALA A N   1 
ATOM   68   C CA  . ALA A 1 12  ? 0.549   -13.591 -1.995  1.00 48.49 ? 12   ALA A CA  1 
ATOM   69   C C   . ALA A 1 12  ? 0.044   -13.691 -0.553  1.00 48.80 ? 12   ALA A C   1 
ATOM   70   O O   . ALA A 1 12  ? -0.694  -12.819 -0.073  1.00 50.76 ? 12   ALA A O   1 
ATOM   71   C CB  . ALA A 1 12  ? -0.573  -13.909 -2.971  1.00 42.58 ? 12   ALA A CB  1 
ATOM   72   N N   . ASP A 1 13  ? 0.445   -14.755 0.140   1.00 48.23 ? 13   ASP A N   1 
ATOM   73   C CA  . ASP A 1 13  ? 0.015   -14.959 1.526   1.00 46.25 ? 13   ASP A CA  1 
ATOM   74   C C   . ASP A 1 13  ? 1.178   -14.845 2.490   1.00 45.48 ? 13   ASP A C   1 
ATOM   75   O O   . ASP A 1 13  ? 1.036   -15.123 3.685   1.00 44.91 ? 13   ASP A O   1 
ATOM   76   C CB  . ASP A 1 13  ? -0.666  -16.326 1.694   1.00 45.79 ? 13   ASP A CB  1 
ATOM   77   C CG  . ASP A 1 13  ? -1.998  -16.414 0.949   1.00 51.08 ? 13   ASP A CG  1 
ATOM   78   O OD1 . ASP A 1 13  ? -2.913  -15.581 1.251   1.00 47.74 ? 13   ASP A OD1 1 
ATOM   79   O OD2 . ASP A 1 13  ? -2.109  -17.307 0.057   1.00 53.05 ? 13   ASP A OD2 1 
ATOM   80   N N   . SER A 1 14  ? 2.335   -14.456 1.965   1.00 46.04 ? 14   SER A N   1 
ATOM   81   C CA  . SER A 1 14  ? 3.520   -14.286 2.791   1.00 47.87 ? 14   SER A CA  1 
ATOM   82   C C   . SER A 1 14  ? 4.513   -13.321 2.114   1.00 48.93 ? 14   SER A C   1 
ATOM   83   O O   . SER A 1 14  ? 5.735   -13.508 2.201   1.00 52.68 ? 14   SER A O   1 
ATOM   84   C CB  . SER A 1 14  ? 4.176   -15.646 3.043   1.00 46.85 ? 14   SER A CB  1 
ATOM   85   O OG  . SER A 1 14  ? 5.098   -15.567 4.118   1.00 47.69 ? 14   SER A OG  1 
ATOM   86   N N   . LEU A 1 15  ? 3.982   -12.311 1.418   1.00 48.43 ? 15   LEU A N   1 
ATOM   87   C CA  . LEU A 1 15  ? 4.819   -11.324 0.738   1.00 45.96 ? 15   LEU A CA  1 
ATOM   88   C C   . LEU A 1 15  ? 5.177   -10.226 1.741   1.00 45.49 ? 15   LEU A C   1 
ATOM   89   O O   . LEU A 1 15  ? 4.389   -9.885  2.643   1.00 43.43 ? 15   LEU A O   1 
ATOM   90   C CB  . LEU A 1 15  ? 4.097   -10.737 -0.497  1.00 44.56 ? 15   LEU A CB  1 
ATOM   91   C CG  . LEU A 1 15  ? 2.760   -9.987  -0.386  1.00 45.70 ? 15   LEU A CG  1 
ATOM   92   C CD1 . LEU A 1 15  ? 1.758   -10.809 0.430   1.00 47.35 ? 15   LEU A CD1 1 
ATOM   93   C CD2 . LEU A 1 15  ? 2.959   -8.656  0.245   1.00 43.29 ? 15   LEU A CD2 1 
ATOM   94   N N   . CYS A 1 16  ? 6.376   -9.673  1.588   1.00 45.60 ? 16   CYS A N   1 
ATOM   95   C CA  . CYS A 1 16  ? 6.829   -8.634  2.509   1.00 46.42 ? 16   CYS A CA  1 
ATOM   96   C C   . CYS A 1 16  ? 6.599   -7.228  1.956   1.00 44.23 ? 16   CYS A C   1 
ATOM   97   O O   . CYS A 1 16  ? 6.762   -6.981  0.750   1.00 42.76 ? 16   CYS A O   1 
ATOM   98   C CB  . CYS A 1 16  ? 8.313   -8.820  2.858   1.00 46.79 ? 16   CYS A CB  1 
ATOM   99   S SG  . CYS A 1 16  ? 9.411   -8.279  1.601   1.00 54.95 ? 16   CYS A SG  1 
ATOM   100  N N   . VAL A 1 17  ? 6.216   -6.314  2.845   1.00 43.20 ? 17   VAL A N   1 
ATOM   101  C CA  . VAL A 1 17  ? 5.962   -4.926  2.477   1.00 42.20 ? 17   VAL A CA  1 
ATOM   102  C C   . VAL A 1 17  ? 6.928   -4.026  3.234   1.00 42.16 ? 17   VAL A C   1 
ATOM   103  O O   . VAL A 1 17  ? 7.144   -4.194  4.432   1.00 43.13 ? 17   VAL A O   1 
ATOM   104  C CB  . VAL A 1 17  ? 4.517   -4.497  2.830   1.00 39.81 ? 17   VAL A CB  1 
ATOM   105  C CG1 . VAL A 1 17  ? 4.258   -3.103  2.338   1.00 40.81 ? 17   VAL A CG1 1 
ATOM   106  C CG2 . VAL A 1 17  ? 3.522   -5.472  2.238   1.00 40.91 ? 17   VAL A CG2 1 
ATOM   107  N N   . VAL A 1 18  ? 7.525   -3.079  2.522   1.00 42.42 ? 18   VAL A N   1 
ATOM   108  C CA  . VAL A 1 18  ? 8.450   -2.144  3.144   1.00 42.18 ? 18   VAL A CA  1 
ATOM   109  C C   . VAL A 1 18  ? 7.673   -0.884  3.523   1.00 42.10 ? 18   VAL A C   1 
ATOM   110  O O   . VAL A 1 18  ? 7.294   -0.101  2.666   1.00 41.32 ? 18   VAL A O   1 
ATOM   111  C CB  . VAL A 1 18  ? 9.613   -1.772  2.180   1.00 43.58 ? 18   VAL A CB  1 
ATOM   112  C CG1 . VAL A 1 18  ? 10.565  -0.801  2.851   1.00 43.09 ? 18   VAL A CG1 1 
ATOM   113  C CG2 . VAL A 1 18  ? 10.350  -3.022  1.751   1.00 41.20 ? 18   VAL A CG2 1 
ATOM   114  N N   . ILE A 1 19  ? 7.441   -0.697  4.817   1.00 41.29 ? 19   ILE A N   1 
ATOM   115  C CA  . ILE A 1 19  ? 6.692   0.449   5.312   1.00 39.83 ? 19   ILE A CA  1 
ATOM   116  C C   . ILE A 1 19  ? 7.427   1.761   5.130   1.00 38.93 ? 19   ILE A C   1 
ATOM   117  O O   . ILE A 1 19  ? 8.537   1.927   5.599   1.00 41.98 ? 19   ILE A O   1 
ATOM   118  C CB  . ILE A 1 19  ? 6.345   0.277   6.821   1.00 39.88 ? 19   ILE A CB  1 
ATOM   119  C CG1 . ILE A 1 19  ? 5.592   -1.045  7.037   1.00 40.28 ? 19   ILE A CG1 1 
ATOM   120  C CG2 . ILE A 1 19  ? 5.510   1.444   7.298   1.00 36.53 ? 19   ILE A CG2 1 
ATOM   121  C CD1 . ILE A 1 19  ? 4.291   -1.155  6.257   1.00 38.30 ? 19   ILE A CD1 1 
ATOM   122  N N   . GLU A 1 20  ? 6.792   2.682   4.423   1.00 36.91 ? 20   GLU A N   1 
ATOM   123  C CA  . GLU A 1 20  ? 7.363   3.998   4.213   1.00 37.47 ? 20   GLU A CA  1 
ATOM   124  C C   . GLU A 1 20  ? 6.550   5.032   4.995   1.00 37.80 ? 20   GLU A C   1 
ATOM   125  O O   . GLU A 1 20  ? 7.028   6.112   5.307   1.00 36.18 ? 20   GLU A O   1 
ATOM   126  C CB  . GLU A 1 20  ? 7.336   4.336   2.727   1.00 39.16 ? 20   GLU A CB  1 
ATOM   127  C CG  . GLU A 1 20  ? 8.222   3.445   1.861   1.00 43.24 ? 20   GLU A CG  1 
ATOM   128  C CD  . GLU A 1 20  ? 8.109   3.778   0.377   1.00 41.13 ? 20   GLU A CD  1 
ATOM   129  O OE1 . GLU A 1 20  ? 6.983   3.710   -0.163  1.00 42.63 ? 20   GLU A OE1 1 
ATOM   130  O OE2 . GLU A 1 20  ? 9.143   4.111   -0.246  1.00 40.84 ? 20   GLU A OE2 1 
ATOM   131  N N   . ILE A 1 21  ? 5.311   4.682   5.306   1.00 38.93 ? 21   ILE A N   1 
ATOM   132  C CA  . ILE A 1 21  ? 4.411   5.561   6.033   1.00 39.97 ? 21   ILE A CA  1 
ATOM   133  C C   . ILE A 1 21  ? 3.678   4.776   7.100   1.00 40.59 ? 21   ILE A C   1 
ATOM   134  O O   . ILE A 1 21  ? 3.174   3.695   6.845   1.00 39.50 ? 21   ILE A O   1 
ATOM   135  C CB  . ILE A 1 21  ? 3.374   6.188   5.092   1.00 39.46 ? 21   ILE A CB  1 
ATOM   136  C CG1 . ILE A 1 21  ? 4.076   6.793   3.876   1.00 43.78 ? 21   ILE A CG1 1 
ATOM   137  C CG2 . ILE A 1 21  ? 2.615   7.270   5.822   1.00 41.31 ? 21   ILE A CG2 1 
ATOM   138  C CD1 . ILE A 1 21  ? 3.124   7.182   2.728   1.00 40.58 ? 21   ILE A CD1 1 
ATOM   139  N N   . SER A 1 22  ? 3.644   5.309   8.312   1.00 41.36 ? 22   SER A N   1 
ATOM   140  C CA  . SER A 1 22  ? 2.956   4.638   9.413   1.00 39.15 ? 22   SER A CA  1 
ATOM   141  C C   . SER A 1 22  ? 1.522   5.138   9.527   1.00 38.06 ? 22   SER A C   1 
ATOM   142  O O   . SER A 1 22  ? 1.209   6.257   9.141   1.00 33.58 ? 22   SER A O   1 
ATOM   143  C CB  . SER A 1 22  ? 3.704   4.861   10.740  1.00 40.91 ? 22   SER A CB  1 
ATOM   144  O OG  . SER A 1 22  ? 3.737   6.228   11.058  1.00 49.64 ? 22   SER A OG  1 
ATOM   145  N N   . LYS A 1 23  ? 0.646   4.282   10.043  1.00 37.39 ? 23   LYS A N   1 
ATOM   146  C CA  . LYS A 1 23  ? -0.753  4.637   10.232  1.00 36.25 ? 23   LYS A CA  1 
ATOM   147  C C   . LYS A 1 23  ? -0.895  5.865   11.144  1.00 37.11 ? 23   LYS A C   1 
ATOM   148  O O   . LYS A 1 23  ? -0.146  6.027   12.098  1.00 36.28 ? 23   LYS A O   1 
ATOM   149  C CB  . LYS A 1 23  ? -1.521  3.441   10.822  1.00 39.12 ? 23   LYS A CB  1 
ATOM   150  C CG  . LYS A 1 23  ? -3.019  3.637   10.866  1.00 37.69 ? 23   LYS A CG  1 
ATOM   151  C CD  . LYS A 1 23  ? -3.721  2.383   11.320  1.00 40.71 ? 23   LYS A CD  1 
ATOM   152  C CE  . LYS A 1 23  ? -5.236  2.594   11.456  1.00 40.26 ? 23   LYS A CE  1 
ATOM   153  N NZ  . LYS A 1 23  ? -5.964  1.372   11.842  1.00 39.56 ? 23   LYS A NZ  1 
ATOM   154  N N   . HIS A 1 24  ? -1.868  6.720   10.826  1.00 37.11 ? 24   HIS A N   1 
ATOM   155  C CA  . HIS A 1 24  ? -2.168  7.934   11.580  1.00 38.15 ? 24   HIS A CA  1 
ATOM   156  C C   . HIS A 1 24  ? -1.135  9.026   11.357  1.00 39.40 ? 24   HIS A C   1 
ATOM   157  O O   . HIS A 1 24  ? -1.235  10.094  11.943  1.00 42.86 ? 24   HIS A O   1 
ATOM   158  C CB  . HIS A 1 24  ? -2.272  7.636   13.086  1.00 37.08 ? 24   HIS A CB  1 
ATOM   159  C CG  . HIS A 1 24  ? -3.280  6.583   13.428  1.00 40.56 ? 24   HIS A CG  1 
ATOM   160  N ND1 . HIS A 1 24  ? -4.606  6.693   13.077  1.00 39.98 ? 24   HIS A ND1 1 
ATOM   161  C CD2 . HIS A 1 24  ? -3.157  5.398   14.073  1.00 40.65 ? 24   HIS A CD2 1 
ATOM   162  C CE1 . HIS A 1 24  ? -5.260  5.622   13.488  1.00 43.65 ? 24   HIS A CE1 1 
ATOM   163  N NE2 . HIS A 1 24  ? -4.404  4.820   14.094  1.00 38.71 ? 24   HIS A NE2 1 
ATOM   164  N N   . SER A 1 25  ? -0.142  8.759   10.516  1.00 40.23 ? 25   SER A N   1 
ATOM   165  C CA  . SER A 1 25  ? 0.889   9.749   10.234  1.00 38.47 ? 25   SER A CA  1 
ATOM   166  C C   . SER A 1 25  ? 0.497   10.631  9.045   1.00 38.33 ? 25   SER A C   1 
ATOM   167  O O   . SER A 1 25  ? -0.184  10.198  8.110   1.00 37.54 ? 25   SER A O   1 
ATOM   168  C CB  . SER A 1 25  ? 2.219   9.052   9.936   1.00 40.23 ? 25   SER A CB  1 
ATOM   169  O OG  . SER A 1 25  ? 3.245   10.004  9.711   1.00 36.86 ? 25   SER A OG  1 
ATOM   170  N N   . ASN A 1 26  ? 0.920   11.887  9.095   1.00 38.71 ? 26   ASN A N   1 
ATOM   171  C CA  . ASN A 1 26  ? 0.625   12.825  8.020   1.00 39.34 ? 26   ASN A CA  1 
ATOM   172  C C   . ASN A 1 26  ? 1.900   13.113  7.222   1.00 40.22 ? 26   ASN A C   1 
ATOM   173  O O   . ASN A 1 26  ? 1.919   13.976  6.341   1.00 41.03 ? 26   ASN A O   1 
ATOM   174  C CB  . ASN A 1 26  ? 0.055   14.129  8.595   1.00 40.30 ? 26   ASN A CB  1 
ATOM   175  C CG  . ASN A 1 26  ? 1.070   14.908  9.408   1.00 37.06 ? 26   ASN A CG  1 
ATOM   176  O OD1 . ASN A 1 26  ? 1.968   14.357  10.024  1.00 41.99 ? 26   ASN A OD1 1 
ATOM   177  N ND2 . ASN A 1 26  ? 0.903   16.201  9.426   1.00 37.29 ? 26   ASN A ND2 1 
ATOM   178  N N   . ILE A 1 27  ? 2.972   12.408  7.560   1.00 40.95 ? 27   ILE A N   1 
ATOM   179  C CA  . ILE A 1 27  ? 4.243   12.594  6.884   1.00 39.48 ? 27   ILE A CA  1 
ATOM   180  C C   . ILE A 1 27  ? 4.490   11.411  5.961   1.00 40.36 ? 27   ILE A C   1 
ATOM   181  O O   . ILE A 1 27  ? 4.599   10.271  6.403   1.00 40.00 ? 27   ILE A O   1 
ATOM   182  C CB  . ILE A 1 27  ? 5.412   12.688  7.892   1.00 41.09 ? 27   ILE A CB  1 
ATOM   183  C CG1 . ILE A 1 27  ? 5.195   13.873  8.837   1.00 38.96 ? 27   ILE A CG1 1 
ATOM   184  C CG2 . ILE A 1 27  ? 6.742   12.803  7.144   1.00 35.71 ? 27   ILE A CG2 1 
ATOM   185  C CD1 . ILE A 1 27  ? 6.167   13.900  9.998   1.00 44.13 ? 27   ILE A CD1 1 
ATOM   186  N N   . LYS A 1 28  ? 4.556   11.697  4.669   1.00 40.69 ? 28   LYS A N   1 
ATOM   187  C CA  . LYS A 1 28  ? 4.800   10.678  3.662   1.00 40.43 ? 28   LYS A CA  1 
ATOM   188  C C   . LYS A 1 28  ? 6.290   10.499  3.347   1.00 40.08 ? 28   LYS A C   1 
ATOM   189  O O   . LYS A 1 28  ? 6.925   11.387  2.765   1.00 39.06 ? 28   LYS A O   1 
ATOM   190  C CB  . LYS A 1 28  ? 4.037   11.030  2.380   1.00 42.23 ? 28   LYS A CB  1 
ATOM   191  C CG  . LYS A 1 28  ? 4.471   10.240  1.154   1.00 42.59 ? 28   LYS A CG  1 
ATOM   192  C CD  . LYS A 1 28  ? 3.519   10.471  -0.015  1.00 44.67 ? 28   LYS A CD  1 
ATOM   193  C CE  . LYS A 1 28  ? 4.050   9.840   -1.305  1.00 42.32 ? 28   LYS A CE  1 
ATOM   194  N NZ  . LYS A 1 28  ? 4.282   8.377   -1.173  1.00 42.24 ? 28   LYS A NZ  1 
ATOM   195  N N   . TYR A 1 29  ? 6.833   9.343   3.736   1.00 41.34 ? 29   TYR A N   1 
ATOM   196  C CA  . TYR A 1 29  ? 8.235   9.003   3.475   1.00 42.30 ? 29   TYR A CA  1 
ATOM   197  C C   . TYR A 1 29  ? 8.335   8.143   2.209   1.00 41.45 ? 29   TYR A C   1 
ATOM   198  O O   . TYR A 1 29  ? 7.347   7.536   1.769   1.00 41.02 ? 29   TYR A O   1 
ATOM   199  C CB  . TYR A 1 29  ? 8.827   8.224   4.652   1.00 42.78 ? 29   TYR A CB  1 
ATOM   200  C CG  . TYR A 1 29  ? 8.972   9.033   5.930   1.00 42.84 ? 29   TYR A CG  1 
ATOM   201  C CD1 . TYR A 1 29  ? 10.060  9.882   6.112   1.00 40.28 ? 29   TYR A CD1 1 
ATOM   202  C CD2 . TYR A 1 29  ? 8.024   8.952   6.956   1.00 40.64 ? 29   TYR A CD2 1 
ATOM   203  C CE1 . TYR A 1 29  ? 10.211  10.620  7.265   1.00 40.62 ? 29   TYR A CE1 1 
ATOM   204  C CE2 . TYR A 1 29  ? 8.160   9.693   8.115   1.00 40.91 ? 29   TYR A CE2 1 
ATOM   205  C CZ  . TYR A 1 29  ? 9.257   10.526  8.269   1.00 42.66 ? 29   TYR A CZ  1 
ATOM   206  O OH  . TYR A 1 29  ? 9.389   11.261  9.431   1.00 37.90 ? 29   TYR A OH  1 
ATOM   207  N N   . GLU A 1 30  ? 9.537   8.098   1.640   1.00 41.49 ? 30   GLU A N   1 
ATOM   208  C CA  . GLU A 1 30  ? 9.801   7.324   0.434   1.00 41.01 ? 30   GLU A CA  1 
ATOM   209  C C   . GLU A 1 30  ? 11.235  6.817   0.506   1.00 40.88 ? 30   GLU A C   1 
ATOM   210  O O   . GLU A 1 30  ? 12.165  7.591   0.706   1.00 39.73 ? 30   GLU A O   1 
ATOM   211  C CB  . GLU A 1 30  ? 9.604   8.197   -0.808  1.00 41.12 ? 30   GLU A CB  1 
ATOM   212  C CG  . GLU A 1 30  ? 9.699   7.427   -2.107  1.00 44.62 ? 30   GLU A CG  1 
ATOM   213  C CD  . GLU A 1 30  ? 9.547   8.320   -3.321  1.00 49.57 ? 30   GLU A CD  1 
ATOM   214  O OE1 . GLU A 1 30  ? 10.432  9.197   -3.513  1.00 50.56 ? 30   GLU A OE1 1 
ATOM   215  O OE2 . GLU A 1 30  ? 8.545   8.139   -4.069  1.00 50.81 ? 30   GLU A OE2 1 
ATOM   216  N N   . LEU A 1 31  ? 11.412  5.512   0.333   1.00 41.63 ? 31   LEU A N   1 
ATOM   217  C CA  . LEU A 1 31  ? 12.736  4.908   0.415   1.00 43.46 ? 31   LEU A CA  1 
ATOM   218  C C   . LEU A 1 31  ? 13.525  4.962   -0.889  1.00 44.18 ? 31   LEU A C   1 
ATOM   219  O O   . LEU A 1 31  ? 13.042  4.549   -1.945  1.00 46.01 ? 31   LEU A O   1 
ATOM   220  C CB  . LEU A 1 31  ? 12.612  3.454   0.878   1.00 43.07 ? 31   LEU A CB  1 
ATOM   221  C CG  . LEU A 1 31  ? 13.920  2.706   1.133   1.00 45.87 ? 31   LEU A CG  1 
ATOM   222  C CD1 . LEU A 1 31  ? 14.720  3.418   2.223   1.00 45.71 ? 31   LEU A CD1 1 
ATOM   223  C CD2 . LEU A 1 31  ? 13.614  1.290   1.563   1.00 44.71 ? 31   LEU A CD2 1 
ATOM   224  N N   . ASP A 1 32  ? 14.738  5.507   -0.803  1.00 45.12 ? 32   ASP A N   1 
ATOM   225  C CA  . ASP A 1 32  ? 15.643  5.603   -1.940  1.00 46.45 ? 32   ASP A CA  1 
ATOM   226  C C   . ASP A 1 32  ? 16.473  4.317   -1.972  1.00 46.71 ? 32   ASP A C   1 
ATOM   227  O O   . ASP A 1 32  ? 17.550  4.247   -1.387  1.00 49.56 ? 32   ASP A O   1 
ATOM   228  C CB  . ASP A 1 32  ? 16.563  6.791   -1.743  1.00 46.19 ? 32   ASP A CB  1 
ATOM   229  C CG  . ASP A 1 32  ? 17.607  6.915   -2.849  1.00 50.87 ? 32   ASP A CG  1 
ATOM   230  O OD1 . ASP A 1 32  ? 17.205  7.201   -4.021  1.00 52.81 ? 32   ASP A OD1 1 
ATOM   231  O OD2 . ASP A 1 32  ? 18.819  6.728   -2.527  1.00 50.07 ? 32   ASP A OD2 1 
ATOM   232  N N   . LYS A 1 33  ? 15.952  3.301   -2.654  1.00 47.73 ? 33   LYS A N   1 
ATOM   233  C CA  . LYS A 1 33  ? 16.588  1.987   -2.735  1.00 48.64 ? 33   LYS A CA  1 
ATOM   234  C C   . LYS A 1 33  ? 18.110  1.971   -2.848  1.00 48.80 ? 33   LYS A C   1 
ATOM   235  O O   . LYS A 1 33  ? 18.774  1.071   -2.271  1.00 51.96 ? 33   LYS A O   1 
ATOM   236  C CB  . LYS A 1 33  ? 15.998  1.178   -3.886  1.00 48.44 ? 33   LYS A CB  1 
ATOM   237  C CG  . LYS A 1 33  ? 16.610  -0.211  -4.005  1.00 48.72 ? 33   LYS A CG  1 
ATOM   238  C CD  . LYS A 1 33  ? 15.683  -1.178  -4.747  1.00 49.40 ? 33   LYS A CD  1 
ATOM   239  C CE  . LYS A 1 33  ? 16.320  -2.584  -4.831  1.00 49.95 ? 33   LYS A CE  1 
ATOM   240  N NZ  . LYS A 1 33  ? 15.337  -3.627  -5.323  1.00 48.36 ? 33   LYS A NZ  1 
ATOM   241  N N   . GLU A 1 34  ? 18.662  2.938   -3.586  1.00 48.86 ? 34   GLU A N   1 
ATOM   242  C CA  . GLU A 1 34  ? 20.113  2.984   -3.755  1.00 48.63 ? 34   GLU A CA  1 
ATOM   243  C C   . GLU A 1 34  ? 20.850  3.333   -2.450  1.00 47.56 ? 34   GLU A C   1 
ATOM   244  O O   . GLU A 1 34  ? 21.851  2.656   -2.081  1.00 48.98 ? 34   GLU A O   1 
ATOM   245  C CB  . GLU A 1 34  ? 20.500  3.980   -4.849  1.00 48.42 ? 34   GLU A CB  1 
ATOM   246  C CG  . GLU A 1 34  ? 19.698  5.259   -4.793  1.00 48.60 ? 34   GLU A CG  1 
ATOM   247  C CD  . GLU A 1 34  ? 20.497  6.467   -5.289  1.00 51.84 ? 34   GLU A CD  1 
ATOM   248  O OE1 . GLU A 1 34  ? 20.936  6.463   -6.472  1.00 53.52 ? 34   GLU A OE1 1 
ATOM   249  O OE2 . GLU A 1 34  ? 20.691  7.419   -4.487  1.00 54.34 ? 34   GLU A OE2 1 
ATOM   250  N N   . SER A 1 35  ? 20.357  4.369   -1.766  1.00 47.45 ? 35   SER A N   1 
ATOM   251  C CA  . SER A 1 35  ? 20.974  4.811   -0.522  1.00 47.63 ? 35   SER A CA  1 
ATOM   252  C C   . SER A 1 35  ? 20.380  4.112   0.693   1.00 45.35 ? 35   SER A C   1 
ATOM   253  O O   . SER A 1 35  ? 21.029  3.976   1.738   1.00 47.38 ? 35   SER A O   1 
ATOM   254  C CB  . SER A 1 35  ? 20.809  6.317   -0.365  1.00 45.47 ? 35   SER A CB  1 
ATOM   255  O OG  . SER A 1 35  ? 21.308  7.007   -1.504  1.00 53.27 ? 35   SER A OG  1 
ATOM   256  N N   . GLY A 1 36  ? 19.145  3.647   0.545   1.00 45.71 ? 36   GLY A N   1 
ATOM   257  C CA  . GLY A 1 36  ? 18.485  2.986   1.655   1.00 46.75 ? 36   GLY A CA  1 
ATOM   258  C C   . GLY A 1 36  ? 18.067  4.069   2.637   1.00 47.32 ? 36   GLY A C   1 
ATOM   259  O O   . GLY A 1 36  ? 17.645  3.782   3.766   1.00 49.29 ? 36   GLY A O   1 
ATOM   260  N N   . ALA A 1 37  ? 18.191  5.321   2.199   1.00 46.77 ? 37   ALA A N   1 
ATOM   261  C CA  . ALA A 1 37  ? 17.856  6.474   3.028   1.00 46.30 ? 37   ALA A CA  1 
ATOM   262  C C   . ALA A 1 37  ? 16.361  6.772   2.978   1.00 45.28 ? 37   ALA A C   1 
ATOM   263  O O   . ALA A 1 37  ? 15.768  6.864   1.893   1.00 46.74 ? 37   ALA A O   1 
ATOM   264  C CB  . ALA A 1 37  ? 18.655  7.699   2.562   1.00 45.20 ? 37   ALA A CB  1 
ATOM   265  N N   . LEU A 1 38  ? 15.768  6.929   4.158   1.00 43.55 ? 38   LEU A N   1 
ATOM   266  C CA  . LEU A 1 38  ? 14.352  7.222   4.262   1.00 41.93 ? 38   LEU A CA  1 
ATOM   267  C C   . LEU A 1 38  ? 14.183  8.682   3.897   1.00 40.86 ? 38   LEU A C   1 
ATOM   268  O O   . LEU A 1 38  ? 14.611  9.551   4.642   1.00 38.11 ? 38   LEU A O   1 
ATOM   269  C CB  . LEU A 1 38  ? 13.878  6.954   5.690   1.00 41.58 ? 38   LEU A CB  1 
ATOM   270  C CG  . LEU A 1 38  ? 12.371  6.853   5.926   1.00 43.43 ? 38   LEU A CG  1 
ATOM   271  C CD1 . LEU A 1 38  ? 11.762  5.824   4.976   1.00 42.82 ? 38   LEU A CD1 1 
ATOM   272  C CD2 . LEU A 1 38  ? 12.115  6.473   7.390   1.00 42.59 ? 38   LEU A CD2 1 
ATOM   273  N N   . MET A 1 39  ? 13.562  8.943   2.753   1.00 41.97 ? 39   MET A N   1 
ATOM   274  C CA  . MET A 1 39  ? 13.358  10.302  2.256   1.00 42.91 ? 39   MET A CA  1 
ATOM   275  C C   . MET A 1 39  ? 12.010  10.906  2.654   1.00 41.86 ? 39   MET A C   1 
ATOM   276  O O   . MET A 1 39  ? 10.984  10.242  2.612   1.00 41.68 ? 39   MET A O   1 
ATOM   277  C CB  . MET A 1 39  ? 13.462  10.299  0.727   1.00 44.07 ? 39   MET A CB  1 
ATOM   278  C CG  . MET A 1 39  ? 14.517  11.200  0.149   1.00 46.73 ? 39   MET A CG  1 
ATOM   279  S SD  . MET A 1 39  ? 16.196  10.769  0.672   1.00 53.78 ? 39   MET A SD  1 
ATOM   280  C CE  . MET A 1 39  ? 16.977  12.382  0.573   1.00 44.65 ? 39   MET A CE  1 
ATOM   281  N N   . VAL A 1 40  ? 12.033  12.175  3.039   1.00 40.60 ? 40   VAL A N   1 
ATOM   282  C CA  . VAL A 1 40  ? 10.818  12.878  3.399   1.00 41.35 ? 40   VAL A CA  1 
ATOM   283  C C   . VAL A 1 40  ? 10.221  13.415  2.107   1.00 41.59 ? 40   VAL A C   1 
ATOM   284  O O   . VAL A 1 40  ? 10.621  14.444  1.620   1.00 43.56 ? 40   VAL A O   1 
ATOM   285  C CB  . VAL A 1 40  ? 11.114  14.054  4.346   1.00 41.14 ? 40   VAL A CB  1 
ATOM   286  C CG1 . VAL A 1 40  ? 9.818   14.780  4.679   1.00 38.65 ? 40   VAL A CG1 1 
ATOM   287  C CG2 . VAL A 1 40  ? 11.788  13.547  5.614   1.00 40.57 ? 40   VAL A CG2 1 
ATOM   288  N N   . ASP A 1 41  ? 9.251   12.702  1.555   1.00 41.94 ? 41   ASP A N   1 
ATOM   289  C CA  . ASP A 1 41  ? 8.613   13.100  0.301   1.00 42.47 ? 41   ASP A CA  1 
ATOM   290  C C   . ASP A 1 41  ? 7.681   14.290  0.474   1.00 42.64 ? 41   ASP A C   1 
ATOM   291  O O   . ASP A 1 41  ? 7.698   15.200  -0.354  1.00 40.77 ? 41   ASP A O   1 
ATOM   292  C CB  . ASP A 1 41  ? 7.860   11.912  -0.296  1.00 44.04 ? 41   ASP A CB  1 
ATOM   293  C CG  . ASP A 1 41  ? 7.670   12.047  -1.792  1.00 45.06 ? 41   ASP A CG  1 
ATOM   294  O OD1 . ASP A 1 41  ? 8.675   12.218  -2.512  1.00 49.53 ? 41   ASP A OD1 1 
ATOM   295  O OD2 . ASP A 1 41  ? 6.516   11.999  -2.257  1.00 50.20 ? 41   ASP A OD2 1 
ATOM   296  N N   . ARG A 1 42  ? 6.864   14.278  1.524   1.00 43.48 ? 42   ARG A N   1 
ATOM   297  C CA  . ARG A 1 42  ? 5.970   15.410  1.786   1.00 42.40 ? 42   ARG A CA  1 
ATOM   298  C C   . ARG A 1 42  ? 5.137   15.302  3.044   1.00 41.34 ? 42   ARG A C   1 
ATOM   299  O O   . ARG A 1 42  ? 5.006   14.229  3.608   1.00 40.17 ? 42   ARG A O   1 
ATOM   300  C CB  . ARG A 1 42  ? 5.024   15.632  0.619   1.00 47.11 ? 42   ARG A CB  1 
ATOM   301  C CG  . ARG A 1 42  ? 3.838   14.712  0.619   1.00 43.01 ? 42   ARG A CG  1 
ATOM   302  C CD  . ARG A 1 42  ? 2.890   15.019  -0.537  1.00 47.88 ? 42   ARG A CD  1 
ATOM   303  N NE  . ARG A 1 42  ? 3.608   15.224  -1.798  1.00 48.14 ? 42   ARG A NE  1 
ATOM   304  C CZ  . ARG A 1 42  ? 4.113   16.398  -2.177  1.00 48.63 ? 42   ARG A CZ  1 
ATOM   305  N NH1 . ARG A 1 42  ? 4.775   16.529  -3.332  1.00 47.35 ? 42   ARG A NH1 1 
ATOM   306  N NH2 . ARG A 1 42  ? 3.917   17.461  -1.398  1.00 49.87 ? 42   ARG A NH2 1 
ATOM   307  N N   . VAL A 1 43  ? 4.571   16.434  3.456   1.00 39.03 ? 43   VAL A N   1 
ATOM   308  C CA  . VAL A 1 43  ? 3.704   16.510  4.622   1.00 39.01 ? 43   VAL A CA  1 
ATOM   309  C C   . VAL A 1 43  ? 2.339   16.846  4.049   1.00 39.86 ? 43   VAL A C   1 
ATOM   310  O O   . VAL A 1 43  ? 2.204   17.827  3.327   1.00 38.60 ? 43   VAL A O   1 
ATOM   311  C CB  . VAL A 1 43  ? 4.139   17.640  5.597   1.00 39.62 ? 43   VAL A CB  1 
ATOM   312  C CG1 . VAL A 1 43  ? 3.245   17.647  6.806   1.00 38.03 ? 43   VAL A CG1 1 
ATOM   313  C CG2 . VAL A 1 43  ? 5.574   17.456  6.013   1.00 39.16 ? 43   VAL A CG2 1 
ATOM   314  N N   . LEU A 1 44  ? 1.338   16.028  4.362   1.00 40.49 ? 44   LEU A N   1 
ATOM   315  C CA  . LEU A 1 44  ? -0.013  16.233  3.851   1.00 40.53 ? 44   LEU A CA  1 
ATOM   316  C C   . LEU A 1 44  ? -0.500  17.667  4.027   1.00 40.32 ? 44   LEU A C   1 
ATOM   317  O O   . LEU A 1 44  ? -0.464  18.212  5.131   1.00 42.01 ? 44   LEU A O   1 
ATOM   318  C CB  . LEU A 1 44  ? -0.983  15.266  4.530   1.00 38.21 ? 44   LEU A CB  1 
ATOM   319  C CG  . LEU A 1 44  ? -0.707  13.786  4.258   1.00 39.81 ? 44   LEU A CG  1 
ATOM   320  C CD1 . LEU A 1 44  ? -1.779  12.952  4.913   1.00 39.26 ? 44   LEU A CD1 1 
ATOM   321  C CD2 . LEU A 1 44  ? -0.678  13.510  2.756   1.00 42.57 ? 44   LEU A CD2 1 
ATOM   322  N N   . TYR A 1 45  ? -0.927  18.266  2.917   1.00 39.78 ? 45   TYR A N   1 
ATOM   323  C CA  . TYR A 1 45  ? -1.429  19.636  2.882   1.00 39.48 ? 45   TYR A CA  1 
ATOM   324  C C   . TYR A 1 45  ? -2.661  19.863  3.745   1.00 38.93 ? 45   TYR A C   1 
ATOM   325  O O   . TYR A 1 45  ? -2.807  20.925  4.344   1.00 37.83 ? 45   TYR A O   1 
ATOM   326  C CB  . TYR A 1 45  ? -1.749  20.031  1.438   1.00 40.51 ? 45   TYR A CB  1 
ATOM   327  C CG  . TYR A 1 45  ? -0.533  20.396  0.594   1.00 42.12 ? 45   TYR A CG  1 
ATOM   328  C CD1 . TYR A 1 45  ? 0.678   19.717  0.740   1.00 42.39 ? 45   TYR A CD1 1 
ATOM   329  C CD2 . TYR A 1 45  ? -0.612  21.391  -0.383  1.00 43.37 ? 45   TYR A CD2 1 
ATOM   330  C CE1 . TYR A 1 45  ? 1.767   20.016  -0.056  1.00 43.18 ? 45   TYR A CE1 1 
ATOM   331  C CE2 . TYR A 1 45  ? 0.477   21.698  -1.192  1.00 41.26 ? 45   TYR A CE2 1 
ATOM   332  C CZ  . TYR A 1 45  ? 1.663   21.010  -1.023  1.00 43.92 ? 45   TYR A CZ  1 
ATOM   333  O OH  . TYR A 1 45  ? 2.756   21.320  -1.797  1.00 41.63 ? 45   TYR A OH  1 
ATOM   334  N N   . GLY A 1 46  ? -3.531  18.863  3.820   1.00 39.96 ? 46   GLY A N   1 
ATOM   335  C CA  . GLY A 1 46  ? -4.747  19.002  4.604   1.00 41.56 ? 46   GLY A CA  1 
ATOM   336  C C   . GLY A 1 46  ? -4.687  18.373  5.976   1.00 41.85 ? 46   GLY A C   1 
ATOM   337  O O   . GLY A 1 46  ? -3.691  17.731  6.317   1.00 42.82 ? 46   GLY A O   1 
ATOM   338  N N   . ALA A 1 47  ? -5.758  18.557  6.749   1.00 41.48 ? 47   ALA A N   1 
ATOM   339  C CA  . ALA A 1 47  ? -5.844  18.024  8.106   1.00 40.39 ? 47   ALA A CA  1 
ATOM   340  C C   . ALA A 1 47  ? -6.219  16.557  8.009   1.00 39.91 ? 47   ALA A C   1 
ATOM   341  O O   . ALA A 1 47  ? -7.290  16.149  8.418   1.00 38.56 ? 47   ALA A O   1 
ATOM   342  C CB  . ALA A 1 47  ? -6.881  18.787  8.900   1.00 39.15 ? 47   ALA A CB  1 
ATOM   343  N N   . GLN A 1 48  ? -5.310  15.770  7.446   1.00 39.57 ? 48   GLN A N   1 
ATOM   344  C CA  . GLN A 1 48  ? -5.524  14.339  7.253   1.00 39.51 ? 48   GLN A CA  1 
ATOM   345  C C   . GLN A 1 48  ? -4.369  13.510  7.780   1.00 39.70 ? 48   GLN A C   1 
ATOM   346  O O   . GLN A 1 48  ? -3.361  14.038  8.217   1.00 38.55 ? 48   GLN A O   1 
ATOM   347  C CB  . GLN A 1 48  ? -5.721  14.029  5.765   1.00 39.17 ? 48   GLN A CB  1 
ATOM   348  C CG  . GLN A 1 48  ? -6.976  14.626  5.164   1.00 41.93 ? 48   GLN A CG  1 
ATOM   349  C CD  . GLN A 1 48  ? -6.991  14.556  3.650   1.00 41.24 ? 48   GLN A CD  1 
ATOM   350  O OE1 . GLN A 1 48  ? -6.366  15.371  2.985   1.00 39.08 ? 48   GLN A OE1 1 
ATOM   351  N NE2 . GLN A 1 48  ? -7.693  13.576  3.100   1.00 40.23 ? 48   GLN A NE2 1 
ATOM   352  N N   . ASN A 1 49  ? -4.540  12.194  7.733   1.00 40.14 ? 49   ASN A N   1 
ATOM   353  C CA  . ASN A 1 49  ? -3.536  11.241  8.195   1.00 41.64 ? 49   ASN A CA  1 
ATOM   354  C C   . ASN A 1 49  ? -3.861  9.894   7.572   1.00 42.05 ? 49   ASN A C   1 
ATOM   355  O O   . ASN A 1 49  ? -5.024  9.531   7.456   1.00 43.39 ? 49   ASN A O   1 
ATOM   356  C CB  . ASN A 1 49  ? -3.550  11.120  9.728   1.00 42.28 ? 49   ASN A CB  1 
ATOM   357  C CG  . ASN A 1 49  ? -4.949  10.958  10.295  1.00 43.83 ? 49   ASN A CG  1 
ATOM   358  O OD1 . ASN A 1 49  ? -5.700  11.936  10.465  1.00 40.70 ? 49   ASN A OD1 1 
ATOM   359  N ND2 . ASN A 1 49  ? -5.320  9.712   10.573  1.00 45.40 ? 49   ASN A ND2 1 
ATOM   360  N N   . TYR A 1 50  ? -2.832  9.159   7.168   1.00 41.05 ? 50   TYR A N   1 
ATOM   361  C CA  . TYR A 1 50  ? -3.037  7.866   6.528   1.00 39.69 ? 50   TYR A CA  1 
ATOM   362  C C   . TYR A 1 50  ? -3.891  6.906   7.324   1.00 40.54 ? 50   TYR A C   1 
ATOM   363  O O   . TYR A 1 50  ? -3.669  6.711   8.506   1.00 37.13 ? 50   TYR A O   1 
ATOM   364  C CB  . TYR A 1 50  ? -1.696  7.223   6.184   1.00 39.30 ? 50   TYR A CB  1 
ATOM   365  C CG  . TYR A 1 50  ? -1.032  7.867   4.983   1.00 41.75 ? 50   TYR A CG  1 
ATOM   366  C CD1 . TYR A 1 50  ? -0.474  9.150   5.073   1.00 42.50 ? 50   TYR A CD1 1 
ATOM   367  C CD2 . TYR A 1 50  ? -1.003  7.215   3.750   1.00 41.11 ? 50   TYR A CD2 1 
ATOM   368  C CE1 . TYR A 1 50  ? 0.095   9.771   3.973   1.00 39.29 ? 50   TYR A CE1 1 
ATOM   369  C CE2 . TYR A 1 50  ? -0.437  7.830   2.635   1.00 42.93 ? 50   TYR A CE2 1 
ATOM   370  C CZ  . TYR A 1 50  ? 0.109   9.110   2.758   1.00 43.05 ? 50   TYR A CZ  1 
ATOM   371  O OH  . TYR A 1 50  ? 0.653   9.726   1.659   1.00 41.46 ? 50   TYR A OH  1 
ATOM   372  N N   . PRO A 1 51  ? -4.912  6.316   6.676   1.00 40.90 ? 51   PRO A N   1 
ATOM   373  C CA  . PRO A 1 51  ? -5.855  5.359   7.267   1.00 41.23 ? 51   PRO A CA  1 
ATOM   374  C C   . PRO A 1 51  ? -5.252  3.984   7.546   1.00 42.79 ? 51   PRO A C   1 
ATOM   375  O O   . PRO A 1 51  ? -5.917  3.104   8.087   1.00 39.54 ? 51   PRO A O   1 
ATOM   376  C CB  . PRO A 1 51  ? -6.971  5.300   6.222   1.00 42.72 ? 51   PRO A CB  1 
ATOM   377  C CG  . PRO A 1 51  ? -6.223  5.433   4.972   1.00 43.58 ? 51   PRO A CG  1 
ATOM   378  C CD  . PRO A 1 51  ? -5.262  6.571   5.267   1.00 41.30 ? 51   PRO A CD  1 
ATOM   379  N N   . ALA A 1 52  ? -3.989  3.808   7.174   1.00 41.27 ? 52   ALA A N   1 
ATOM   380  C CA  . ALA A 1 52  ? -3.278  2.551   7.369   1.00 38.81 ? 52   ALA A CA  1 
ATOM   381  C C   . ALA A 1 52  ? -1.795  2.701   7.083   1.00 38.22 ? 52   ALA A C   1 
ATOM   382  O O   . ALA A 1 52  ? -1.342  3.745   6.649   1.00 34.86 ? 52   ALA A O   1 
ATOM   383  C CB  . ALA A 1 52  ? -3.875  1.467   6.465   1.00 38.00 ? 52   ALA A CB  1 
ATOM   384  N N   . ASN A 1 53  ? -1.034  1.650   7.362   1.00 38.42 ? 53   ASN A N   1 
ATOM   385  C CA  . ASN A 1 53  ? 0.400   1.652   7.093   1.00 38.23 ? 53   ASN A CA  1 
ATOM   386  C C   . ASN A 1 53  ? 0.610   1.565   5.577   1.00 39.27 ? 53   ASN A C   1 
ATOM   387  O O   . ASN A 1 53  ? 0.009   0.746   4.888   1.00 38.32 ? 53   ASN A O   1 
ATOM   388  C CB  . ASN A 1 53  ? 1.068   0.468   7.790   1.00 38.26 ? 53   ASN A CB  1 
ATOM   389  C CG  . ASN A 1 53  ? 1.003   0.573   9.297   1.00 38.75 ? 53   ASN A CG  1 
ATOM   390  O OD1 . ASN A 1 53  ? 1.583   1.469   9.886   1.00 39.50 ? 53   ASN A OD1 1 
ATOM   391  N ND2 . ASN A 1 53  ? 0.291   -0.345  9.924   1.00 37.95 ? 53   ASN A ND2 1 
ATOM   392  N N   . TYR A 1 54  ? 1.449   2.449   5.051   1.00 39.84 ? 54   TYR A N   1 
ATOM   393  C CA  . TYR A 1 54  ? 1.707   2.494   3.622   1.00 39.26 ? 54   TYR A CA  1 
ATOM   394  C C   . TYR A 1 54  ? 3.137   2.071   3.294   1.00 38.82 ? 54   TYR A C   1 
ATOM   395  O O   . TYR A 1 54  ? 4.094   2.499   3.933   1.00 33.91 ? 54   TYR A O   1 
ATOM   396  C CB  . TYR A 1 54  ? 1.477   3.914   3.097   1.00 40.06 ? 54   TYR A CB  1 
ATOM   397  C CG  . TYR A 1 54  ? 1.480   3.998   1.576   1.00 42.42 ? 54   TYR A CG  1 
ATOM   398  C CD1 . TYR A 1 54  ? 0.318   3.772   0.847   1.00 45.45 ? 54   TYR A CD1 1 
ATOM   399  C CD2 . TYR A 1 54  ? 2.656   4.283   0.866   1.00 38.31 ? 54   TYR A CD2 1 
ATOM   400  C CE1 . TYR A 1 54  ? 0.327   3.829   -0.545  1.00 46.21 ? 54   TYR A CE1 1 
ATOM   401  C CE2 . TYR A 1 54  ? 2.668   4.336   -0.515  1.00 38.38 ? 54   TYR A CE2 1 
ATOM   402  C CZ  . TYR A 1 54  ? 1.506   4.112   -1.205  1.00 42.46 ? 54   TYR A CZ  1 
ATOM   403  O OH  . TYR A 1 54  ? 1.499   4.171   -2.565  1.00 45.18 ? 54   TYR A OH  1 
ATOM   404  N N   . GLY A 1 55  ? 3.275   1.238   2.274   1.00 40.42 ? 55   GLY A N   1 
ATOM   405  C CA  . GLY A 1 55  ? 4.585   0.768   1.865   1.00 41.79 ? 55   GLY A CA  1 
ATOM   406  C C   . GLY A 1 55  ? 4.595   0.227   0.448   1.00 42.20 ? 55   GLY A C   1 
ATOM   407  O O   . GLY A 1 55  ? 3.713   0.498   -0.342  1.00 41.19 ? 55   GLY A O   1 
ATOM   408  N N   . PHE A 1 56  ? 5.616   -0.548  0.116   1.00 42.81 ? 56   PHE A N   1 
ATOM   409  C CA  . PHE A 1 56  ? 5.740   -1.108  -1.223  1.00 43.12 ? 56   PHE A CA  1 
ATOM   410  C C   . PHE A 1 56  ? 6.342   -2.504  -1.180  1.00 42.88 ? 56   PHE A C   1 
ATOM   411  O O   . PHE A 1 56  ? 7.053   -2.845  -0.244  1.00 40.14 ? 56   PHE A O   1 
ATOM   412  C CB  . PHE A 1 56  ? 6.620   -0.197  -2.095  1.00 43.32 ? 56   PHE A CB  1 
ATOM   413  C CG  . PHE A 1 56  ? 8.078   -0.210  -1.719  1.00 43.06 ? 56   PHE A CG  1 
ATOM   414  C CD1 . PHE A 1 56  ? 8.928   -1.207  -2.202  1.00 43.07 ? 56   PHE A CD1 1 
ATOM   415  C CD2 . PHE A 1 56  ? 8.601   0.768   -0.882  1.00 42.42 ? 56   PHE A CD2 1 
ATOM   416  C CE1 . PHE A 1 56  ? 10.286  -1.233  -1.859  1.00 39.85 ? 56   PHE A CE1 1 
ATOM   417  C CE2 . PHE A 1 56  ? 9.964   0.750   -0.532  1.00 40.90 ? 56   PHE A CE2 1 
ATOM   418  C CZ  . PHE A 1 56  ? 10.804  -0.257  -1.022  1.00 41.25 ? 56   PHE A CZ  1 
ATOM   419  N N   . VAL A 1 57  ? 6.046   -3.300  -2.196  1.00 43.11 ? 57   VAL A N   1 
ATOM   420  C CA  . VAL A 1 57  ? 6.579   -4.650  -2.300  1.00 44.00 ? 57   VAL A CA  1 
ATOM   421  C C   . VAL A 1 57  ? 7.861   -4.569  -3.119  1.00 44.14 ? 57   VAL A C   1 
ATOM   422  O O   . VAL A 1 57  ? 7.843   -4.134  -4.260  1.00 46.39 ? 57   VAL A O   1 
ATOM   423  C CB  . VAL A 1 57  ? 5.583   -5.602  -2.993  1.00 43.71 ? 57   VAL A CB  1 
ATOM   424  C CG1 . VAL A 1 57  ? 6.192   -7.003  -3.070  1.00 43.45 ? 57   VAL A CG1 1 
ATOM   425  C CG2 . VAL A 1 57  ? 4.263   -5.635  -2.222  1.00 40.74 ? 57   VAL A CG2 1 
ATOM   426  N N   . PRO A 1 58  ? 8.997   -4.969  -2.528  1.00 42.87 ? 58   PRO A N   1 
ATOM   427  C CA  . PRO A 1 58  ? 10.278  -4.917  -3.240  1.00 42.54 ? 58   PRO A CA  1 
ATOM   428  C C   . PRO A 1 58  ? 10.407  -5.946  -4.356  1.00 42.75 ? 58   PRO A C   1 
ATOM   429  O O   . PRO A 1 58  ? 9.760   -6.990  -4.324  1.00 42.04 ? 58   PRO A O   1 
ATOM   430  C CB  . PRO A 1 58  ? 11.299  -5.127  -2.124  1.00 43.41 ? 58   PRO A CB  1 
ATOM   431  C CG  . PRO A 1 58  ? 10.574  -6.057  -1.202  1.00 44.45 ? 58   PRO A CG  1 
ATOM   432  C CD  . PRO A 1 58  ? 9.182   -5.456  -1.150  1.00 40.98 ? 58   PRO A CD  1 
ATOM   433  N N   . ASN A 1 59  ? 11.251  -5.638  -5.338  1.00 42.90 ? 59   ASN A N   1 
ATOM   434  C CA  . ASN A 1 59  ? 11.492  -6.528  -6.475  1.00 42.51 ? 59   ASN A CA  1 
ATOM   435  C C   . ASN A 1 59  ? 10.262  -6.732  -7.356  1.00 42.80 ? 59   ASN A C   1 
ATOM   436  O O   . ASN A 1 59  ? 10.006  -7.827  -7.840  1.00 41.93 ? 59   ASN A O   1 
ATOM   437  C CB  . ASN A 1 59  ? 12.019  -7.879  -5.984  1.00 44.45 ? 59   ASN A CB  1 
ATOM   438  C CG  . ASN A 1 59  ? 13.358  -7.767  -5.327  1.00 44.72 ? 59   ASN A CG  1 
ATOM   439  O OD1 . ASN A 1 59  ? 13.916  -8.758  -4.893  1.00 53.31 ? 59   ASN A OD1 1 
ATOM   440  N ND2 . ASN A 1 59  ? 13.881  -6.552  -5.244  1.00 47.62 ? 59   ASN A ND2 1 
ATOM   441  N N   . THR A 1 60  ? 9.504   -5.660  -7.553  1.00 43.44 ? 60   THR A N   1 
ATOM   442  C CA  . THR A 1 60  ? 8.304   -5.673  -8.375  1.00 43.65 ? 60   THR A CA  1 
ATOM   443  C C   . THR A 1 60  ? 8.269   -4.355  -9.151  1.00 42.86 ? 60   THR A C   1 
ATOM   444  O O   . THR A 1 60  ? 8.929   -3.371  -8.765  1.00 43.77 ? 60   THR A O   1 
ATOM   445  C CB  . THR A 1 60  ? 7.014   -5.789  -7.511  1.00 45.22 ? 60   THR A CB  1 
ATOM   446  O OG1 . THR A 1 60  ? 6.940   -4.686  -6.597  1.00 42.26 ? 60   THR A OG1 1 
ATOM   447  C CG2 . THR A 1 60  ? 6.997   -7.105  -6.730  1.00 40.88 ? 60   THR A CG2 1 
ATOM   448  N N   . LEU A 1 61  ? 7.506   -4.331  -10.240 1.00 42.43 ? 61   LEU A N   1 
ATOM   449  C CA  . LEU A 1 61  ? 7.429   -3.116  -11.041 1.00 43.32 ? 61   LEU A CA  1 
ATOM   450  C C   . LEU A 1 61  ? 5.986   -2.738  -11.335 1.00 42.93 ? 61   LEU A C   1 
ATOM   451  O O   . LEU A 1 61  ? 5.329   -3.371  -12.145 1.00 44.68 ? 61   LEU A O   1 
ATOM   452  C CB  . LEU A 1 61  ? 8.210   -3.314  -12.344 1.00 44.79 ? 61   LEU A CB  1 
ATOM   453  C CG  . LEU A 1 61  ? 8.739   -2.085  -13.094 1.00 44.97 ? 61   LEU A CG  1 
ATOM   454  C CD1 . LEU A 1 61  ? 9.401   -1.109  -12.118 1.00 45.62 ? 61   LEU A CD1 1 
ATOM   455  C CD2 . LEU A 1 61  ? 9.753   -2.539  -14.138 1.00 43.54 ? 61   LEU A CD2 1 
ATOM   456  N N   . GLY A 1 62  ? 5.501   -1.706  -10.656 1.00 43.13 ? 62   GLY A N   1 
ATOM   457  C CA  . GLY A 1 62  ? 4.127   -1.272  -10.838 1.00 43.57 ? 62   GLY A CA  1 
ATOM   458  C C   . GLY A 1 62  ? 3.897   -0.446  -12.083 1.00 44.23 ? 62   GLY A C   1 
ATOM   459  O O   . GLY A 1 62  ? 4.841   -0.141  -12.817 1.00 45.63 ? 62   GLY A O   1 
ATOM   460  N N   . SER A 1 63  ? 2.637   -0.083  -12.312 1.00 43.46 ? 63   SER A N   1 
ATOM   461  C CA  . SER A 1 63  ? 2.251   0.705   -13.476 1.00 44.04 ? 63   SER A CA  1 
ATOM   462  C C   . SER A 1 63  ? 2.989   2.025   -13.671 1.00 43.23 ? 63   SER A C   1 
ATOM   463  O O   . SER A 1 63  ? 3.093   2.519   -14.800 1.00 44.03 ? 63   SER A O   1 
ATOM   464  C CB  . SER A 1 63  ? 0.750   0.989   -13.437 1.00 42.57 ? 63   SER A CB  1 
ATOM   465  O OG  . SER A 1 63  ? 0.016   -0.090  -13.991 1.00 49.52 ? 63   SER A OG  1 
ATOM   466  N N   . ASP A 1 64  ? 3.494   2.598   -12.583 1.00 43.44 ? 64   ASP A N   1 
ATOM   467  C CA  . ASP A 1 64  ? 4.187   3.876   -12.673 1.00 43.38 ? 64   ASP A CA  1 
ATOM   468  C C   . ASP A 1 64  ? 5.710   3.798   -12.719 1.00 42.13 ? 64   ASP A C   1 
ATOM   469  O O   . ASP A 1 64  ? 6.394   4.828   -12.601 1.00 44.02 ? 64   ASP A O   1 
ATOM   470  C CB  . ASP A 1 64  ? 3.750   4.781   -11.515 1.00 44.68 ? 64   ASP A CB  1 
ATOM   471  C CG  . ASP A 1 64  ? 4.208   4.269   -10.149 1.00 46.18 ? 64   ASP A CG  1 
ATOM   472  O OD1 . ASP A 1 64  ? 4.675   3.102   -10.055 1.00 43.00 ? 64   ASP A OD1 1 
ATOM   473  O OD2 . ASP A 1 64  ? 4.080   5.055   -9.173  1.00 46.47 ? 64   ASP A OD2 1 
ATOM   474  N N   . GLY A 1 65  ? 6.241   2.593   -12.903 1.00 40.49 ? 65   GLY A N   1 
ATOM   475  C CA  . GLY A 1 65  ? 7.687   2.441   -12.957 1.00 41.94 ? 65   GLY A CA  1 
ATOM   476  C C   . GLY A 1 65  ? 8.358   2.171   -11.623 1.00 43.00 ? 65   GLY A C   1 
ATOM   477  O O   . GLY A 1 65  ? 9.541   1.829   -11.577 1.00 44.01 ? 65   GLY A O   1 
ATOM   478  N N   . ASP A 1 66  ? 7.618   2.343   -10.531 1.00 43.22 ? 66   ASP A N   1 
ATOM   479  C CA  . ASP A 1 66  ? 8.147   2.089   -9.190  1.00 43.22 ? 66   ASP A CA  1 
ATOM   480  C C   . ASP A 1 66  ? 7.544   0.797   -8.664  1.00 42.89 ? 66   ASP A C   1 
ATOM   481  O O   . ASP A 1 66  ? 6.538   0.325   -9.188  1.00 43.03 ? 66   ASP A O   1 
ATOM   482  C CB  . ASP A 1 66  ? 7.806   3.241   -8.231  1.00 43.92 ? 66   ASP A CB  1 
ATOM   483  C CG  . ASP A 1 66  ? 8.481   4.540   -8.616  1.00 44.08 ? 66   ASP A CG  1 
ATOM   484  O OD1 . ASP A 1 66  ? 9.696   4.521   -8.928  1.00 45.31 ? 66   ASP A OD1 1 
ATOM   485  O OD2 . ASP A 1 66  ? 7.793   5.582   -8.595  1.00 43.98 ? 66   ASP A OD2 1 
ATOM   486  N N   . PRO A 1 67  ? 8.164   0.192   -7.634  1.00 42.49 ? 67   PRO A N   1 
ATOM   487  C CA  . PRO A 1 67  ? 7.613   -1.057  -7.093  1.00 42.39 ? 67   PRO A CA  1 
ATOM   488  C C   . PRO A 1 67  ? 6.149   -0.884  -6.691  1.00 43.84 ? 67   PRO A C   1 
ATOM   489  O O   . PRO A 1 67  ? 5.767   0.151   -6.139  1.00 42.08 ? 67   PRO A O   1 
ATOM   490  C CB  . PRO A 1 67  ? 8.523   -1.367  -5.896  1.00 42.52 ? 67   PRO A CB  1 
ATOM   491  C CG  . PRO A 1 67  ? 9.011   -0.007  -5.484  1.00 44.60 ? 67   PRO A CG  1 
ATOM   492  C CD  . PRO A 1 67  ? 9.300   0.658   -6.820  1.00 41.40 ? 67   PRO A CD  1 
ATOM   493  N N   . VAL A 1 68  ? 5.334   -1.894  -6.985  1.00 44.86 ? 68   VAL A N   1 
ATOM   494  C CA  . VAL A 1 68  ? 3.908   -1.850  -6.655  1.00 42.69 ? 68   VAL A CA  1 
ATOM   495  C C   . VAL A 1 68  ? 3.674   -1.449  -5.189  1.00 43.26 ? 68   VAL A C   1 
ATOM   496  O O   . VAL A 1 68  ? 4.334   -1.962  -4.278  1.00 43.40 ? 68   VAL A O   1 
ATOM   497  C CB  . VAL A 1 68  ? 3.229   -3.223  -6.913  1.00 42.29 ? 68   VAL A CB  1 
ATOM   498  C CG1 . VAL A 1 68  ? 3.829   -4.277  -6.014  1.00 41.30 ? 68   VAL A CG1 1 
ATOM   499  C CG2 . VAL A 1 68  ? 1.742   -3.118  -6.688  1.00 41.90 ? 68   VAL A CG2 1 
ATOM   500  N N   . ASP A 1 69  ? 2.737   -0.528  -4.974  1.00 42.60 ? 69   ASP A N   1 
ATOM   501  C CA  . ASP A 1 69  ? 2.410   -0.055  -3.644  1.00 41.51 ? 69   ASP A CA  1 
ATOM   502  C C   . ASP A 1 69  ? 1.414   -0.981  -2.950  1.00 41.44 ? 69   ASP A C   1 
ATOM   503  O O   . ASP A 1 69  ? 0.648   -1.712  -3.586  1.00 40.08 ? 69   ASP A O   1 
ATOM   504  C CB  . ASP A 1 69  ? 1.818   1.347   -3.721  1.00 42.50 ? 69   ASP A CB  1 
ATOM   505  C CG  . ASP A 1 69  ? 2.806   2.374   -4.219  1.00 42.75 ? 69   ASP A CG  1 
ATOM   506  O OD1 . ASP A 1 69  ? 3.857   2.541   -3.550  1.00 46.59 ? 69   ASP A OD1 1 
ATOM   507  O OD2 . ASP A 1 69  ? 2.520   3.010   -5.267  1.00 45.60 ? 69   ASP A OD2 1 
ATOM   508  N N   . ALA A 1 70  ? 1.421   -0.935  -1.624  1.00 42.93 ? 70   ALA A N   1 
ATOM   509  C CA  . ALA A 1 70  ? 0.517   -1.757  -0.830  1.00 42.17 ? 70   ALA A CA  1 
ATOM   510  C C   . ALA A 1 70  ? 0.224   -1.144  0.538   1.00 40.75 ? 70   ALA A C   1 
ATOM   511  O O   . ALA A 1 70  ? 1.119   -0.621  1.207   1.00 39.00 ? 70   ALA A O   1 
ATOM   512  C CB  . ALA A 1 70  ? 1.103   -3.138  -0.648  1.00 44.11 ? 70   ALA A CB  1 
ATOM   513  N N   . LEU A 1 71  ? -1.043  -1.198  0.932   1.00 39.46 ? 71   LEU A N   1 
ATOM   514  C CA  . LEU A 1 71  ? -1.449  -0.687  2.228   1.00 40.09 ? 71   LEU A CA  1 
ATOM   515  C C   . LEU A 1 71  ? -1.572  -1.854  3.197   1.00 41.17 ? 71   LEU A C   1 
ATOM   516  O O   . LEU A 1 71  ? -2.238  -2.842  2.904   1.00 41.32 ? 71   LEU A O   1 
ATOM   517  C CB  . LEU A 1 71  ? -2.793  0.035   2.130   1.00 39.81 ? 71   LEU A CB  1 
ATOM   518  C CG  . LEU A 1 71  ? -2.843  1.385   1.411   1.00 41.88 ? 71   LEU A CG  1 
ATOM   519  C CD1 . LEU A 1 71  ? -2.727  1.210   -0.098  1.00 43.17 ? 71   LEU A CD1 1 
ATOM   520  C CD2 . LEU A 1 71  ? -4.157  2.052   1.735   1.00 44.81 ? 71   LEU A CD2 1 
ATOM   521  N N   . VAL A 1 72  ? -0.909  -1.743  4.346   1.00 42.31 ? 72   VAL A N   1 
ATOM   522  C CA  . VAL A 1 72  ? -0.956  -2.786  5.366   1.00 39.40 ? 72   VAL A CA  1 
ATOM   523  C C   . VAL A 1 72  ? -1.882  -2.370  6.507   1.00 38.35 ? 72   VAL A C   1 
ATOM   524  O O   . VAL A 1 72  ? -1.548  -1.541  7.334   1.00 32.73 ? 72   VAL A O   1 
ATOM   525  C CB  . VAL A 1 72  ? 0.456   -3.094  5.921   1.00 42.47 ? 72   VAL A CB  1 
ATOM   526  C CG1 . VAL A 1 72  ? 0.387   -4.222  6.937   1.00 40.02 ? 72   VAL A CG1 1 
ATOM   527  C CG2 . VAL A 1 72  ? 1.383   -3.457  4.781   1.00 41.30 ? 72   VAL A CG2 1 
ATOM   528  N N   . LEU A 1 73  ? -3.071  -2.953  6.530   1.00 37.29 ? 73   LEU A N   1 
ATOM   529  C CA  . LEU A 1 73  ? -4.059  -2.645  7.546   1.00 39.53 ? 73   LEU A CA  1 
ATOM   530  C C   . LEU A 1 73  ? -3.838  -3.399  8.848   1.00 41.30 ? 73   LEU A C   1 
ATOM   531  O O   . LEU A 1 73  ? -3.499  -4.582  8.852   1.00 43.09 ? 73   LEU A O   1 
ATOM   532  C CB  . LEU A 1 73  ? -5.462  -2.943  7.008   1.00 39.83 ? 73   LEU A CB  1 
ATOM   533  C CG  . LEU A 1 73  ? -6.052  -1.982  5.965   1.00 41.54 ? 73   LEU A CG  1 
ATOM   534  C CD1 . LEU A 1 73  ? -5.168  -1.934  4.727   1.00 42.33 ? 73   LEU A CD1 1 
ATOM   535  C CD2 . LEU A 1 73  ? -7.443  -2.434  5.594   1.00 39.49 ? 73   LEU A CD2 1 
ATOM   536  N N   . SER A 1 74  ? -4.028  -2.690  9.958   1.00 42.34 ? 74   SER A N   1 
ATOM   537  C CA  . SER A 1 74  ? -3.875  -3.253  11.298  1.00 42.05 ? 74   SER A CA  1 
ATOM   538  C C   . SER A 1 74  ? -4.234  -2.192  12.312  1.00 42.27 ? 74   SER A C   1 
ATOM   539  O O   . SER A 1 74  ? -4.400  -1.035  11.943  1.00 40.00 ? 74   SER A O   1 
ATOM   540  C CB  . SER A 1 74  ? -2.445  -3.731  11.551  1.00 43.16 ? 74   SER A CB  1 
ATOM   541  O OG  . SER A 1 74  ? -1.544  -2.654  11.624  1.00 42.26 ? 74   SER A OG  1 
ATOM   542  N N   . ASP A 1 75  ? -4.363  -2.579  13.578  1.00 42.24 ? 75   ASP A N   1 
ATOM   543  C CA  . ASP A 1 75  ? -4.713  -1.620  14.622  1.00 42.53 ? 75   ASP A CA  1 
ATOM   544  C C   . ASP A 1 75  ? -3.530  -0.754  15.037  1.00 41.70 ? 75   ASP A C   1 
ATOM   545  O O   . ASP A 1 75  ? -3.716  0.368   15.517  1.00 43.74 ? 75   ASP A O   1 
ATOM   546  C CB  . ASP A 1 75  ? -5.280  -2.332  15.863  1.00 42.88 ? 75   ASP A CB  1 
ATOM   547  C CG  . ASP A 1 75  ? -6.618  -3.009  15.593  1.00 43.68 ? 75   ASP A CG  1 
ATOM   548  O OD1 . ASP A 1 75  ? -7.216  -2.760  14.523  1.00 40.09 ? 75   ASP A OD1 1 
ATOM   549  O OD2 . ASP A 1 75  ? -7.078  -3.781  16.465  1.00 44.61 ? 75   ASP A OD2 1 
ATOM   550  N N   . VAL A 1 76  ? -2.321  -1.272  14.834  1.00 41.01 ? 76   VAL A N   1 
ATOM   551  C CA  . VAL A 1 76  ? -1.118  -0.549  15.209  1.00 39.41 ? 76   VAL A CA  1 
ATOM   552  C C   . VAL A 1 76  ? -0.403  0.064   14.018  1.00 38.27 ? 76   VAL A C   1 
ATOM   553  O O   . VAL A 1 76  ? -0.585  -0.348  12.882  1.00 34.06 ? 76   VAL A O   1 
ATOM   554  C CB  . VAL A 1 76  ? -0.123  -1.474  15.971  1.00 42.84 ? 76   VAL A CB  1 
ATOM   555  C CG1 . VAL A 1 76  ? -0.789  -2.047  17.230  1.00 39.71 ? 76   VAL A CG1 1 
ATOM   556  C CG2 . VAL A 1 76  ? 0.372   -2.600  15.053  1.00 41.95 ? 76   VAL A CG2 1 
ATOM   557  N N   . ALA A 1 77  ? 0.419   1.066   14.296  1.00 38.54 ? 77   ALA A N   1 
ATOM   558  C CA  . ALA A 1 77  ? 1.190   1.748   13.269  1.00 39.20 ? 77   ALA A CA  1 
ATOM   559  C C   . ALA A 1 77  ? 2.635   1.244   13.281  1.00 38.69 ? 77   ALA A C   1 
ATOM   560  O O   . ALA A 1 77  ? 3.329   1.310   14.292  1.00 37.00 ? 77   ALA A O   1 
ATOM   561  C CB  . ALA A 1 77  ? 1.158   3.266   13.509  1.00 38.28 ? 77   ALA A CB  1 
ATOM   562  N N   . PHE A 1 78  ? 3.091   0.761   12.133  1.00 39.30 ? 78   PHE A N   1 
ATOM   563  C CA  . PHE A 1 78  ? 4.441   0.246   12.013  1.00 40.05 ? 78   PHE A CA  1 
ATOM   564  C C   . PHE A 1 78  ? 5.396   1.380   11.685  1.00 39.52 ? 78   PHE A C   1 
ATOM   565  O O   . PHE A 1 78  ? 5.044   2.307   10.954  1.00 38.62 ? 78   PHE A O   1 
ATOM   566  C CB  . PHE A 1 78  ? 4.499   -0.835  10.918  1.00 40.63 ? 78   PHE A CB  1 
ATOM   567  C CG  . PHE A 1 78  ? 3.625   -2.034  11.192  1.00 41.95 ? 78   PHE A CG  1 
ATOM   568  C CD1 . PHE A 1 78  ? 3.789   -2.785  12.351  1.00 40.18 ? 78   PHE A CD1 1 
ATOM   569  C CD2 . PHE A 1 78  ? 2.621   -2.405  10.304  1.00 41.99 ? 78   PHE A CD2 1 
ATOM   570  C CE1 . PHE A 1 78  ? 2.966   -3.871  12.607  1.00 38.43 ? 78   PHE A CE1 1 
ATOM   571  C CE2 . PHE A 1 78  ? 1.804   -3.496  10.573  1.00 39.31 ? 78   PHE A CE2 1 
ATOM   572  C CZ  . PHE A 1 78  ? 1.981   -4.216  11.723  1.00 37.39 ? 78   PHE A CZ  1 
ATOM   573  N N   . GLN A 1 79  ? 6.605   1.292   12.225  1.00 39.94 ? 79   GLN A N   1 
ATOM   574  C CA  . GLN A 1 79  ? 7.629   2.303   11.994  1.00 39.67 ? 79   GLN A CA  1 
ATOM   575  C C   . GLN A 1 79  ? 8.123   2.368   10.549  1.00 39.47 ? 79   GLN A C   1 
ATOM   576  O O   . GLN A 1 79  ? 8.452   1.355   9.948   1.00 37.90 ? 79   GLN A O   1 
ATOM   577  C CB  . GLN A 1 79  ? 8.821   2.059   12.928  1.00 38.74 ? 79   GLN A CB  1 
ATOM   578  C CG  . GLN A 1 79  ? 9.952   3.061   12.783  1.00 38.05 ? 79   GLN A CG  1 
ATOM   579  C CD  . GLN A 1 79  ? 10.951  2.983   13.923  1.00 38.99 ? 79   GLN A CD  1 
ATOM   580  O OE1 . GLN A 1 79  ? 10.621  3.242   15.079  1.00 37.51 ? 79   GLN A OE1 1 
ATOM   581  N NE2 . GLN A 1 79  ? 12.183  2.626   13.600  1.00 37.16 ? 79   GLN A NE2 1 
ATOM   582  N N   . ALA A 1 80  ? 8.155   3.574   9.997   1.00 39.50 ? 80   ALA A N   1 
ATOM   583  C CA  . ALA A 1 80  ? 8.629   3.774   8.636   1.00 39.92 ? 80   ALA A CA  1 
ATOM   584  C C   . ALA A 1 80  ? 10.061  3.262   8.519   1.00 40.37 ? 80   ALA A C   1 
ATOM   585  O O   . ALA A 1 80  ? 10.926  3.636   9.294   1.00 39.23 ? 80   ALA A O   1 
ATOM   586  C CB  . ALA A 1 80  ? 8.573   5.250   8.285   1.00 39.51 ? 80   ALA A CB  1 
ATOM   587  N N   . GLY A 1 81  ? 10.296  2.410   7.528   1.00 41.05 ? 81   GLY A N   1 
ATOM   588  C CA  . GLY A 1 81  ? 11.612  1.837   7.308   1.00 40.41 ? 81   GLY A CA  1 
ATOM   589  C C   . GLY A 1 81  ? 11.636  0.384   7.726   1.00 39.75 ? 81   GLY A C   1 
ATOM   590  O O   . GLY A 1 81  ? 12.589  -0.322  7.452   1.00 40.44 ? 81   GLY A O   1 
ATOM   591  N N   . SER A 1 82  ? 10.588  -0.048  8.420   1.00 38.83 ? 82   SER A N   1 
ATOM   592  C CA  . SER A 1 82  ? 10.475  -1.426  8.885   1.00 38.41 ? 82   SER A CA  1 
ATOM   593  C C   . SER A 1 82  ? 9.832   -2.281  7.794   1.00 39.75 ? 82   SER A C   1 
ATOM   594  O O   . SER A 1 82  ? 9.192   -1.770  6.880   1.00 40.89 ? 82   SER A O   1 
ATOM   595  C CB  . SER A 1 82  ? 9.634   -1.493  10.169  1.00 38.08 ? 82   SER A CB  1 
ATOM   596  O OG  . SER A 1 82  ? 8.267   -1.249  9.921   1.00 36.17 ? 82   SER A OG  1 
ATOM   597  N N   . VAL A 1 83  ? 10.011  -3.591  7.894   1.00 40.30 ? 83   VAL A N   1 
ATOM   598  C CA  . VAL A 1 83  ? 9.455   -4.507  6.913   1.00 40.88 ? 83   VAL A CA  1 
ATOM   599  C C   . VAL A 1 83  ? 8.483   -5.428  7.605   1.00 42.67 ? 83   VAL A C   1 
ATOM   600  O O   . VAL A 1 83  ? 8.737   -5.876  8.708   1.00 44.49 ? 83   VAL A O   1 
ATOM   601  C CB  . VAL A 1 83  ? 10.567  -5.354  6.233   1.00 42.07 ? 83   VAL A CB  1 
ATOM   602  C CG1 . VAL A 1 83  ? 9.978   -6.128  5.044   1.00 40.68 ? 83   VAL A CG1 1 
ATOM   603  C CG2 . VAL A 1 83  ? 11.705  -4.451  5.767   1.00 38.77 ? 83   VAL A CG2 1 
ATOM   604  N N   . VAL A 1 84  ? 7.373   -5.728  6.943   1.00 43.32 ? 84   VAL A N   1 
ATOM   605  C CA  . VAL A 1 84  ? 6.361   -6.603  7.527   1.00 42.23 ? 84   VAL A CA  1 
ATOM   606  C C   . VAL A 1 84  ? 5.835   -7.646  6.545   1.00 42.50 ? 84   VAL A C   1 
ATOM   607  O O   . VAL A 1 84  ? 5.438   -7.308  5.426   1.00 42.54 ? 84   VAL A O   1 
ATOM   608  C CB  . VAL A 1 84  ? 5.145   -5.780  8.050   1.00 43.81 ? 84   VAL A CB  1 
ATOM   609  C CG1 . VAL A 1 84  ? 4.533   -4.973  6.909   1.00 40.79 ? 84   VAL A CG1 1 
ATOM   610  C CG2 . VAL A 1 84  ? 4.098   -6.708  8.659   1.00 40.91 ? 84   VAL A CG2 1 
ATOM   611  N N   . LYS A 1 85  ? 5.843   -8.910  6.965   1.00 41.91 ? 85   LYS A N   1 
ATOM   612  C CA  . LYS A 1 85  ? 5.328   -9.983  6.129   1.00 42.41 ? 85   LYS A CA  1 
ATOM   613  C C   . LYS A 1 85  ? 3.808   -9.896  6.190   1.00 42.67 ? 85   LYS A C   1 
ATOM   614  O O   . LYS A 1 85  ? 3.218   -9.948  7.278   1.00 42.20 ? 85   LYS A O   1 
ATOM   615  C CB  . LYS A 1 85  ? 5.789   -11.353 6.635   1.00 43.68 ? 85   LYS A CB  1 
ATOM   616  C CG  . LYS A 1 85  ? 7.272   -11.647 6.426   1.00 44.01 ? 85   LYS A CG  1 
ATOM   617  C CD  . LYS A 1 85  ? 7.616   -13.043 6.942   1.00 46.75 ? 85   LYS A CD  1 
ATOM   618  C CE  . LYS A 1 85  ? 6.930   -14.136 6.092   1.00 52.19 ? 85   LYS A CE  1 
ATOM   619  N NZ  . LYS A 1 85  ? 6.934   -15.511 6.763   1.00 51.05 ? 85   LYS A NZ  1 
ATOM   620  N N   . ALA A 1 86  ? 3.180   -9.770  5.028   1.00 43.17 ? 86   ALA A N   1 
ATOM   621  C CA  . ALA A 1 86  ? 1.730   -9.652  4.975   1.00 43.28 ? 86   ALA A CA  1 
ATOM   622  C C   . ALA A 1 86  ? 1.079   -10.590 3.965   1.00 42.17 ? 86   ALA A C   1 
ATOM   623  O O   . ALA A 1 86  ? 1.747   -11.344 3.276   1.00 39.96 ? 86   ALA A O   1 
ATOM   624  C CB  . ALA A 1 86  ? 1.353   -8.205  4.661   1.00 45.24 ? 86   ALA A CB  1 
ATOM   625  N N   . ARG A 1 87  ? -0.243  -10.515 3.892   1.00 41.63 ? 87   ARG A N   1 
ATOM   626  C CA  . ARG A 1 87  ? -1.027  -11.326 2.972   1.00 42.74 ? 87   ARG A CA  1 
ATOM   627  C C   . ARG A 1 87  ? -2.040  -10.422 2.278   1.00 43.63 ? 87   ARG A C   1 
ATOM   628  O O   . ARG A 1 87  ? -2.569  -9.502  2.890   1.00 44.39 ? 87   ARG A O   1 
ATOM   629  C CB  . ARG A 1 87  ? -1.752  -12.441 3.736   1.00 41.57 ? 87   ARG A CB  1 
ATOM   630  C CG  . ARG A 1 87  ? -2.711  -11.960 4.819   1.00 42.35 ? 87   ARG A CG  1 
ATOM   631  C CD  . ARG A 1 87  ? -3.236  -13.144 5.638   1.00 41.74 ? 87   ARG A CD  1 
ATOM   632  N NE  . ARG A 1 87  ? -4.192  -12.761 6.671   1.00 40.11 ? 87   ARG A NE  1 
ATOM   633  C CZ  . ARG A 1 87  ? -5.449  -12.407 6.430   1.00 42.44 ? 87   ARG A CZ  1 
ATOM   634  N NH1 . ARG A 1 87  ? -6.241  -12.071 7.430   1.00 43.32 ? 87   ARG A NH1 1 
ATOM   635  N NH2 . ARG A 1 87  ? -5.923  -12.402 5.198   1.00 45.75 ? 87   ARG A NH2 1 
ATOM   636  N N   . LEU A 1 88  ? -2.307  -10.692 1.005   1.00 43.40 ? 88   LEU A N   1 
ATOM   637  C CA  . LEU A 1 88  ? -3.253  -9.898  0.226   1.00 41.87 ? 88   LEU A CA  1 
ATOM   638  C C   . LEU A 1 88  ? -4.706  -10.276 0.479   1.00 41.83 ? 88   LEU A C   1 
ATOM   639  O O   . LEU A 1 88  ? -5.025  -11.424 0.767   1.00 40.26 ? 88   LEU A O   1 
ATOM   640  C CB  . LEU A 1 88  ? -2.952  -10.033 -1.273  1.00 43.07 ? 88   LEU A CB  1 
ATOM   641  C CG  . LEU A 1 88  ? -1.585  -9.528  -1.739  1.00 43.12 ? 88   LEU A CG  1 
ATOM   642  C CD1 . LEU A 1 88  ? -1.354  -9.943  -3.188  1.00 41.05 ? 88   LEU A CD1 1 
ATOM   643  C CD2 . LEU A 1 88  ? -1.516  -8.019  -1.583  1.00 43.69 ? 88   LEU A CD2 1 
ATOM   644  N N   . VAL A 1 89  ? -5.586  -9.290  0.359   1.00 41.57 ? 89   VAL A N   1 
ATOM   645  C CA  . VAL A 1 89  ? -7.017  -9.500  0.560   1.00 40.15 ? 89   VAL A CA  1 
ATOM   646  C C   . VAL A 1 89  ? -7.804  -8.731  -0.486  1.00 40.10 ? 89   VAL A C   1 
ATOM   647  O O   . VAL A 1 89  ? -9.011  -8.893  -0.612  1.00 40.02 ? 89   VAL A O   1 
ATOM   648  C CB  . VAL A 1 89  ? -7.477  -9.041  1.973   1.00 42.33 ? 89   VAL A CB  1 
ATOM   649  C CG1 . VAL A 1 89  ? -6.844  -9.922  3.043   1.00 41.84 ? 89   VAL A CG1 1 
ATOM   650  C CG2 . VAL A 1 89  ? -7.105  -7.601  2.195   1.00 41.29 ? 89   VAL A CG2 1 
ATOM   651  N N   . GLY A 1 90  ? -7.103  -7.886  -1.231  1.00 39.32 ? 90   GLY A N   1 
ATOM   652  C CA  . GLY A 1 90  ? -7.758  -7.099  -2.256  1.00 39.42 ? 90   GLY A CA  1 
ATOM   653  C C   . GLY A 1 90  ? -6.853  -6.061  -2.886  1.00 39.49 ? 90   GLY A C   1 
ATOM   654  O O   . GLY A 1 90  ? -5.646  -6.085  -2.691  1.00 39.00 ? 90   GLY A O   1 
ATOM   655  N N   . VAL A 1 91  ? -7.441  -5.152  -3.660  1.00 39.54 ? 91   VAL A N   1 
ATOM   656  C CA  . VAL A 1 91  ? -6.683  -4.089  -4.316  1.00 38.55 ? 91   VAL A CA  1 
ATOM   657  C C   . VAL A 1 91  ? -7.567  -2.891  -4.600  1.00 38.52 ? 91   VAL A C   1 
ATOM   658  O O   . VAL A 1 91  ? -8.725  -3.036  -4.919  1.00 37.33 ? 91   VAL A O   1 
ATOM   659  C CB  . VAL A 1 91  ? -6.064  -4.577  -5.637  1.00 41.10 ? 91   VAL A CB  1 
ATOM   660  C CG1 . VAL A 1 91  ? -7.146  -4.894  -6.633  1.00 41.81 ? 91   VAL A CG1 1 
ATOM   661  C CG2 . VAL A 1 91  ? -5.112  -3.544  -6.180  1.00 41.06 ? 91   VAL A CG2 1 
ATOM   662  N N   . LEU A 1 92  ? -7.008  -1.698  -4.459  1.00 39.09 ? 92   LEU A N   1 
ATOM   663  C CA  . LEU A 1 92  ? -7.747  -0.471  -4.709  1.00 39.61 ? 92   LEU A CA  1 
ATOM   664  C C   . LEU A 1 92  ? -7.301  0.190   -6.009  1.00 41.02 ? 92   LEU A C   1 
ATOM   665  O O   . LEU A 1 92  ? -6.136  0.548   -6.174  1.00 38.17 ? 92   LEU A O   1 
ATOM   666  C CB  . LEU A 1 92  ? -7.553  0.498   -3.540  1.00 40.20 ? 92   LEU A CB  1 
ATOM   667  C CG  . LEU A 1 92  ? -8.198  1.885   -3.630  1.00 39.73 ? 92   LEU A CG  1 
ATOM   668  C CD1 . LEU A 1 92  ? -9.686  1.749   -3.862  1.00 37.88 ? 92   LEU A CD1 1 
ATOM   669  C CD2 . LEU A 1 92  ? -7.919  2.663   -2.348  1.00 37.73 ? 92   LEU A CD2 1 
ATOM   670  N N   . ASN A 1 93  ? -8.239  0.340   -6.942  1.00 41.80 ? 93   ASN A N   1 
ATOM   671  C CA  . ASN A 1 93  ? -7.957  0.954   -8.240  1.00 40.85 ? 93   ASN A CA  1 
ATOM   672  C C   . ASN A 1 93  ? -8.373  2.413   -8.278  1.00 40.87 ? 93   ASN A C   1 
ATOM   673  O O   . ASN A 1 93  ? -9.491  2.767   -7.942  1.00 40.23 ? 93   ASN A O   1 
ATOM   674  C CB  . ASN A 1 93  ? -8.663  0.197   -9.373  1.00 41.71 ? 93   ASN A CB  1 
ATOM   675  C CG  . ASN A 1 93  ? -8.248  -1.252  -9.449  1.00 41.91 ? 93   ASN A CG  1 
ATOM   676  O OD1 . ASN A 1 93  ? -7.067  -1.591  -9.287  1.00 41.05 ? 93   ASN A OD1 1 
ATOM   677  N ND2 . ASN A 1 93  ? -9.219  -2.124  -9.715  1.00 44.51 ? 93   ASN A ND2 1 
ATOM   678  N N   . MET A 1 94  ? -7.447  3.265   -8.690  1.00 40.47 ? 94   MET A N   1 
ATOM   679  C CA  . MET A 1 94  ? -7.713  4.694   -8.775  1.00 41.22 ? 94   MET A CA  1 
ATOM   680  C C   . MET A 1 94  ? -6.962  5.315   -9.948  1.00 41.82 ? 94   MET A C   1 
ATOM   681  O O   . MET A 1 94  ? -6.134  4.664   -10.578 1.00 41.10 ? 94   MET A O   1 
ATOM   682  C CB  . MET A 1 94  ? -7.300  5.398   -7.474  1.00 43.64 ? 94   MET A CB  1 
ATOM   683  C CG  . MET A 1 94  ? -5.836  5.213   -7.107  1.00 45.89 ? 94   MET A CG  1 
ATOM   684  S SD  . MET A 1 94  ? -5.464  5.876   -5.464  1.00 49.92 ? 94   MET A SD  1 
ATOM   685  C CE  . MET A 1 94  ? -6.053  4.573   -4.451  1.00 39.60 ? 94   MET A CE  1 
ATOM   686  N N   . GLU A 1 95  ? -7.239  6.585   -10.221 1.00 42.86 ? 95   GLU A N   1 
ATOM   687  C CA  . GLU A 1 95  ? -6.591  7.296   -11.312 1.00 43.44 ? 95   GLU A CA  1 
ATOM   688  C C   . GLU A 1 95  ? -6.106  8.669   -10.846 1.00 42.72 ? 95   GLU A C   1 
ATOM   689  O O   . GLU A 1 95  ? -6.880  9.418   -10.243 1.00 43.75 ? 95   GLU A O   1 
ATOM   690  C CB  . GLU A 1 95  ? -7.584  7.481   -12.462 1.00 43.80 ? 95   GLU A CB  1 
ATOM   691  C CG  . GLU A 1 95  ? -6.950  7.922   -13.775 1.00 45.10 ? 95   GLU A CG  1 
ATOM   692  C CD  . GLU A 1 95  ? -7.871  8.796   -14.601 1.00 46.91 ? 95   GLU A CD  1 
ATOM   693  O OE1 . GLU A 1 95  ? -9.077  8.481   -14.703 1.00 45.77 ? 95   GLU A OE1 1 
ATOM   694  O OE2 . GLU A 1 95  ? -7.381  9.804   -15.153 1.00 52.41 ? 95   GLU A OE2 1 
ATOM   695  N N   . ASP A 1 96  ? -4.847  8.994   -11.131 1.00 42.05 ? 96   ASP A N   1 
ATOM   696  C CA  . ASP A 1 96  ? -4.303  10.292  -10.760 1.00 43.20 ? 96   ASP A CA  1 
ATOM   697  C C   . ASP A 1 96  ? -3.649  11.002  -11.943 1.00 43.68 ? 96   ASP A C   1 
ATOM   698  O O   . ASP A 1 96  ? -3.652  10.506  -13.065 1.00 44.07 ? 96   ASP A O   1 
ATOM   699  C CB  . ASP A 1 96  ? -3.298  10.152  -9.614  1.00 41.96 ? 96   ASP A CB  1 
ATOM   700  C CG  . ASP A 1 96  ? -2.093  9.311   -9.990  1.00 44.16 ? 96   ASP A CG  1 
ATOM   701  O OD1 . ASP A 1 96  ? -1.773  9.217   -11.194 1.00 50.12 ? 96   ASP A OD1 1 
ATOM   702  O OD2 . ASP A 1 96  ? -1.448  8.759   -9.073  1.00 41.33 ? 96   ASP A OD2 1 
ATOM   703  N N   . GLU A 1 97  ? -3.095  12.179  -11.681 1.00 45.07 ? 97   GLU A N   1 
ATOM   704  C CA  . GLU A 1 97  ? -2.451  12.982  -12.715 1.00 44.80 ? 97   GLU A CA  1 
ATOM   705  C C   . GLU A 1 97  ? -1.400  12.212  -13.509 1.00 44.68 ? 97   GLU A C   1 
ATOM   706  O O   . GLU A 1 97  ? -1.126  12.545  -14.650 1.00 44.65 ? 97   GLU A O   1 
ATOM   707  C CB  . GLU A 1 97  ? -1.809  14.242  -12.091 1.00 45.55 ? 97   GLU A CB  1 
ATOM   708  C CG  . GLU A 1 97  ? -0.532  14.010  -11.257 1.00 43.26 ? 97   GLU A CG  1 
ATOM   709  C CD  . GLU A 1 97  ? -0.782  13.272  -9.960  1.00 45.44 ? 97   GLU A CD  1 
ATOM   710  O OE1 . GLU A 1 97  ? -1.886  13.421  -9.403  1.00 49.00 ? 97   GLU A OE1 1 
ATOM   711  O OE2 . GLU A 1 97  ? 0.130   12.558  -9.485  1.00 48.72 ? 97   GLU A OE2 1 
ATOM   712  N N   . SER A 1 98  ? -0.815  11.184  -12.910 1.00 44.00 ? 98   SER A N   1 
ATOM   713  C CA  . SER A 1 98  ? 0.216   10.404  -13.581 1.00 46.57 ? 98   SER A CA  1 
ATOM   714  C C   . SER A 1 98  ? -0.372  9.278   -14.434 1.00 45.99 ? 98   SER A C   1 
ATOM   715  O O   . SER A 1 98  ? 0.206   8.876   -15.437 1.00 49.01 ? 98   SER A O   1 
ATOM   716  C CB  . SER A 1 98  ? 1.168   9.824   -12.541 1.00 46.12 ? 98   SER A CB  1 
ATOM   717  O OG  . SER A 1 98  ? 2.130   9.002   -13.168 1.00 56.00 ? 98   SER A OG  1 
ATOM   718  N N   . GLY A 1 99  ? -1.534  8.781   -14.035 1.00 46.39 ? 99   GLY A N   1 
ATOM   719  C CA  . GLY A 1 99  ? -2.167  7.707   -14.779 1.00 44.28 ? 99   GLY A CA  1 
ATOM   720  C C   . GLY A 1 99  ? -2.893  6.756   -13.848 1.00 44.12 ? 99   GLY A C   1 
ATOM   721  O O   . GLY A 1 99  ? -3.241  7.110   -12.712 1.00 42.87 ? 99   GLY A O   1 
ATOM   722  N N   . MET A 1 100 ? -3.117  5.536   -14.322 1.00 43.85 ? 100  MET A N   1 
ATOM   723  C CA  . MET A 1 100 ? -3.825  4.550   -13.517 1.00 44.39 ? 100  MET A CA  1 
ATOM   724  C C   . MET A 1 100 ? -2.916  4.089   -12.385 1.00 45.03 ? 100  MET A C   1 
ATOM   725  O O   . MET A 1 100 ? -1.764  3.724   -12.620 1.00 46.36 ? 100  MET A O   1 
ATOM   726  C CB  . MET A 1 100 ? -4.250  3.359   -14.386 1.00 45.94 ? 100  MET A CB  1 
ATOM   727  C CG  . MET A 1 100 ? -5.451  2.584   -13.855 1.00 46.62 ? 100  MET A CG  1 
ATOM   728  S SD  . MET A 1 100 ? -6.921  3.722   -13.518 1.00 58.54 ? 100  MET A SD  1 
ATOM   729  C CE  . MET A 1 100 ? -6.811  4.741   -14.987 1.00 48.09 ? 100  MET A CE  1 
ATOM   730  N N   . ASP A 1 101 ? -3.436  4.094   -11.160 1.00 44.74 ? 101  ASP A N   1 
ATOM   731  C CA  . ASP A 1 101 ? -2.655  3.683   -9.999  1.00 44.02 ? 101  ASP A CA  1 
ATOM   732  C C   . ASP A 1 101 ? -3.307  2.484   -9.293  1.00 43.68 ? 101  ASP A C   1 
ATOM   733  O O   . ASP A 1 101 ? -4.522  2.414   -9.112  1.00 45.78 ? 101  ASP A O   1 
ATOM   734  C CB  . ASP A 1 101 ? -2.524  4.855   -9.024  1.00 44.58 ? 101  ASP A CB  1 
ATOM   735  C CG  . ASP A 1 101 ? -1.508  4.596   -7.938  1.00 46.47 ? 101  ASP A CG  1 
ATOM   736  O OD1 . ASP A 1 101 ? -1.475  5.404   -6.982  1.00 47.36 ? 101  ASP A OD1 1 
ATOM   737  O OD2 . ASP A 1 101 ? -0.744  3.606   -8.046  1.00 51.08 ? 101  ASP A OD2 1 
ATOM   738  N N   . GLU A 1 102 ? -2.486  1.522   -8.895  1.00 43.09 ? 102  GLU A N   1 
ATOM   739  C CA  . GLU A 1 102 ? -2.994  0.341   -8.220  1.00 43.02 ? 102  GLU A CA  1 
ATOM   740  C C   . GLU A 1 102 ? -2.358  0.246   -6.831  1.00 42.21 ? 102  GLU A C   1 
ATOM   741  O O   . GLU A 1 102 ? -1.127  0.376   -6.677  1.00 45.50 ? 102  GLU A O   1 
ATOM   742  C CB  . GLU A 1 102 ? -2.635  -0.900  -9.029  1.00 43.84 ? 102  GLU A CB  1 
ATOM   743  C CG  . GLU A 1 102 ? -2.709  -0.683  -10.553 1.00 47.66 ? 102  GLU A CG  1 
ATOM   744  C CD  . GLU A 1 102 ? -3.075  -1.958  -11.314 1.00 49.26 ? 102  GLU A CD  1 
ATOM   745  O OE1 . GLU A 1 102 ? -4.170  -2.525  -11.042 1.00 52.10 ? 102  GLU A OE1 1 
ATOM   746  O OE2 . GLU A 1 102 ? -2.268  -2.387  -12.182 1.00 51.49 ? 102  GLU A OE2 1 
ATOM   747  N N   . LYS A 1 103 ? -3.195  0.034   -5.819  1.00 41.09 ? 103  LYS A N   1 
ATOM   748  C CA  . LYS A 1 103 ? -2.692  -0.095  -4.462  1.00 40.14 ? 103  LYS A CA  1 
ATOM   749  C C   . LYS A 1 103 ? -3.205  -1.361  -3.788  1.00 39.34 ? 103  LYS A C   1 
ATOM   750  O O   . LYS A 1 103 ? -4.384  -1.477  -3.462  1.00 38.47 ? 103  LYS A O   1 
ATOM   751  C CB  . LYS A 1 103 ? -3.062  1.139   -3.638  1.00 40.48 ? 103  LYS A CB  1 
ATOM   752  C CG  . LYS A 1 103 ? -2.595  2.428   -4.281  1.00 42.93 ? 103  LYS A CG  1 
ATOM   753  C CD  . LYS A 1 103 ? -2.541  3.555   -3.326  1.00 40.83 ? 103  LYS A CD  1 
ATOM   754  C CE  . LYS A 1 103 ? -1.887  4.772   -3.979  1.00 42.56 ? 103  LYS A CE  1 
ATOM   755  N NZ  . LYS A 1 103 ? -0.596  4.440   -4.634  1.00 38.36 ? 103  LYS A NZ  1 
ATOM   756  N N   . LEU A 1 104 ? -2.302  -2.314  -3.583  1.00 39.92 ? 104  LEU A N   1 
ATOM   757  C CA  . LEU A 1 104 ? -2.656  -3.573  -2.942  1.00 40.95 ? 104  LEU A CA  1 
ATOM   758  C C   . LEU A 1 104 ? -3.109  -3.398  -1.485  1.00 40.89 ? 104  LEU A C   1 
ATOM   759  O O   . LEU A 1 104 ? -2.535  -2.616  -0.732  1.00 39.67 ? 104  LEU A O   1 
ATOM   760  C CB  . LEU A 1 104 ? -1.460  -4.525  -2.997  1.00 41.00 ? 104  LEU A CB  1 
ATOM   761  C CG  . LEU A 1 104 ? -0.905  -4.878  -4.376  1.00 41.81 ? 104  LEU A CG  1 
ATOM   762  C CD1 . LEU A 1 104 ? 0.346   -5.757  -4.217  1.00 40.61 ? 104  LEU A CD1 1 
ATOM   763  C CD2 . LEU A 1 104 ? -1.956  -5.566  -5.182  1.00 37.77 ? 104  LEU A CD2 1 
ATOM   764  N N   . ILE A 1 105 ? -4.165  -4.114  -1.113  1.00 41.54 ? 105  ILE A N   1 
ATOM   765  C CA  . ILE A 1 105 ? -4.699  -4.065  0.242   1.00 43.04 ? 105  ILE A CA  1 
ATOM   766  C C   . ILE A 1 105 ? -4.227  -5.335  0.941   1.00 43.80 ? 105  ILE A C   1 
ATOM   767  O O   . ILE A 1 105 ? -4.593  -6.439  0.549   1.00 45.55 ? 105  ILE A O   1 
ATOM   768  C CB  . ILE A 1 105 ? -6.238  -4.029  0.229   1.00 40.72 ? 105  ILE A CB  1 
ATOM   769  C CG1 . ILE A 1 105 ? -6.728  -2.865  -0.641  1.00 39.61 ? 105  ILE A CG1 1 
ATOM   770  C CG2 . ILE A 1 105 ? -6.763  -3.907  1.644   1.00 39.20 ? 105  ILE A CG2 1 
ATOM   771  C CD1 . ILE A 1 105 ? -6.185  -1.522  -0.249  1.00 37.45 ? 105  ILE A CD1 1 
ATOM   772  N N   . ALA A 1 106 ? -3.409  -5.179  1.976   1.00 43.51 ? 106  ALA A N   1 
ATOM   773  C CA  . ALA A 1 106 ? -2.883  -6.340  2.692   1.00 42.69 ? 106  ALA A CA  1 
ATOM   774  C C   . ALA A 1 106 ? -3.019  -6.256  4.206   1.00 41.88 ? 106  ALA A C   1 
ATOM   775  O O   . ALA A 1 106 ? -3.344  -5.207  4.755   1.00 39.12 ? 106  ALA A O   1 
ATOM   776  C CB  . ALA A 1 106 ? -1.425  -6.547  2.329   1.00 38.54 ? 106  ALA A CB  1 
ATOM   777  N N   . LEU A 1 107 ? -2.770  -7.388  4.856   1.00 41.86 ? 107  LEU A N   1 
ATOM   778  C CA  . LEU A 1 107 ? -2.832  -7.524  6.305   1.00 42.08 ? 107  LEU A CA  1 
ATOM   779  C C   . LEU A 1 107 ? -1.614  -8.308  6.747   1.00 42.36 ? 107  LEU A C   1 
ATOM   780  O O   . LEU A 1 107 ? -1.188  -9.222  6.056   1.00 43.69 ? 107  LEU A O   1 
ATOM   781  C CB  . LEU A 1 107 ? -4.093  -8.282  6.731   1.00 39.08 ? 107  LEU A CB  1 
ATOM   782  C CG  . LEU A 1 107 ? -5.446  -7.574  6.687   1.00 40.45 ? 107  LEU A CG  1 
ATOM   783  C CD1 . LEU A 1 107 ? -6.545  -8.569  6.951   1.00 42.86 ? 107  LEU A CD1 1 
ATOM   784  C CD2 . LEU A 1 107 ? -5.480  -6.477  7.728   1.00 40.60 ? 107  LEU A CD2 1 
ATOM   785  N N   . PRO A 1 108 ? -1.040  -7.964  7.905   1.00 42.73 ? 108  PRO A N   1 
ATOM   786  C CA  . PRO A 1 108 ? 0.145   -8.692  8.373   1.00 41.84 ? 108  PRO A CA  1 
ATOM   787  C C   . PRO A 1 108 ? -0.189  -10.162 8.586   1.00 42.04 ? 108  PRO A C   1 
ATOM   788  O O   . PRO A 1 108 ? -1.290  -10.491 9.019   1.00 43.09 ? 108  PRO A O   1 
ATOM   789  C CB  . PRO A 1 108 ? 0.515   -7.960  9.663   1.00 42.31 ? 108  PRO A CB  1 
ATOM   790  C CG  . PRO A 1 108 ? -0.813  -7.500  10.159  1.00 44.27 ? 108  PRO A CG  1 
ATOM   791  C CD  . PRO A 1 108 ? -1.490  -6.994  8.920   1.00 41.62 ? 108  PRO A CD  1 
ATOM   792  N N   . ILE A 1 109 ? 0.745   -11.053 8.273   1.00 42.16 ? 109  ILE A N   1 
ATOM   793  C CA  . ILE A 1 109 ? 0.483   -12.481 8.433   1.00 42.57 ? 109  ILE A CA  1 
ATOM   794  C C   . ILE A 1 109 ? 0.172   -12.788 9.896   1.00 44.00 ? 109  ILE A C   1 
ATOM   795  O O   . ILE A 1 109 ? 0.685   -12.134 10.788  1.00 46.27 ? 109  ILE A O   1 
ATOM   796  C CB  . ILE A 1 109 ? 1.685   -13.335 7.967   1.00 41.95 ? 109  ILE A CB  1 
ATOM   797  C CG1 . ILE A 1 109 ? 2.912   -13.050 8.843   1.00 42.66 ? 109  ILE A CG1 1 
ATOM   798  C CG2 . ILE A 1 109 ? 1.997   -13.022 6.501   1.00 39.28 ? 109  ILE A CG2 1 
ATOM   799  C CD1 . ILE A 1 109 ? 4.062   -13.988 8.593   1.00 40.45 ? 109  ILE A CD1 1 
ATOM   800  N N   . ASP A 1 110 ? -0.667  -13.787 10.139  1.00 43.91 ? 110  ASP A N   1 
ATOM   801  C CA  . ASP A 1 110 ? -1.067  -14.155 11.495  1.00 43.39 ? 110  ASP A CA  1 
ATOM   802  C C   . ASP A 1 110 ? 0.036   -14.445 12.516  1.00 43.45 ? 110  ASP A C   1 
ATOM   803  O O   . ASP A 1 110 ? -0.113  -14.109 13.684  1.00 42.68 ? 110  ASP A O   1 
ATOM   804  C CB  . ASP A 1 110 ? -2.024  -15.349 11.441  1.00 44.62 ? 110  ASP A CB  1 
ATOM   805  C CG  . ASP A 1 110 ? -3.350  -14.998 10.808  1.00 45.13 ? 110  ASP A CG  1 
ATOM   806  O OD1 . ASP A 1 110 ? -3.656  -13.796 10.688  1.00 49.76 ? 110  ASP A OD1 1 
ATOM   807  O OD2 . ASP A 1 110 ? -4.101  -15.926 10.446  1.00 47.84 ? 110  ASP A OD2 1 
ATOM   808  N N   . LYS A 1 111 ? 1.139   -15.059 12.104  1.00 44.34 ? 111  LYS A N   1 
ATOM   809  C CA  . LYS A 1 111 ? 2.198   -15.344 13.077  1.00 47.72 ? 111  LYS A CA  1 
ATOM   810  C C   . LYS A 1 111 ? 2.776   -14.019 13.604  1.00 49.40 ? 111  LYS A C   1 
ATOM   811  O O   . LYS A 1 111 ? 3.562   -14.003 14.569  1.00 52.05 ? 111  LYS A O   1 
ATOM   812  C CB  . LYS A 1 111 ? 3.323   -16.201 12.464  1.00 43.96 ? 111  LYS A CB  1 
ATOM   813  C CG  . LYS A 1 111 ? 4.472   -15.420 11.862  1.00 46.31 ? 111  LYS A CG  1 
ATOM   814  C CD  . LYS A 1 111 ? 5.643   -16.338 11.529  1.00 47.15 ? 111  LYS A CD  1 
ATOM   815  C CE  . LYS A 1 111 ? 6.244   -16.934 12.814  1.00 49.07 ? 111  LYS A CE  1 
ATOM   816  N NZ  . LYS A 1 111 ? 7.602   -17.545 12.548  1.00 48.73 ? 111  LYS A NZ  1 
ATOM   817  N N   . ILE A 1 112 ? 2.403   -12.917 12.950  1.00 49.08 ? 112  ILE A N   1 
ATOM   818  C CA  . ILE A 1 112 ? 2.848   -11.580 13.345  1.00 46.77 ? 112  ILE A CA  1 
ATOM   819  C C   . ILE A 1 112 ? 1.754   -10.876 14.154  1.00 44.83 ? 112  ILE A C   1 
ATOM   820  O O   . ILE A 1 112 ? 1.979   -10.446 15.286  1.00 43.77 ? 112  ILE A O   1 
ATOM   821  C CB  . ILE A 1 112 ? 3.191   -10.718 12.112  1.00 45.53 ? 112  ILE A CB  1 
ATOM   822  C CG1 . ILE A 1 112 ? 4.444   -11.266 11.439  1.00 46.66 ? 112  ILE A CG1 1 
ATOM   823  C CG2 . ILE A 1 112 ? 3.407   -9.280  12.524  1.00 45.47 ? 112  ILE A CG2 1 
ATOM   824  C CD1 . ILE A 1 112 ? 4.903   -10.456 10.246  1.00 44.31 ? 112  ILE A CD1 1 
ATOM   825  N N   . ASP A 1 113 ? 0.569   -10.778 13.562  1.00 44.01 ? 113  ASP A N   1 
ATOM   826  C CA  . ASP A 1 113 ? -0.574  -10.123 14.194  1.00 44.90 ? 113  ASP A CA  1 
ATOM   827  C C   . ASP A 1 113 ? -1.876  -10.699 13.640  1.00 45.15 ? 113  ASP A C   1 
ATOM   828  O O   . ASP A 1 113 ? -2.250  -10.435 12.501  1.00 48.11 ? 113  ASP A O   1 
ATOM   829  C CB  . ASP A 1 113 ? -0.495  -8.614  13.936  1.00 45.23 ? 113  ASP A CB  1 
ATOM   830  C CG  . ASP A 1 113 ? -1.677  -7.849  14.504  1.00 43.23 ? 113  ASP A CG  1 
ATOM   831  O OD1 . ASP A 1 113 ? -2.380  -8.404  15.382  1.00 42.69 ? 113  ASP A OD1 1 
ATOM   832  O OD2 . ASP A 1 113 ? -1.882  -6.691  14.061  1.00 44.00 ? 113  ASP A OD2 1 
ATOM   833  N N   . PRO A 1 114 ? -2.586  -11.489 14.460  1.00 43.23 ? 114  PRO A N   1 
ATOM   834  C CA  . PRO A 1 114 ? -3.846  -12.127 14.074  1.00 43.18 ? 114  PRO A CA  1 
ATOM   835  C C   . PRO A 1 114 ? -5.146  -11.406 14.421  1.00 42.70 ? 114  PRO A C   1 
ATOM   836  O O   . PRO A 1 114 ? -6.196  -12.034 14.479  1.00 40.85 ? 114  PRO A O   1 
ATOM   837  C CB  . PRO A 1 114 ? -3.750  -13.474 14.769  1.00 43.60 ? 114  PRO A CB  1 
ATOM   838  C CG  . PRO A 1 114 ? -3.148  -13.081 16.096  1.00 43.21 ? 114  PRO A CG  1 
ATOM   839  C CD  . PRO A 1 114 ? -2.054  -12.090 15.700  1.00 43.52 ? 114  PRO A CD  1 
ATOM   840  N N   . THR A 1 115 ? -5.094  -10.096 14.625  1.00 42.69 ? 115  THR A N   1 
ATOM   841  C CA  . THR A 1 115 ? -6.299  -9.358  14.990  1.00 44.04 ? 115  THR A CA  1 
ATOM   842  C C   . THR A 1 115 ? -7.383  -9.470  13.926  1.00 43.68 ? 115  THR A C   1 
ATOM   843  O O   . THR A 1 115 ? -8.567  -9.561  14.235  1.00 45.85 ? 115  THR A O   1 
ATOM   844  C CB  . THR A 1 115 ? -6.010  -7.874  15.206  1.00 43.95 ? 115  THR A CB  1 
ATOM   845  O OG1 . THR A 1 115 ? -4.814  -7.733  15.983  1.00 44.15 ? 115  THR A OG1 1 
ATOM   846  C CG2 . THR A 1 115 ? -7.179  -7.212  15.942  1.00 44.70 ? 115  THR A CG2 1 
ATOM   847  N N   . HIS A 1 116 ? -6.970  -9.468  12.661  1.00 43.08 ? 116  HIS A N   1 
ATOM   848  C CA  . HIS A 1 116 ? -7.920  -9.556  11.551  1.00 42.93 ? 116  HIS A CA  1 
ATOM   849  C C   . HIS A 1 116 ? -7.746  -10.829 10.728  1.00 44.03 ? 116  HIS A C   1 
ATOM   850  O O   . HIS A 1 116 ? -7.924  -10.819 9.512   1.00 43.92 ? 116  HIS A O   1 
ATOM   851  C CB  . HIS A 1 116 ? -7.785  -8.329  10.637  1.00 43.76 ? 116  HIS A CB  1 
ATOM   852  C CG  . HIS A 1 116 ? -7.990  -7.026  11.345  1.00 44.86 ? 116  HIS A CG  1 
ATOM   853  N ND1 . HIS A 1 116 ? -9.211  -6.642  11.849  1.00 47.33 ? 116  HIS A ND1 1 
ATOM   854  C CD2 . HIS A 1 116 ? -7.125  -6.032  11.654  1.00 44.63 ? 116  HIS A CD2 1 
ATOM   855  C CE1 . HIS A 1 116 ? -9.089  -5.464  12.438  1.00 46.79 ? 116  HIS A CE1 1 
ATOM   856  N NE2 . HIS A 1 116 ? -7.835  -5.073  12.334  1.00 48.22 ? 116  HIS A NE2 1 
ATOM   857  N N   . SER A 1 117 ? -7.395  -11.925 11.391  1.00 44.33 ? 117  SER A N   1 
ATOM   858  C CA  . SER A 1 117 ? -7.209  -13.203 10.711  1.00 43.92 ? 117  SER A CA  1 
ATOM   859  C C   . SER A 1 117 ? -8.515  -13.656 10.048  1.00 42.64 ? 117  SER A C   1 
ATOM   860  O O   . SER A 1 117 ? -8.499  -14.444 9.100   1.00 42.82 ? 117  SER A O   1 
ATOM   861  C CB  . SER A 1 117 ? -6.744  -14.267 11.708  1.00 43.74 ? 117  SER A CB  1 
ATOM   862  O OG  . SER A 1 117 ? -7.745  -14.469 12.691  1.00 48.27 ? 117  SER A OG  1 
ATOM   863  N N   . TYR A 1 118 ? -9.637  -13.147 10.550  1.00 42.70 ? 118  TYR A N   1 
ATOM   864  C CA  . TYR A 1 118 ? -10.948 -13.494 10.020  1.00 43.87 ? 118  TYR A CA  1 
ATOM   865  C C   . TYR A 1 118 ? -11.183 -12.878 8.641   1.00 44.22 ? 118  TYR A C   1 
ATOM   866  O O   . TYR A 1 118 ? -12.065 -13.330 7.898   1.00 45.74 ? 118  TYR A O   1 
ATOM   867  C CB  . TYR A 1 118 ? -12.039 -13.040 10.992  1.00 42.69 ? 118  TYR A CB  1 
ATOM   868  C CG  . TYR A 1 118 ? -12.081 -11.540 11.218  1.00 43.84 ? 118  TYR A CG  1 
ATOM   869  C CD1 . TYR A 1 118 ? -12.862 -10.723 10.408  1.00 44.48 ? 118  TYR A CD1 1 
ATOM   870  C CD2 . TYR A 1 118 ? -11.321 -10.938 12.230  1.00 44.65 ? 118  TYR A CD2 1 
ATOM   871  C CE1 . TYR A 1 118 ? -12.888 -9.345  10.597  1.00 45.19 ? 118  TYR A CE1 1 
ATOM   872  C CE2 . TYR A 1 118 ? -11.337 -9.569  12.427  1.00 43.30 ? 118  TYR A CE2 1 
ATOM   873  C CZ  . TYR A 1 118 ? -12.122 -8.774  11.607  1.00 45.53 ? 118  TYR A CZ  1 
ATOM   874  O OH  . TYR A 1 118 ? -12.144 -7.408  11.787  1.00 48.73 ? 118  TYR A OH  1 
ATOM   875  N N   . VAL A 1 119 ? -10.413 -11.842 8.311   1.00 44.82 ? 119  VAL A N   1 
ATOM   876  C CA  . VAL A 1 119 ? -10.536 -11.192 7.010   1.00 43.63 ? 119  VAL A CA  1 
ATOM   877  C C   . VAL A 1 119 ? -9.888  -12.055 5.944   1.00 43.69 ? 119  VAL A C   1 
ATOM   878  O O   . VAL A 1 119 ? -8.662  -12.114 5.849   1.00 40.32 ? 119  VAL A O   1 
ATOM   879  C CB  . VAL A 1 119 ? -9.865  -9.807  6.999   1.00 43.68 ? 119  VAL A CB  1 
ATOM   880  C CG1 . VAL A 1 119 ? -9.904  -9.218  5.593   1.00 39.06 ? 119  VAL A CG1 1 
ATOM   881  C CG2 . VAL A 1 119 ? -10.591 -8.872  7.983   1.00 40.60 ? 119  VAL A CG2 1 
ATOM   882  N N   . LYS A 1 120 ? -10.721 -12.725 5.151   1.00 44.23 ? 120  LYS A N   1 
ATOM   883  C CA  . LYS A 1 120 ? -10.246 -13.605 4.080   1.00 44.01 ? 120  LYS A CA  1 
ATOM   884  C C   . LYS A 1 120 ? -10.191 -12.879 2.732   1.00 43.46 ? 120  LYS A C   1 
ATOM   885  O O   . LYS A 1 120 ? -9.288  -13.116 1.924   1.00 41.62 ? 120  LYS A O   1 
ATOM   886  C CB  . LYS A 1 120 ? -11.157 -14.840 3.958   1.00 44.83 ? 120  LYS A CB  1 
ATOM   887  C CG  . LYS A 1 120 ? -11.382 -15.585 5.256   1.00 45.83 ? 120  LYS A CG  1 
ATOM   888  C CD  . LYS A 1 120 ? -10.060 -16.148 5.823   1.00 46.93 ? 120  LYS A CD  1 
ATOM   889  C CE  . LYS A 1 120 ? -10.321 -16.929 7.126   1.00 46.39 ? 120  LYS A CE  1 
ATOM   890  N NZ  . LYS A 1 120 ? -9.053  -17.230 7.838   1.00 44.84 ? 120  LYS A NZ  1 
ATOM   891  N N   . ASP A 1 121 ? -11.164 -12.001 2.498   1.00 42.56 ? 121  ASP A N   1 
ATOM   892  C CA  . ASP A 1 121 ? -11.239 -11.246 1.251   1.00 42.17 ? 121  ASP A CA  1 
ATOM   893  C C   . ASP A 1 121 ? -11.565 -9.788  1.534   1.00 42.73 ? 121  ASP A C   1 
ATOM   894  O O   . ASP A 1 121 ? -11.848 -9.412  2.674   1.00 39.67 ? 121  ASP A O   1 
ATOM   895  C CB  . ASP A 1 121 ? -12.310 -11.825 0.321   1.00 43.12 ? 121  ASP A CB  1 
ATOM   896  C CG  . ASP A 1 121 ? -11.869 -11.854 -1.135  1.00 45.25 ? 121  ASP A CG  1 
ATOM   897  O OD1 . ASP A 1 121 ? -11.042 -10.999 -1.518  1.00 41.59 ? 121  ASP A OD1 1 
ATOM   898  O OD2 . ASP A 1 121 ? -12.356 -12.718 -1.901  1.00 47.57 ? 121  ASP A OD2 1 
ATOM   899  N N   . ILE A 1 122 ? -11.533 -8.973  0.482   1.00 43.27 ? 122  ILE A N   1 
ATOM   900  C CA  . ILE A 1 122 ? -11.792 -7.538  0.606   1.00 42.27 ? 122  ILE A CA  1 
ATOM   901  C C   . ILE A 1 122 ? -13.151 -7.258  1.234   1.00 42.93 ? 122  ILE A C   1 
ATOM   902  O O   . ILE A 1 122 ? -13.319 -6.345  2.034   1.00 42.58 ? 122  ILE A O   1 
ATOM   903  C CB  . ILE A 1 122 ? -11.712 -6.834  -0.774  1.00 42.81 ? 122  ILE A CB  1 
ATOM   904  C CG1 . ILE A 1 122 ? -11.736 -5.309  -0.597  1.00 41.33 ? 122  ILE A CG1 1 
ATOM   905  C CG2 . ILE A 1 122 ? -12.858 -7.304  -1.657  1.00 41.36 ? 122  ILE A CG2 1 
ATOM   906  C CD1 . ILE A 1 122 ? -10.470 -4.728  -0.064  1.00 39.38 ? 122  ILE A CD1 1 
ATOM   907  N N   . ASP A 1 123 ? -14.132 -8.076  0.876   1.00 43.03 ? 123  ASP A N   1 
ATOM   908  C CA  . ASP A 1 123 ? -15.481 -7.917  1.408   1.00 43.94 ? 123  ASP A CA  1 
ATOM   909  C C   . ASP A 1 123 ? -15.615 -8.258  2.906   1.00 43.59 ? 123  ASP A C   1 
ATOM   910  O O   . ASP A 1 123 ? -16.684 -8.056  3.501   1.00 43.75 ? 123  ASP A O   1 
ATOM   911  C CB  . ASP A 1 123 ? -16.466 -8.765  0.578   1.00 47.12 ? 123  ASP A CB  1 
ATOM   912  C CG  . ASP A 1 123 ? -15.958 -10.208 0.346   1.00 49.88 ? 123  ASP A CG  1 
ATOM   913  O OD1 . ASP A 1 123 ? -14.973 -10.363 -0.431  1.00 48.16 ? 123  ASP A OD1 1 
ATOM   914  O OD2 . ASP A 1 123 ? -16.525 -11.167 0.955   1.00 51.59 ? 123  ASP A OD2 1 
ATOM   915  N N   . ASP A 1 124 ? -14.551 -8.778  3.519   1.00 43.19 ? 124  ASP A N   1 
ATOM   916  C CA  . ASP A 1 124 ? -14.604 -9.100  4.943   1.00 42.74 ? 124  ASP A CA  1 
ATOM   917  C C   . ASP A 1 124 ? -14.269 -7.865  5.786   1.00 42.87 ? 124  ASP A C   1 
ATOM   918  O O   . ASP A 1 124 ? -14.596 -7.807  6.969   1.00 43.37 ? 124  ASP A O   1 
ATOM   919  C CB  . ASP A 1 124 ? -13.653 -10.249 5.291   1.00 41.12 ? 124  ASP A CB  1 
ATOM   920  C CG  . ASP A 1 124 ? -14.101 -11.568 4.697   1.00 42.74 ? 124  ASP A CG  1 
ATOM   921  O OD1 . ASP A 1 124 ? -15.329 -11.828 4.681   1.00 42.52 ? 124  ASP A OD1 1 
ATOM   922  O OD2 . ASP A 1 124 ? -13.225 -12.346 4.256   1.00 41.82 ? 124  ASP A OD2 1 
ATOM   923  N N   . LEU A 1 125 ? -13.605 -6.887  5.175   1.00 43.42 ? 125  LEU A N   1 
ATOM   924  C CA  . LEU A 1 125 ? -13.260 -5.648  5.863   1.00 42.87 ? 125  LEU A CA  1 
ATOM   925  C C   . LEU A 1 125 ? -14.566 -4.870  5.985   1.00 42.48 ? 125  LEU A C   1 
ATOM   926  O O   . LEU A 1 125 ? -15.408 -4.900  5.079   1.00 40.91 ? 125  LEU A O   1 
ATOM   927  C CB  . LEU A 1 125 ? -12.247 -4.842  5.046   1.00 42.27 ? 125  LEU A CB  1 
ATOM   928  C CG  . LEU A 1 125 ? -10.840 -5.417  4.862   1.00 41.29 ? 125  LEU A CG  1 
ATOM   929  C CD1 . LEU A 1 125 ? -10.095 -4.662  3.792   1.00 42.35 ? 125  LEU A CD1 1 
ATOM   930  C CD2 . LEU A 1 125 ? -10.102 -5.355  6.150   1.00 43.73 ? 125  LEU A CD2 1 
ATOM   931  N N   . SER A 1 126 ? -14.732 -4.171  7.098   1.00 43.25 ? 126  SER A N   1 
ATOM   932  C CA  . SER A 1 126 ? -15.959 -3.423  7.323   1.00 43.55 ? 126  SER A CA  1 
ATOM   933  C C   . SER A 1 126 ? -16.135 -2.315  6.294   1.00 42.80 ? 126  SER A C   1 
ATOM   934  O O   . SER A 1 126 ? -15.161 -1.783  5.772   1.00 41.09 ? 126  SER A O   1 
ATOM   935  C CB  . SER A 1 126 ? -15.966 -2.829  8.738   1.00 44.98 ? 126  SER A CB  1 
ATOM   936  O OG  . SER A 1 126 ? -15.291 -1.582  8.779   1.00 44.03 ? 126  SER A OG  1 
ATOM   937  N N   . LYS A 1 127 ? -17.387 -1.968  6.022   1.00 42.84 ? 127  LYS A N   1 
ATOM   938  C CA  . LYS A 1 127 ? -17.724 -0.919  5.074   1.00 43.76 ? 127  LYS A CA  1 
ATOM   939  C C   . LYS A 1 127 ? -17.043 0.382   5.478   1.00 43.75 ? 127  LYS A C   1 
ATOM   940  O O   . LYS A 1 127 ? -16.457 1.075   4.666   1.00 42.78 ? 127  LYS A O   1 
ATOM   941  C CB  . LYS A 1 127 ? -19.238 -0.717  5.061   1.00 45.09 ? 127  LYS A CB  1 
ATOM   942  C CG  . LYS A 1 127 ? -19.699 0.587   4.406   1.00 44.77 ? 127  LYS A CG  1 
ATOM   943  C CD  . LYS A 1 127 ? -21.172 0.877   4.765   1.00 49.25 ? 127  LYS A CD  1 
ATOM   944  C CE  . LYS A 1 127 ? -21.602 2.248   4.225   1.00 47.06 ? 127  LYS A CE  1 
ATOM   945  N NZ  . LYS A 1 127 ? -20.777 3.336   4.836   1.00 49.58 ? 127  LYS A NZ  1 
ATOM   946  N N   . HIS A 1 128 ? -17.145 0.707   6.756   1.00 44.39 ? 128  HIS A N   1 
ATOM   947  C CA  . HIS A 1 128 ? -16.564 1.922   7.301   1.00 45.18 ? 128  HIS A CA  1 
ATOM   948  C C   . HIS A 1 128 ? -15.098 2.109   6.910   1.00 44.18 ? 128  HIS A C   1 
ATOM   949  O O   . HIS A 1 128 ? -14.708 3.165   6.400   1.00 46.60 ? 128  HIS A O   1 
ATOM   950  C CB  . HIS A 1 128 ? -16.680 1.908   8.827   1.00 44.58 ? 128  HIS A CB  1 
ATOM   951  C CG  . HIS A 1 128 ? -16.243 3.186   9.473   1.00 45.36 ? 128  HIS A CG  1 
ATOM   952  N ND1 . HIS A 1 128 ? -17.048 4.301   9.532   1.00 46.17 ? 128  HIS A ND1 1 
ATOM   953  C CD2 . HIS A 1 128 ? -15.085 3.526   10.087  1.00 44.80 ? 128  HIS A CD2 1 
ATOM   954  C CE1 . HIS A 1 128 ? -16.408 5.273   10.158  1.00 46.18 ? 128  HIS A CE1 1 
ATOM   955  N NE2 . HIS A 1 128 ? -15.215 4.827   10.507  1.00 46.99 ? 128  HIS A NE2 1 
ATOM   956  N N   . THR A 1 129 ? -14.288 1.087   7.159   1.00 42.46 ? 129  THR A N   1 
ATOM   957  C CA  . THR A 1 129 ? -12.872 1.171   6.837   1.00 41.02 ? 129  THR A CA  1 
ATOM   958  C C   . THR A 1 129 ? -12.609 1.433   5.349   1.00 41.12 ? 129  THR A C   1 
ATOM   959  O O   . THR A 1 129 ? -11.765 2.250   4.989   1.00 39.75 ? 129  THR A O   1 
ATOM   960  C CB  . THR A 1 129 ? -12.158 -0.112  7.255   1.00 41.78 ? 129  THR A CB  1 
ATOM   961  O OG1 . THR A 1 129 ? -12.323 -0.299  8.665   1.00 38.54 ? 129  THR A OG1 1 
ATOM   962  C CG2 . THR A 1 129 ? -10.659 -0.021  6.954   1.00 43.57 ? 129  THR A CG2 1 
ATOM   963  N N   . LEU A 1 130 ? -13.335 0.736   4.488   1.00 40.84 ? 130  LEU A N   1 
ATOM   964  C CA  . LEU A 1 130 ? -13.166 0.891   3.053   1.00 40.37 ? 130  LEU A CA  1 
ATOM   965  C C   . LEU A 1 130 ? -13.512 2.290   2.573   1.00 40.56 ? 130  LEU A C   1 
ATOM   966  O O   . LEU A 1 130 ? -12.820 2.846   1.725   1.00 36.69 ? 130  LEU A O   1 
ATOM   967  C CB  . LEU A 1 130 ? -14.022 -0.137  2.332   1.00 39.69 ? 130  LEU A CB  1 
ATOM   968  C CG  . LEU A 1 130 ? -13.604 -1.607  2.490   1.00 41.08 ? 130  LEU A CG  1 
ATOM   969  C CD1 . LEU A 1 130 ? -14.723 -2.526  2.055   1.00 40.62 ? 130  LEU A CD1 1 
ATOM   970  C CD2 . LEU A 1 130 ? -12.352 -1.885  1.692   1.00 42.50 ? 130  LEU A CD2 1 
ATOM   971  N N   . ASP A 1 131 ? -14.585 2.854   3.116   1.00 41.60 ? 131  ASP A N   1 
ATOM   972  C CA  . ASP A 1 131 ? -14.987 4.212   2.764   1.00 40.93 ? 131  ASP A CA  1 
ATOM   973  C C   . ASP A 1 131 ? -13.965 5.246   3.232   1.00 39.79 ? 131  ASP A C   1 
ATOM   974  O O   . ASP A 1 131 ? -13.686 6.204   2.528   1.00 33.19 ? 131  ASP A O   1 
ATOM   975  C CB  . ASP A 1 131 ? -16.356 4.539   3.365   1.00 44.30 ? 131  ASP A CB  1 
ATOM   976  C CG  . ASP A 1 131 ? -17.466 3.650   2.829   1.00 44.97 ? 131  ASP A CG  1 
ATOM   977  O OD1 . ASP A 1 131 ? -17.369 3.180   1.664   1.00 38.86 ? 131  ASP A OD1 1 
ATOM   978  O OD2 . ASP A 1 131 ? -18.442 3.444   3.584   1.00 46.08 ? 131  ASP A OD2 1 
ATOM   979  N N   . LYS A 1 132 ? -13.404 5.042   4.418   1.00 38.53 ? 132  LYS A N   1 
ATOM   980  C CA  . LYS A 1 132 ? -12.422 5.960   4.971   1.00 38.44 ? 132  LYS A CA  1 
ATOM   981  C C   . LYS A 1 132 ? -11.179 5.965   4.102   1.00 38.37 ? 132  LYS A C   1 
ATOM   982  O O   . LYS A 1 132 ? -10.656 7.018   3.771   1.00 36.05 ? 132  LYS A O   1 
ATOM   983  C CB  . LYS A 1 132 ? -12.060 5.553   6.406   1.00 40.16 ? 132  LYS A CB  1 
ATOM   984  C CG  . LYS A 1 132 ? -11.014 6.447   7.039   1.00 43.91 ? 132  LYS A CG  1 
ATOM   985  C CD  . LYS A 1 132 ? -10.522 5.906   8.370   1.00 44.82 ? 132  LYS A CD  1 
ATOM   986  C CE  . LYS A 1 132 ? -11.498 6.197   9.514   1.00 45.39 ? 132  LYS A CE  1 
ATOM   987  N NZ  . LYS A 1 132 ? -11.145 5.425   10.747  1.00 41.73 ? 132  LYS A NZ  1 
ATOM   988  N N   . ILE A 1 133 ? -10.711 4.776   3.742   1.00 39.56 ? 133  ILE A N   1 
ATOM   989  C CA  . ILE A 1 133 ? -9.527  4.644   2.899   1.00 39.48 ? 133  ILE A CA  1 
ATOM   990  C C   . ILE A 1 133 ? -9.765  5.271   1.519   1.00 40.95 ? 133  ILE A C   1 
ATOM   991  O O   . ILE A 1 133 ? -8.932  6.025   1.003   1.00 40.48 ? 133  ILE A O   1 
ATOM   992  C CB  . ILE A 1 133 ? -9.150  3.164   2.710   1.00 39.28 ? 133  ILE A CB  1 
ATOM   993  C CG1 . ILE A 1 133 ? -8.702  2.572   4.046   1.00 39.25 ? 133  ILE A CG1 1 
ATOM   994  C CG2 . ILE A 1 133 ? -8.065  3.042   1.656   1.00 36.40 ? 133  ILE A CG2 1 
ATOM   995  C CD1 . ILE A 1 133 ? -8.541  1.065   4.035   1.00 37.55 ? 133  ILE A CD1 1 
ATOM   996  N N   . LYS A 1 134 ? -10.918 4.966   0.934   1.00 41.98 ? 134  LYS A N   1 
ATOM   997  C CA  . LYS A 1 134 ? -11.262 5.479   -0.373  1.00 41.78 ? 134  LYS A CA  1 
ATOM   998  C C   . LYS A 1 134 ? -11.404 6.991   -0.361  1.00 40.24 ? 134  LYS A C   1 
ATOM   999  O O   . LYS A 1 134 ? -10.949 7.657   -1.283  1.00 38.21 ? 134  LYS A O   1 
ATOM   1000 C CB  . LYS A 1 134 ? -12.547 4.801   -0.857  1.00 43.37 ? 134  LYS A CB  1 
ATOM   1001 C CG  . LYS A 1 134 ? -13.049 5.301   -2.196  1.00 47.19 ? 134  LYS A CG  1 
ATOM   1002 C CD  . LYS A 1 134 ? -13.989 4.286   -2.865  1.00 47.47 ? 134  LYS A CD  1 
ATOM   1003 C CE  . LYS A 1 134 ? -15.182 3.944   -1.969  1.00 49.15 ? 134  LYS A CE  1 
ATOM   1004 N NZ  . LYS A 1 134 ? -15.942 2.751   -2.492  1.00 47.89 ? 134  LYS A NZ  1 
ATOM   1005 N N   . HIS A 1 135 ? -12.018 7.512   0.697   1.00 39.69 ? 135  HIS A N   1 
ATOM   1006 C CA  . HIS A 1 135 ? -12.235 8.945   0.849   1.00 38.64 ? 135  HIS A CA  1 
ATOM   1007 C C   . HIS A 1 135 ? -10.916 9.670   1.071   1.00 37.97 ? 135  HIS A C   1 
ATOM   1008 O O   . HIS A 1 135 ? -10.724 10.793  0.621   1.00 35.91 ? 135  HIS A O   1 
ATOM   1009 C CB  . HIS A 1 135 ? -13.197 9.210   2.013   1.00 37.99 ? 135  HIS A CB  1 
ATOM   1010 C CG  . HIS A 1 135 ? -13.439 10.665  2.268   1.00 41.21 ? 135  HIS A CG  1 
ATOM   1011 N ND1 . HIS A 1 135 ? -12.737 11.381  3.210   1.00 42.34 ? 135  HIS A ND1 1 
ATOM   1012 C CD2 . HIS A 1 135 ? -14.292 11.543  1.686   1.00 40.83 ? 135  HIS A CD2 1 
ATOM   1013 C CE1 . HIS A 1 135 ? -13.148 12.639  3.203   1.00 40.45 ? 135  HIS A CE1 1 
ATOM   1014 N NE2 . HIS A 1 135 ? -14.091 12.760  2.289   1.00 38.73 ? 135  HIS A NE2 1 
ATOM   1015 N N   . PHE A 1 136 ? -9.997  9.013   1.764   1.00 38.16 ? 136  PHE A N   1 
ATOM   1016 C CA  . PHE A 1 136 ? -8.689  9.591   2.024   1.00 38.10 ? 136  PHE A CA  1 
ATOM   1017 C C   . PHE A 1 136 ? -7.957  9.867   0.709   1.00 38.82 ? 136  PHE A C   1 
ATOM   1018 O O   . PHE A 1 136 ? -7.473  10.981  0.476   1.00 37.05 ? 136  PHE A O   1 
ATOM   1019 C CB  . PHE A 1 136 ? -7.856  8.631   2.893   1.00 39.18 ? 136  PHE A CB  1 
ATOM   1020 C CG  . PHE A 1 136 ? -6.429  9.066   3.079   1.00 38.83 ? 136  PHE A CG  1 
ATOM   1021 C CD1 . PHE A 1 136 ? -6.104  10.057  3.995   1.00 41.45 ? 136  PHE A CD1 1 
ATOM   1022 C CD2 . PHE A 1 136 ? -5.412  8.504   2.311   1.00 41.66 ? 136  PHE A CD2 1 
ATOM   1023 C CE1 . PHE A 1 136 ? -4.761  10.494  4.143   1.00 42.14 ? 136  PHE A CE1 1 
ATOM   1024 C CE2 . PHE A 1 136 ? -4.064  8.931   2.448   1.00 40.25 ? 136  PHE A CE2 1 
ATOM   1025 C CZ  . PHE A 1 136 ? -3.746  9.928   3.366   1.00 39.73 ? 136  PHE A CZ  1 
ATOM   1026 N N   . PHE A 1 137 ? -7.870  8.839   -0.129  1.00 39.16 ? 137  PHE A N   1 
ATOM   1027 C CA  . PHE A 1 137 ? -7.173  8.947   -1.403  1.00 40.11 ? 137  PHE A CA  1 
ATOM   1028 C C   . PHE A 1 137 ? -7.875  9.884   -2.377  1.00 40.49 ? 137  PHE A C   1 
ATOM   1029 O O   . PHE A 1 137 ? -7.234  10.584  -3.180  1.00 39.83 ? 137  PHE A O   1 
ATOM   1030 C CB  . PHE A 1 137 ? -7.032  7.562   -2.025  1.00 40.03 ? 137  PHE A CB  1 
ATOM   1031 C CG  . PHE A 1 137 ? -5.945  6.736   -1.407  1.00 41.88 ? 137  PHE A CG  1 
ATOM   1032 C CD1 . PHE A 1 137 ? -4.597  7.040   -1.628  1.00 42.37 ? 137  PHE A CD1 1 
ATOM   1033 C CD2 . PHE A 1 137 ? -6.268  5.647   -0.604  1.00 39.58 ? 137  PHE A CD2 1 
ATOM   1034 C CE1 . PHE A 1 137 ? -3.579  6.274   -1.041  1.00 40.81 ? 137  PHE A CE1 1 
ATOM   1035 C CE2 . PHE A 1 137 ? -5.270  4.886   -0.016  1.00 40.92 ? 137  PHE A CE2 1 
ATOM   1036 C CZ  . PHE A 1 137 ? -3.918  5.196   -0.240  1.00 42.16 ? 137  PHE A CZ  1 
ATOM   1037 N N   . GLU A 1 138 ? -9.196  9.918   -2.284  1.00 42.05 ? 138  GLU A N   1 
ATOM   1038 C CA  . GLU A 1 138 ? -9.991  10.770  -3.150  1.00 42.83 ? 138  GLU A CA  1 
ATOM   1039 C C   . GLU A 1 138 ? -9.865  12.252  -2.803  1.00 43.43 ? 138  GLU A C   1 
ATOM   1040 O O   . GLU A 1 138 ? -10.299 13.110  -3.568  1.00 45.12 ? 138  GLU A O   1 
ATOM   1041 C CB  . GLU A 1 138 ? -11.458 10.347  -3.061  1.00 41.58 ? 138  GLU A CB  1 
ATOM   1042 C CG  . GLU A 1 138 ? -12.424 11.120  -3.946  1.00 44.18 ? 138  GLU A CG  1 
ATOM   1043 C CD  . GLU A 1 138 ? -12.298 10.775  -5.453  1.00 49.32 ? 138  GLU A CD  1 
ATOM   1044 O OE1 . GLU A 1 138 ? -12.280 9.550   -5.782  1.00 49.14 ? 138  GLU A OE1 1 
ATOM   1045 O OE2 . GLU A 1 138 ? -12.232 11.728  -6.293  1.00 46.01 ? 138  GLU A OE2 1 
ATOM   1046 N N   . THR A 1 139 ? -9.265  12.558  -1.655  1.00 43.08 ? 139  THR A N   1 
ATOM   1047 C CA  . THR A 1 139 ? -9.147  13.954  -1.229  1.00 38.73 ? 139  THR A CA  1 
ATOM   1048 C C   . THR A 1 139 ? -7.795  14.415  -0.678  1.00 38.50 ? 139  THR A C   1 
ATOM   1049 O O   . THR A 1 139 ? -7.532  15.610  -0.601  1.00 32.99 ? 139  THR A O   1 
ATOM   1050 C CB  . THR A 1 139 ? -10.216 14.277  -0.152  1.00 41.72 ? 139  THR A CB  1 
ATOM   1051 O OG1 . THR A 1 139 ? -10.001 13.444  0.992   1.00 33.80 ? 139  THR A OG1 1 
ATOM   1052 C CG2 . THR A 1 139 ? -11.622 14.036  -0.684  1.00 41.17 ? 139  THR A CG2 1 
ATOM   1053 N N   . TYR A 1 140 ? -6.931  13.479  -0.310  1.00 39.07 ? 140  TYR A N   1 
ATOM   1054 C CA  . TYR A 1 140 ? -5.642  13.839  0.272   1.00 40.70 ? 140  TYR A CA  1 
ATOM   1055 C C   . TYR A 1 140 ? -4.721  14.643  -0.649  1.00 41.71 ? 140  TYR A C   1 
ATOM   1056 O O   . TYR A 1 140 ? -3.651  15.093  -0.217  1.00 43.42 ? 140  TYR A O   1 
ATOM   1057 C CB  . TYR A 1 140 ? -4.912  12.590  0.812   1.00 40.29 ? 140  TYR A CB  1 
ATOM   1058 C CG  . TYR A 1 140 ? -4.115  11.798  -0.207  1.00 41.25 ? 140  TYR A CG  1 
ATOM   1059 C CD1 . TYR A 1 140 ? -4.683  11.392  -1.417  1.00 43.12 ? 140  TYR A CD1 1 
ATOM   1060 C CD2 . TYR A 1 140 ? -2.795  11.439  0.054   1.00 40.68 ? 140  TYR A CD2 1 
ATOM   1061 C CE1 . TYR A 1 140 ? -3.950  10.648  -2.344  1.00 42.12 ? 140  TYR A CE1 1 
ATOM   1062 C CE2 . TYR A 1 140 ? -2.051  10.696  -0.855  1.00 40.38 ? 140  TYR A CE2 1 
ATOM   1063 C CZ  . TYR A 1 140 ? -2.628  10.298  -2.056  1.00 43.44 ? 140  TYR A CZ  1 
ATOM   1064 O OH  . TYR A 1 140 ? -1.891  9.542   -2.951  1.00 37.18 ? 140  TYR A OH  1 
ATOM   1065 N N   . LYS A 1 141 ? -5.132  14.825  -1.904  1.00 41.84 ? 141  LYS A N   1 
ATOM   1066 C CA  . LYS A 1 141 ? -4.326  15.604  -2.840  1.00 41.08 ? 141  LYS A CA  1 
ATOM   1067 C C   . LYS A 1 141 ? -5.087  16.789  -3.413  1.00 40.17 ? 141  LYS A C   1 
ATOM   1068 O O   . LYS A 1 141 ? -4.657  17.387  -4.378  1.00 38.18 ? 141  LYS A O   1 
ATOM   1069 C CB  . LYS A 1 141 ? -3.791  14.723  -3.978  1.00 43.52 ? 141  LYS A CB  1 
ATOM   1070 C CG  . LYS A 1 141 ? -2.538  13.931  -3.608  1.00 43.01 ? 141  LYS A CG  1 
ATOM   1071 C CD  . LYS A 1 141 ? -1.713  13.545  -4.822  1.00 43.76 ? 141  LYS A CD  1 
ATOM   1072 C CE  . LYS A 1 141 ? -2.180  12.272  -5.470  1.00 46.42 ? 141  LYS A CE  1 
ATOM   1073 N NZ  . LYS A 1 141 ? -1.447  11.980  -6.767  1.00 51.23 ? 141  LYS A NZ  1 
ATOM   1074 N N   . ASP A 1 142 ? -6.203  17.136  -2.788  1.00 40.13 ? 142  ASP A N   1 
ATOM   1075 C CA  . ASP A 1 142 ? -7.031  18.251  -3.242  1.00 41.35 ? 142  ASP A CA  1 
ATOM   1076 C C   . ASP A 1 142 ? -6.290  19.587  -3.257  1.00 42.19 ? 142  ASP A C   1 
ATOM   1077 O O   . ASP A 1 142 ? -6.389  20.344  -4.231  1.00 41.61 ? 142  ASP A O   1 
ATOM   1078 C CB  . ASP A 1 142 ? -8.282  18.401  -2.355  1.00 40.65 ? 142  ASP A CB  1 
ATOM   1079 C CG  . ASP A 1 142 ? -9.259  17.247  -2.509  1.00 41.52 ? 142  ASP A CG  1 
ATOM   1080 O OD1 . ASP A 1 142 ? -9.055  16.399  -3.396  1.00 46.05 ? 142  ASP A OD1 1 
ATOM   1081 O OD2 . ASP A 1 142 ? -10.248 17.191  -1.749  1.00 39.73 ? 142  ASP A OD2 1 
ATOM   1082 N N   . LEU A 1 143 ? -5.546  19.867  -2.193  1.00 42.23 ? 143  LEU A N   1 
ATOM   1083 C CA  . LEU A 1 143 ? -4.837  21.130  -2.085  1.00 41.42 ? 143  LEU A CA  1 
ATOM   1084 C C   . LEU A 1 143 ? -3.489  21.192  -2.787  1.00 40.32 ? 143  LEU A C   1 
ATOM   1085 O O   . LEU A 1 143 ? -2.858  22.246  -2.823  1.00 38.19 ? 143  LEU A O   1 
ATOM   1086 C CB  . LEU A 1 143 ? -4.682  21.490  -0.605  1.00 41.01 ? 143  LEU A CB  1 
ATOM   1087 C CG  . LEU A 1 143 ? -5.990  21.628  0.185   1.00 42.49 ? 143  LEU A CG  1 
ATOM   1088 C CD1 . LEU A 1 143 ? -5.698  21.470  1.656   1.00 39.48 ? 143  LEU A CD1 1 
ATOM   1089 C CD2 . LEU A 1 143 ? -6.673  22.956  -0.117  1.00 38.83 ? 143  LEU A CD2 1 
ATOM   1090 N N   . GLU A 1 144 ? -3.058  20.069  -3.355  1.00 40.10 ? 144  GLU A N   1 
ATOM   1091 C CA  . GLU A 1 144 ? -1.775  20.034  -4.046  1.00 42.12 ? 144  GLU A CA  1 
ATOM   1092 C C   . GLU A 1 144 ? -1.936  20.404  -5.513  1.00 43.60 ? 144  GLU A C   1 
ATOM   1093 O O   . GLU A 1 144 ? -2.514  19.652  -6.285  1.00 48.29 ? 144  GLU A O   1 
ATOM   1094 C CB  . GLU A 1 144 ? -1.142  18.644  -3.925  1.00 38.49 ? 144  GLU A CB  1 
ATOM   1095 C CG  . GLU A 1 144 ? -0.634  18.319  -2.533  1.00 42.18 ? 144  GLU A CG  1 
ATOM   1096 C CD  . GLU A 1 144 ? 0.113   17.013  -2.481  1.00 43.69 ? 144  GLU A CD  1 
ATOM   1097 O OE1 . GLU A 1 144 ? 0.978   16.812  -3.357  1.00 47.18 ? 144  GLU A OE1 1 
ATOM   1098 O OE2 . GLU A 1 144 ? -0.141  16.202  -1.561  1.00 47.95 ? 144  GLU A OE2 1 
ATOM   1099 N N   . PRO A 1 145 ? -1.435  21.583  -5.914  1.00 44.57 ? 145  PRO A N   1 
ATOM   1100 C CA  . PRO A 1 145 ? -1.512  22.080  -7.293  1.00 44.20 ? 145  PRO A CA  1 
ATOM   1101 C C   . PRO A 1 145 ? -1.207  21.041  -8.365  1.00 43.09 ? 145  PRO A C   1 
ATOM   1102 O O   . PRO A 1 145 ? -0.246  20.249  -8.239  1.00 45.05 ? 145  PRO A O   1 
ATOM   1103 C CB  . PRO A 1 145 ? -0.498  23.215  -7.310  1.00 43.26 ? 145  PRO A CB  1 
ATOM   1104 C CG  . PRO A 1 145 ? -0.644  23.783  -5.955  1.00 45.44 ? 145  PRO A CG  1 
ATOM   1105 C CD  . PRO A 1 145 ? -0.670  22.529  -5.078  1.00 44.31 ? 145  PRO A CD  1 
ATOM   1106 N N   . ASN A 1 146 ? -2.035  21.052  -9.412  1.00 43.19 ? 146  ASN A N   1 
ATOM   1107 C CA  . ASN A 1 146 ? -1.870  20.143  -10.549 1.00 44.71 ? 146  ASN A CA  1 
ATOM   1108 C C   . ASN A 1 146 ? -1.801  18.654  -10.158 1.00 45.46 ? 146  ASN A C   1 
ATOM   1109 O O   . ASN A 1 146 ? -1.174  17.840  -10.848 1.00 47.04 ? 146  ASN A O   1 
ATOM   1110 C CB  . ASN A 1 146 ? -0.607  20.517  -11.340 1.00 45.90 ? 146  ASN A CB  1 
ATOM   1111 C CG  . ASN A 1 146 ? -0.542  21.989  -11.656 1.00 45.40 ? 146  ASN A CG  1 
ATOM   1112 O OD1 . ASN A 1 146 ? 0.336   22.708  -11.150 1.00 45.92 ? 146  ASN A OD1 1 
ATOM   1113 N ND2 . ASN A 1 146 ? -1.492  22.466  -12.473 1.00 47.62 ? 146  ASN A ND2 1 
ATOM   1114 N N   . LYS A 1 147 ? -2.431  18.306  -9.043  1.00 46.11 ? 147  LYS A N   1 
ATOM   1115 C CA  . LYS A 1 147 ? -2.459  16.920  -8.587  1.00 44.48 ? 147  LYS A CA  1 
ATOM   1116 C C   . LYS A 1 147 ? -3.903  16.563  -8.254  1.00 43.80 ? 147  LYS A C   1 
ATOM   1117 O O   . LYS A 1 147 ? -4.676  17.427  -7.771  1.00 40.93 ? 147  LYS A O   1 
ATOM   1118 C CB  . LYS A 1 147 ? -1.579  16.726  -7.346  1.00 45.13 ? 147  LYS A CB  1 
ATOM   1119 C CG  . LYS A 1 147 ? -0.091  16.835  -7.614  1.00 44.50 ? 147  LYS A CG  1 
ATOM   1120 C CD  . LYS A 1 147 ? 0.708   16.585  -6.350  1.00 47.99 ? 147  LYS A CD  1 
ATOM   1121 C CE  . LYS A 1 147 ? 2.204   16.801  -6.577  1.00 49.38 ? 147  LYS A CE  1 
ATOM   1122 N NZ  . LYS A 1 147 ? 2.664   16.012  -7.781  1.00 53.19 ? 147  LYS A NZ  1 
ATOM   1123 N N   . TRP A 1 148 ? -4.263  15.302  -8.502  1.00 43.56 ? 148  TRP A N   1 
ATOM   1124 C CA  . TRP A 1 148 ? -5.626  14.839  -8.237  1.00 43.96 ? 148  TRP A CA  1 
ATOM   1125 C C   . TRP A 1 148 ? -5.737  13.324  -8.245  1.00 43.59 ? 148  TRP A C   1 
ATOM   1126 O O   . TRP A 1 148 ? -4.834  12.628  -8.685  1.00 42.70 ? 148  TRP A O   1 
ATOM   1127 C CB  . TRP A 1 148 ? -6.602  15.430  -9.272  1.00 43.69 ? 148  TRP A CB  1 
ATOM   1128 C CG  . TRP A 1 148 ? -6.154  15.212  -10.705 1.00 46.19 ? 148  TRP A CG  1 
ATOM   1129 C CD1 . TRP A 1 148 ? -5.269  15.979  -11.418 1.00 45.85 ? 148  TRP A CD1 1 
ATOM   1130 C CD2 . TRP A 1 148 ? -6.531  14.127  -11.570 1.00 44.65 ? 148  TRP A CD2 1 
ATOM   1131 N NE1 . TRP A 1 148 ? -5.072  15.433  -12.667 1.00 48.15 ? 148  TRP A NE1 1 
ATOM   1132 C CE2 . TRP A 1 148 ? -5.821  14.292  -12.786 1.00 46.34 ? 148  TRP A CE2 1 
ATOM   1133 C CE3 . TRP A 1 148 ? -7.378  13.014  -11.425 1.00 41.62 ? 148  TRP A CE3 1 
ATOM   1134 C CZ2 . TRP A 1 148 ? -5.959  13.406  -13.868 1.00 44.98 ? 148  TRP A CZ2 1 
ATOM   1135 C CZ3 . TRP A 1 148 ? -7.513  12.132  -12.491 1.00 44.52 ? 148  TRP A CZ3 1 
ATOM   1136 C CH2 . TRP A 1 148 ? -6.794  12.329  -13.698 1.00 45.51 ? 148  TRP A CH2 1 
ATOM   1137 N N   . VAL A 1 149 ? -6.860  12.827  -7.745  1.00 43.16 ? 149  VAL A N   1 
ATOM   1138 C CA  . VAL A 1 149 ? -7.127  11.402  -7.682  1.00 41.69 ? 149  VAL A CA  1 
ATOM   1139 C C   . VAL A 1 149 ? -8.611  11.146  -7.926  1.00 43.28 ? 149  VAL A C   1 
ATOM   1140 O O   . VAL A 1 149 ? -9.461  11.910  -7.460  1.00 42.95 ? 149  VAL A O   1 
ATOM   1141 C CB  . VAL A 1 149 ? -6.744  10.820  -6.289  1.00 41.48 ? 149  VAL A CB  1 
ATOM   1142 C CG1 . VAL A 1 149 ? -7.113  9.341   -6.221  1.00 39.96 ? 149  VAL A CG1 1 
ATOM   1143 C CG2 . VAL A 1 149 ? -5.265  11.007  -6.042  1.00 39.37 ? 149  VAL A CG2 1 
ATOM   1144 N N   . LYS A 1 150 ? -8.908  10.074  -8.658  1.00 43.75 ? 150  LYS A N   1 
ATOM   1145 C CA  . LYS A 1 150 ? -10.279 9.670   -8.933  1.00 43.21 ? 150  LYS A CA  1 
ATOM   1146 C C   . LYS A 1 150 ? -10.408 8.171   -8.714  1.00 41.85 ? 150  LYS A C   1 
ATOM   1147 O O   . LYS A 1 150 ? -10.156 7.376   -9.618  1.00 40.68 ? 150  LYS A O   1 
ATOM   1148 C CB  . LYS A 1 150 ? -10.667 10.061  -10.356 1.00 43.34 ? 150  LYS A CB  1 
ATOM   1149 C CG  . LYS A 1 150 ? -11.084 11.538  -10.454 1.00 44.68 ? 150  LYS A CG  1 
ATOM   1150 C CD  . LYS A 1 150 ? -10.905 12.126  -11.854 1.00 46.15 ? 150  LYS A CD  1 
ATOM   1151 C CE  . LYS A 1 150 ? -11.778 11.438  -12.888 1.00 47.77 ? 150  LYS A CE  1 
ATOM   1152 N NZ  . LYS A 1 150 ? -11.657 12.130  -14.222 1.00 47.81 ? 150  LYS A NZ  1 
ATOM   1153 N N   . VAL A 1 151 ? -10.781 7.811   -7.491  1.00 41.44 ? 151  VAL A N   1 
ATOM   1154 C CA  . VAL A 1 151 ? -10.942 6.421   -7.078  1.00 42.74 ? 151  VAL A CA  1 
ATOM   1155 C C   . VAL A 1 151 ? -12.039 5.673   -7.823  1.00 42.64 ? 151  VAL A C   1 
ATOM   1156 O O   . VAL A 1 151 ? -13.169 6.147   -7.918  1.00 42.63 ? 151  VAL A O   1 
ATOM   1157 C CB  . VAL A 1 151 ? -11.231 6.333   -5.567  1.00 43.78 ? 151  VAL A CB  1 
ATOM   1158 C CG1 . VAL A 1 151 ? -11.382 4.864   -5.138  1.00 40.42 ? 151  VAL A CG1 1 
ATOM   1159 C CG2 . VAL A 1 151 ? -10.112 7.030   -4.795  1.00 41.40 ? 151  VAL A CG2 1 
ATOM   1160 N N   . LYS A 1 152 ? -11.697 4.499   -8.346  1.00 42.81 ? 152  LYS A N   1 
ATOM   1161 C CA  . LYS A 1 152 ? -12.646 3.667   -9.077  1.00 43.79 ? 152  LYS A CA  1 
ATOM   1162 C C   . LYS A 1 152 ? -13.330 2.759   -8.074  1.00 44.21 ? 152  LYS A C   1 
ATOM   1163 O O   . LYS A 1 152 ? -14.547 2.767   -7.960  1.00 46.70 ? 152  LYS A O   1 
ATOM   1164 C CB  . LYS A 1 152 ? -11.933 2.817   -10.142 1.00 43.57 ? 152  LYS A CB  1 
ATOM   1165 C CG  . LYS A 1 152 ? -10.989 3.602   -11.057 1.00 41.46 ? 152  LYS A CG  1 
ATOM   1166 C CD  . LYS A 1 152 ? -11.727 4.673   -11.838 1.00 42.90 ? 152  LYS A CD  1 
ATOM   1167 C CE  . LYS A 1 152 ? -10.771 5.464   -12.718 1.00 45.66 ? 152  LYS A CE  1 
ATOM   1168 N NZ  . LYS A 1 152 ? -11.445 6.554   -13.456 1.00 44.73 ? 152  LYS A NZ  1 
ATOM   1169 N N   . GLY A 1 153 ? -12.535 1.985   -7.339  1.00 43.77 ? 153  GLY A N   1 
ATOM   1170 C CA  . GLY A 1 153 ? -13.093 1.075   -6.354  1.00 42.14 ? 153  GLY A CA  1 
ATOM   1171 C C   . GLY A 1 153 ? -12.139 -0.039  -5.943  1.00 42.07 ? 153  GLY A C   1 
ATOM   1172 O O   . GLY A 1 153 ? -10.954 -0.033  -6.299  1.00 42.97 ? 153  GLY A O   1 
ATOM   1173 N N   . PHE A 1 154 ? -12.664 -0.992  -5.178  1.00 41.19 ? 154  PHE A N   1 
ATOM   1174 C CA  . PHE A 1 154 ? -11.879 -2.122  -4.700  1.00 40.41 ? 154  PHE A CA  1 
ATOM   1175 C C   . PHE A 1 154 ? -12.166 -3.371  -5.523  1.00 39.99 ? 154  PHE A C   1 
ATOM   1176 O O   . PHE A 1 154 ? -13.205 -3.469  -6.176  1.00 38.37 ? 154  PHE A O   1 
ATOM   1177 C CB  . PHE A 1 154 ? -12.220 -2.418  -3.235  1.00 41.85 ? 154  PHE A CB  1 
ATOM   1178 C CG  . PHE A 1 154 ? -11.671 -1.413  -2.263  1.00 40.48 ? 154  PHE A CG  1 
ATOM   1179 C CD1 . PHE A 1 154 ? -10.350 -1.488  -1.851  1.00 41.25 ? 154  PHE A CD1 1 
ATOM   1180 C CD2 . PHE A 1 154 ? -12.479 -0.410  -1.742  1.00 41.85 ? 154  PHE A CD2 1 
ATOM   1181 C CE1 . PHE A 1 154 ? -9.832  -0.568  -0.948  1.00 41.90 ? 154  PHE A CE1 1 
ATOM   1182 C CE2 . PHE A 1 154 ? -11.971 0.523   -0.836  1.00 41.64 ? 154  PHE A CE2 1 
ATOM   1183 C CZ  . PHE A 1 154 ? -10.646 0.436   -0.431  1.00 41.63 ? 154  PHE A CZ  1 
ATOM   1184 N N   . GLU A 1 155 ? -11.235 -4.321  -5.477  1.00 40.46 ? 155  GLU A N   1 
ATOM   1185 C CA  . GLU A 1 155 ? -11.382 -5.597  -6.175  1.00 41.65 ? 155  GLU A CA  1 
ATOM   1186 C C   . GLU A 1 155 ? -10.851 -6.689  -5.257  1.00 41.88 ? 155  GLU A C   1 
ATOM   1187 O O   . GLU A 1 155 ? -9.855  -6.490  -4.591  1.00 41.81 ? 155  GLU A O   1 
ATOM   1188 C CB  . GLU A 1 155 ? -10.633 -5.583  -7.510  1.00 42.83 ? 155  GLU A CB  1 
ATOM   1189 C CG  . GLU A 1 155 ? -11.048 -4.439  -8.423  1.00 43.63 ? 155  GLU A CG  1 
ATOM   1190 C CD  . GLU A 1 155 ? -10.791 -4.725  -9.889  1.00 46.77 ? 155  GLU A CD  1 
ATOM   1191 O OE1 . GLU A 1 155 ? -9.700  -5.255  -10.207 1.00 49.38 ? 155  GLU A OE1 1 
ATOM   1192 O OE2 . GLU A 1 155 ? -11.675 -4.404  -10.724 1.00 46.83 ? 155  GLU A OE2 1 
ATOM   1193 N N   . ASN A 1 156 ? -11.522 -7.834  -5.221  1.00 42.27 ? 156  ASN A N   1 
ATOM   1194 C CA  . ASN A 1 156 ? -11.142 -8.928  -4.336  1.00 42.13 ? 156  ASN A CA  1 
ATOM   1195 C C   . ASN A 1 156 ? -9.692  -9.373  -4.390  1.00 41.12 ? 156  ASN A C   1 
ATOM   1196 O O   . ASN A 1 156 ? -8.869  -8.794  -5.092  1.00 39.44 ? 156  ASN A O   1 
ATOM   1197 C CB  . ASN A 1 156 ? -12.055 -10.133 -4.575  1.00 43.76 ? 156  ASN A CB  1 
ATOM   1198 C CG  . ASN A 1 156 ? -11.950 -10.685 -5.996  1.00 44.73 ? 156  ASN A CG  1 
ATOM   1199 O OD1 . ASN A 1 156 ? -10.889 -10.635 -6.616  1.00 44.82 ? 156  ASN A OD1 1 
ATOM   1200 N ND2 . ASN A 1 156 ? -13.050 -11.233 -6.504  1.00 43.25 ? 156  ASN A ND2 1 
ATOM   1201 N N   . LYS A 1 157 ? -9.398  -10.412 -3.619  1.00 41.58 ? 157  LYS A N   1 
ATOM   1202 C CA  . LYS A 1 157 ? -8.062  -10.983 -3.504  1.00 42.18 ? 157  LYS A CA  1 
ATOM   1203 C C   . LYS A 1 157 ? -7.551  -11.611 -4.796  1.00 42.74 ? 157  LYS A C   1 
ATOM   1204 O O   . LYS A 1 157 ? -6.380  -11.444 -5.154  1.00 42.47 ? 157  LYS A O   1 
ATOM   1205 C CB  . LYS A 1 157 ? -8.056  -12.031 -2.390  1.00 42.27 ? 157  LYS A CB  1 
ATOM   1206 C CG  . LYS A 1 157 ? -6.757  -12.824 -2.268  1.00 41.80 ? 157  LYS A CG  1 
ATOM   1207 C CD  . LYS A 1 157 ? -6.881  -13.870 -1.171  1.00 42.66 ? 157  LYS A CD  1 
ATOM   1208 C CE  . LYS A 1 157 ? -5.573  -14.596 -0.960  1.00 46.17 ? 157  LYS A CE  1 
ATOM   1209 N NZ  . LYS A 1 157 ? -5.692  -15.655 0.107   1.00 49.16 ? 157  LYS A NZ  1 
ATOM   1210 N N   . GLU A 1 158 ? -8.420  -12.348 -5.482  1.00 42.87 ? 158  GLU A N   1 
ATOM   1211 C CA  . GLU A 1 158 ? -8.032  -12.994 -6.731  1.00 43.06 ? 158  GLU A CA  1 
ATOM   1212 C C   . GLU A 1 158 ? -7.500  -11.951 -7.716  1.00 42.77 ? 158  GLU A C   1 
ATOM   1213 O O   . GLU A 1 158 ? -6.547  -12.203 -8.463  1.00 43.88 ? 158  GLU A O   1 
ATOM   1214 C CB  . GLU A 1 158 ? -9.224  -13.719 -7.345  1.00 43.17 ? 158  GLU A CB  1 
ATOM   1215 C CG  . GLU A 1 158 ? -8.835  -14.652 -8.494  1.00 46.59 ? 158  GLU A CG  1 
ATOM   1216 C CD  . GLU A 1 158 ? -10.029 -15.030 -9.359  1.00 49.91 ? 158  GLU A CD  1 
ATOM   1217 O OE1 . GLU A 1 158 ? -11.086 -15.410 -8.793  1.00 50.24 ? 158  GLU A OE1 1 
ATOM   1218 O OE2 . GLU A 1 158 ? -9.913  -14.937 -10.606 1.00 52.67 ? 158  GLU A OE2 1 
ATOM   1219 N N   . SER A 1 159 ? -8.125  -10.779 -7.706  1.00 42.35 ? 159  SER A N   1 
ATOM   1220 C CA  . SER A 1 159 ? -7.728  -9.680  -8.574  1.00 40.86 ? 159  SER A CA  1 
ATOM   1221 C C   . SER A 1 159 ? -6.378  -9.090  -8.145  1.00 41.34 ? 159  SER A C   1 
ATOM   1222 O O   . SER A 1 159 ? -5.558  -8.682  -8.983  1.00 39.99 ? 159  SER A O   1 
ATOM   1223 C CB  . SER A 1 159 ? -8.814  -8.599  -8.550  1.00 40.74 ? 159  SER A CB  1 
ATOM   1224 O OG  . SER A 1 159 ? -8.398  -7.451  -9.257  1.00 38.34 ? 159  SER A OG  1 
ATOM   1225 N N   . ALA A 1 160 ? -6.158  -9.045  -6.835  1.00 41.52 ? 160  ALA A N   1 
ATOM   1226 C CA  . ALA A 1 160 ? -4.922  -8.495  -6.298  1.00 41.08 ? 160  ALA A CA  1 
ATOM   1227 C C   . ALA A 1 160 ? -3.727  -9.378  -6.628  1.00 40.88 ? 160  ALA A C   1 
ATOM   1228 O O   . ALA A 1 160 ? -2.632  -8.894  -6.930  1.00 37.85 ? 160  ALA A O   1 
ATOM   1229 C CB  . ALA A 1 160 ? -5.051  -8.310  -4.791  1.00 40.44 ? 160  ALA A CB  1 
ATOM   1230 N N   . ILE A 1 161 ? -3.942  -10.687 -6.579  1.00 41.97 ? 161  ILE A N   1 
ATOM   1231 C CA  . ILE A 1 161 ? -2.877  -11.642 -6.868  1.00 43.38 ? 161  ILE A CA  1 
ATOM   1232 C C   . ILE A 1 161 ? -2.350  -11.445 -8.287  1.00 44.32 ? 161  ILE A C   1 
ATOM   1233 O O   . ILE A 1 161 ? -1.144  -11.549 -8.548  1.00 47.21 ? 161  ILE A O   1 
ATOM   1234 C CB  . ILE A 1 161 ? -3.374  -13.104 -6.711  1.00 44.45 ? 161  ILE A CB  1 
ATOM   1235 C CG1 . ILE A 1 161 ? -3.804  -13.356 -5.266  1.00 45.16 ? 161  ILE A CG1 1 
ATOM   1236 C CG2 . ILE A 1 161 ? -2.280  -14.081 -7.105  1.00 43.28 ? 161  ILE A CG2 1 
ATOM   1237 C CD1 . ILE A 1 161 ? -4.401  -14.739 -5.031  1.00 46.30 ? 161  ILE A CD1 1 
ATOM   1238 N N   . LYS A 1 162 ? -3.265  -11.167 -9.209  1.00 43.77 ? 162  LYS A N   1 
ATOM   1239 C CA  . LYS A 1 162 ? -2.884  -10.956 -10.598 1.00 42.21 ? 162  LYS A CA  1 
ATOM   1240 C C   . LYS A 1 162 ? -2.070  -9.678  -10.755 1.00 41.53 ? 162  LYS A C   1 
ATOM   1241 O O   . LYS A 1 162 ? -1.137  -9.624  -11.564 1.00 40.37 ? 162  LYS A O   1 
ATOM   1242 C CB  . LYS A 1 162 ? -4.133  -10.913 -11.482 1.00 43.37 ? 162  LYS A CB  1 
ATOM   1243 C CG  . LYS A 1 162 ? -4.886  -12.237 -11.492 1.00 47.08 ? 162  LYS A CG  1 
ATOM   1244 C CD  . LYS A 1 162 ? -6.201  -12.136 -12.253 1.00 47.93 ? 162  LYS A CD  1 
ATOM   1245 C CE  . LYS A 1 162 ? -7.031  -13.405 -12.033 1.00 47.70 ? 162  LYS A CE  1 
ATOM   1246 N NZ  . LYS A 1 162 ? -8.398  -13.287 -12.635 1.00 48.33 ? 162  LYS A NZ  1 
ATOM   1247 N N   . VAL A 1 163 ? -2.435  -8.652  -9.988  1.00 41.48 ? 163  VAL A N   1 
ATOM   1248 C CA  . VAL A 1 163 ? -1.723  -7.378  -10.036 1.00 39.56 ? 163  VAL A CA  1 
ATOM   1249 C C   . VAL A 1 163 ? -0.303  -7.593  -9.544  1.00 40.24 ? 163  VAL A C   1 
ATOM   1250 O O   . VAL A 1 163 ? 0.663   -7.101  -10.145 1.00 35.97 ? 163  VAL A O   1 
ATOM   1251 C CB  . VAL A 1 163 ? -2.407  -6.312  -9.151  1.00 40.32 ? 163  VAL A CB  1 
ATOM   1252 C CG1 . VAL A 1 163 ? -1.567  -5.064  -9.096  1.00 39.76 ? 163  VAL A CG1 1 
ATOM   1253 C CG2 . VAL A 1 163 ? -3.776  -6.009  -9.697  1.00 41.38 ? 163  VAL A CG2 1 
ATOM   1254 N N   . LEU A 1 164 ? -0.189  -8.338  -8.449  1.00 40.99 ? 164  LEU A N   1 
ATOM   1255 C CA  . LEU A 1 164 ? 1.104   -8.638  -7.848  1.00 40.07 ? 164  LEU A CA  1 
ATOM   1256 C C   . LEU A 1 164 ? 1.971   -9.461  -8.789  1.00 40.35 ? 164  LEU A C   1 
ATOM   1257 O O   . LEU A 1 164 ? 3.112   -9.093  -9.090  1.00 39.22 ? 164  LEU A O   1 
ATOM   1258 C CB  . LEU A 1 164 ? 0.916   -9.393  -6.528  1.00 39.78 ? 164  LEU A CB  1 
ATOM   1259 C CG  . LEU A 1 164 ? 2.185   -9.971  -5.890  1.00 40.94 ? 164  LEU A CG  1 
ATOM   1260 C CD1 . LEU A 1 164 ? 3.150   -8.864  -5.526  1.00 40.14 ? 164  LEU A CD1 1 
ATOM   1261 C CD2 . LEU A 1 164 ? 1.816   -10.766 -4.654  1.00 43.56 ? 164  LEU A CD2 1 
ATOM   1262 N N   . GLU A 1 165 ? 1.425   -10.583 -9.254  1.00 39.79 ? 165  GLU A N   1 
ATOM   1263 C CA  . GLU A 1 165 ? 2.155   -11.460 -10.159 1.00 40.43 ? 165  GLU A CA  1 
ATOM   1264 C C   . GLU A 1 165 ? 2.615   -10.761 -11.431 1.00 41.25 ? 165  GLU A C   1 
ATOM   1265 O O   . GLU A 1 165 ? 3.701   -11.038 -11.934 1.00 42.46 ? 165  GLU A O   1 
ATOM   1266 C CB  . GLU A 1 165 ? 1.314   -12.691 -10.490 1.00 40.94 ? 165  GLU A CB  1 
ATOM   1267 C CG  . GLU A 1 165 ? 1.292   -13.711 -9.354  1.00 43.92 ? 165  GLU A CG  1 
ATOM   1268 C CD  . GLU A 1 165 ? 0.457   -14.940 -9.682  1.00 45.84 ? 165  GLU A CD  1 
ATOM   1269 O OE1 . GLU A 1 165 ? 0.320   -15.274 -10.880 1.00 49.75 ? 165  GLU A OE1 1 
ATOM   1270 O OE2 . GLU A 1 165 ? -0.056  -15.589 -8.743  1.00 45.89 ? 165  GLU A OE2 1 
ATOM   1271 N N   . LYS A 1 166 ? 1.789   -9.860  -11.942 1.00 42.03 ? 166  LYS A N   1 
ATOM   1272 C CA  . LYS A 1 166 ? 2.142   -9.108  -13.130 1.00 42.81 ? 166  LYS A CA  1 
ATOM   1273 C C   . LYS A 1 166 ? 3.277   -8.138  -12.794 1.00 42.47 ? 166  LYS A C   1 
ATOM   1274 O O   . LYS A 1 166 ? 4.165   -7.901  -13.618 1.00 41.89 ? 166  LYS A O   1 
ATOM   1275 C CB  . LYS A 1 166 ? 0.930   -8.329  -13.636 1.00 44.50 ? 166  LYS A CB  1 
ATOM   1276 C CG  . LYS A 1 166 ? 1.300   -7.198  -14.584 1.00 48.71 ? 166  LYS A CG  1 
ATOM   1277 C CD  . LYS A 1 166 ? 0.088   -6.325  -14.956 1.00 48.51 ? 166  LYS A CD  1 
ATOM   1278 C CE  . LYS A 1 166 ? -0.936  -7.131  -15.714 1.00 45.10 ? 166  LYS A CE  1 
ATOM   1279 N NZ  . LYS A 1 166 ? -0.323  -7.789  -16.891 1.00 46.23 ? 166  LYS A NZ  1 
ATOM   1280 N N   . ALA A 1 167 ? 3.247   -7.603  -11.575 1.00 43.01 ? 167  ALA A N   1 
ATOM   1281 C CA  . ALA A 1 167 ? 4.266   -6.657  -11.118 1.00 42.21 ? 167  ALA A CA  1 
ATOM   1282 C C   . ALA A 1 167 ? 5.610   -7.357  -10.866 1.00 41.39 ? 167  ALA A C   1 
ATOM   1283 O O   . ALA A 1 167 ? 6.685   -6.763  -11.018 1.00 41.23 ? 167  ALA A O   1 
ATOM   1284 C CB  . ALA A 1 167 ? 3.784   -5.955  -9.863  1.00 39.86 ? 167  ALA A CB  1 
ATOM   1285 N N   . ILE A 1 168 ? 5.550   -8.635  -10.503 1.00 41.61 ? 168  ILE A N   1 
ATOM   1286 C CA  . ILE A 1 168 ? 6.756   -9.412  -10.253 1.00 42.60 ? 168  ILE A CA  1 
ATOM   1287 C C   . ILE A 1 168 ? 7.460   -9.770  -11.558 1.00 43.19 ? 168  ILE A C   1 
ATOM   1288 O O   . ILE A 1 168 ? 8.686   -9.682  -11.649 1.00 43.51 ? 168  ILE A O   1 
ATOM   1289 C CB  . ILE A 1 168 ? 6.431   -10.712 -9.486  1.00 42.91 ? 168  ILE A CB  1 
ATOM   1290 C CG1 . ILE A 1 168 ? 5.959   -10.370 -8.072  1.00 42.34 ? 168  ILE A CG1 1 
ATOM   1291 C CG2 . ILE A 1 168 ? 7.651   -11.613 -9.433  1.00 43.58 ? 168  ILE A CG2 1 
ATOM   1292 C CD1 . ILE A 1 168 ? 5.458   -11.552 -7.281  1.00 44.27 ? 168  ILE A CD1 1 
ATOM   1293 N N   . LYS A 1 169 ? 6.682   -10.171 -12.558 1.00 44.55 ? 169  LYS A N   1 
ATOM   1294 C CA  . LYS A 1 169 ? 7.230   -10.541 -13.860 1.00 44.38 ? 169  LYS A CA  1 
ATOM   1295 C C   . LYS A 1 169 ? 7.860   -9.340  -14.564 1.00 43.57 ? 169  LYS A C   1 
ATOM   1296 O O   . LYS A 1 169 ? 8.922   -9.441  -15.166 1.00 43.48 ? 169  LYS A O   1 
ATOM   1297 C CB  . LYS A 1 169 ? 6.132   -11.142 -14.743 1.00 47.19 ? 169  LYS A CB  1 
ATOM   1298 C CG  . LYS A 1 169 ? 6.621   -11.576 -16.121 1.00 44.79 ? 169  LYS A CG  1 
ATOM   1299 C CD  . LYS A 1 169 ? 5.540   -12.352 -16.854 1.00 46.34 ? 169  LYS A CD  1 
ATOM   1300 C CE  . LYS A 1 169 ? 6.102   -12.951 -18.156 1.00 45.30 ? 169  LYS A CE  1 
ATOM   1301 N NZ  . LYS A 1 169 ? 5.099   -13.847 -18.826 1.00 42.78 ? 169  LYS A NZ  1 
ATOM   1302 N N   . ALA A 1 170 ? 7.194   -8.198  -14.477 1.00 42.06 ? 170  ALA A N   1 
ATOM   1303 C CA  . ALA A 1 170 ? 7.673   -6.973  -15.098 1.00 42.18 ? 170  ALA A CA  1 
ATOM   1304 C C   . ALA A 1 170 ? 9.064   -6.600  -14.606 1.00 43.11 ? 170  ALA A C   1 
ATOM   1305 O O   . ALA A 1 170 ? 9.857   -6.006  -15.346 1.00 43.60 ? 170  ALA A O   1 
ATOM   1306 C CB  . ALA A 1 170 ? 6.692   -5.835  -14.814 1.00 42.39 ? 170  ALA A CB  1 
ATOM   1307 N N   . TYR A 1 171 ? 9.352   -6.929  -13.350 1.00 43.99 ? 171  TYR A N   1 
ATOM   1308 C CA  . TYR A 1 171 ? 10.656  -6.626  -12.755 1.00 44.03 ? 171  TYR A CA  1 
ATOM   1309 C C   . TYR A 1 171 ? 11.728  -7.641  -13.164 1.00 44.56 ? 171  TYR A C   1 
ATOM   1310 O O   . TYR A 1 171 ? 12.903  -7.319  -13.259 1.00 45.43 ? 171  TYR A O   1 
ATOM   1311 C CB  . TYR A 1 171 ? 10.545  -6.613  -11.226 1.00 43.83 ? 171  TYR A CB  1 
ATOM   1312 C CG  . TYR A 1 171 ? 11.829  -6.237  -10.530 1.00 43.14 ? 171  TYR A CG  1 
ATOM   1313 C CD1 . TYR A 1 171 ? 12.250  -4.908  -10.472 1.00 42.96 ? 171  TYR A CD1 1 
ATOM   1314 C CD2 . TYR A 1 171 ? 12.645  -7.219  -9.969  1.00 43.77 ? 171  TYR A CD2 1 
ATOM   1315 C CE1 . TYR A 1 171 ? 13.457  -4.567  -9.873  1.00 44.10 ? 171  TYR A CE1 1 
ATOM   1316 C CE2 . TYR A 1 171 ? 13.855  -6.890  -9.366  1.00 43.48 ? 171  TYR A CE2 1 
ATOM   1317 C CZ  . TYR A 1 171 ? 14.260  -5.564  -9.318  1.00 46.57 ? 171  TYR A CZ  1 
ATOM   1318 O OH  . TYR A 1 171 ? 15.457  -5.237  -8.703  1.00 50.87 ? 171  TYR A OH  1 
ATOM   1319 N N   . GLN A 1 172 ? 11.310  -8.880  -13.397 1.00 45.28 ? 172  GLN A N   1 
ATOM   1320 C CA  . GLN A 1 172 ? 12.234  -9.951  -13.769 1.00 47.29 ? 172  GLN A CA  1 
ATOM   1321 C C   . GLN A 1 172 ? 12.812  -9.877  -15.188 1.00 48.85 ? 172  GLN A C   1 
ATOM   1322 O O   . GLN A 1 172 ? 13.929  -10.386 -15.441 1.00 51.96 ? 172  GLN A O   1 
ATOM   1323 C CB  . GLN A 1 172 ? 11.563  -11.310 -13.562 1.00 46.47 ? 172  GLN A CB  1 
ATOM   1324 C CG  . GLN A 1 172 ? 11.422  -11.695 -12.113 1.00 46.06 ? 172  GLN A CG  1 
ATOM   1325 C CD  . GLN A 1 172 ? 10.748  -13.066 -11.931 1.00 51.42 ? 172  GLN A CD  1 
ATOM   1326 O OE1 . GLN A 1 172 ? 10.845  -13.689 -10.851 1.00 50.93 ? 172  GLN A OE1 1 
ATOM   1327 N NE2 . GLN A 1 172 ? 10.044  -13.532 -12.987 1.00 52.21 ? 172  GLN A NE2 1 
ATOM   1328 N N   . GLY A 1 173 ? 12.081  -9.253  -16.113 1.00 49.98 ? 173  GLY A N   1 
ATOM   1329 C CA  . GLY A 1 173 ? 12.589  -9.163  -17.472 1.00 50.56 ? 173  GLY A CA  1 
ATOM   1330 C C   . GLY A 1 173 ? 13.181  -7.796  -17.806 1.00 52.56 ? 173  GLY A C   1 
ATOM   1331 O O   . GLY A 1 173 ? 13.007  -7.362  -18.984 1.00 52.86 ? 173  GLY A O   1 
ATOM   1332 O OXT . GLY A 1 173 ? 13.829  -7.184  -16.891 1.00 54.64 ? 173  GLY A OXT 1 
HETATM 1333 P P1  . POP B 2 .   ? 1.614   9.942   -5.382  1.00 66.56 ? 1174 POP A P1  1 
HETATM 1334 O O1  . POP B 2 .   ? 1.857   11.361  -4.804  1.00 60.20 ? 1174 POP A O1  1 
HETATM 1335 O O2  . POP B 2 .   ? 2.695   9.464   -6.464  1.00 54.13 ? 1174 POP A O2  1 
HETATM 1336 O O3  . POP B 2 .   ? 0.163   9.798   -5.944  1.00 58.00 ? 1174 POP A O3  1 
HETATM 1337 O O   . POP B 2 .   ? 1.777   8.940   -4.054  1.00 60.65 ? 1174 POP A O   1 
HETATM 1338 P P2  . POP B 2 .   ? 1.601   7.275   -4.180  1.00 60.35 ? 1174 POP A P2  1 
HETATM 1339 O O4  . POP B 2 .   ? 2.667   6.765   -5.181  1.00 52.04 ? 1174 POP A O4  1 
HETATM 1340 O O5  . POP B 2 .   ? 1.833   6.795   -2.765  1.00 53.10 ? 1174 POP A O5  1 
HETATM 1341 O O6  . POP B 2 .   ? 0.163   7.010   -4.700  1.00 49.75 ? 1174 POP A O6  1 
HETATM 1342 O O   . HOH C 3 .   ? 9.279   -14.217 -6.676  1.00 48.40 ? 2001 HOH A O   1 
HETATM 1343 O O   . HOH C 3 .   ? 2.216   -19.529 2.721   1.00 48.29 ? 2002 HOH A O   1 
HETATM 1344 O O   . HOH C 3 .   ? 0.811   -16.307 -4.405  1.00 44.88 ? 2003 HOH A O   1 
HETATM 1345 O O   . HOH C 3 .   ? 4.935   7.799   8.187   1.00 37.51 ? 2004 HOH A O   1 
HETATM 1346 O O   . HOH C 3 .   ? 3.951   8.500   13.132  1.00 35.44 ? 2005 HOH A O   1 
HETATM 1347 O O   . HOH C 3 .   ? 1.773   7.297   13.977  1.00 38.57 ? 2006 HOH A O   1 
HETATM 1348 O O   . HOH C 3 .   ? -5.542  2.393   14.708  1.00 45.53 ? 2007 HOH A O   1 
HETATM 1349 O O   . HOH C 3 .   ? 0.404   12.442  13.144  1.00 47.83 ? 2008 HOH A O   1 
HETATM 1350 O O   . HOH C 3 .   ? 3.679   11.390  12.205  1.00 38.47 ? 2009 HOH A O   1 
HETATM 1351 O O   . HOH C 3 .   ? 2.552   14.661  12.843  1.00 44.84 ? 2010 HOH A O   1 
HETATM 1352 O O   . HOH C 3 .   ? -1.093  16.810  7.583   1.00 49.86 ? 2011 HOH A O   1 
HETATM 1353 O O   . HOH C 3 .   ? 5.434   6.194   -0.041  1.00 48.44 ? 2012 HOH A O   1 
HETATM 1354 O O   . HOH C 3 .   ? 7.334   10.523  11.483  1.00 38.09 ? 2013 HOH A O   1 
HETATM 1355 O O   . HOH C 3 .   ? 12.532  -2.933  -5.117  1.00 46.91 ? 2014 HOH A O   1 
HETATM 1356 O O   . HOH C 3 .   ? 11.345  12.098  -1.790  1.00 41.20 ? 2015 HOH A O   1 
HETATM 1357 O O   . HOH C 3 .   ? 8.953   15.862  -2.975  1.00 43.29 ? 2016 HOH A O   1 
HETATM 1358 O O   . HOH C 3 .   ? -2.687  23.312  3.034   1.00 42.23 ? 2017 HOH A O   1 
HETATM 1359 O O   . HOH C 3 .   ? -3.723  16.327  2.696   1.00 30.51 ? 2018 HOH A O   1 
HETATM 1360 O O   . HOH C 3 .   ? -2.617  15.959  10.219  1.00 36.79 ? 2019 HOH A O   1 
HETATM 1361 O O   . HOH C 3 .   ? -9.059  11.838  4.796   1.00 39.09 ? 2020 HOH A O   1 
HETATM 1362 O O   . HOH C 3 .   ? -6.304  7.203   10.355  1.00 47.68 ? 2021 HOH A O   1 
HETATM 1363 O O   . HOH C 3 .   ? -14.317 9.295   -1.557  1.00 45.34 ? 2022 HOH A O   1 
HETATM 1364 O O   . HOH C 3 .   ? -5.618  0.115   8.948   1.00 35.29 ? 2023 HOH A O   1 
HETATM 1365 O O   . HOH C 3 .   ? 11.448  -1.891  -9.629  1.00 49.85 ? 2024 HOH A O   1 
HETATM 1366 O O   . HOH C 3 .   ? 2.008   4.303   -17.058 1.00 46.17 ? 2025 HOH A O   1 
HETATM 1367 O O   . HOH C 3 .   ? 3.699   7.911   -9.307  1.00 49.19 ? 2026 HOH A O   1 
HETATM 1368 O O   . HOH C 3 .   ? 11.681  1.115   -9.654  1.00 45.93 ? 2027 HOH A O   1 
HETATM 1369 O O   . HOH C 3 .   ? 6.852   2.311   -4.590  1.00 38.06 ? 2028 HOH A O   1 
HETATM 1370 O O   . HOH C 3 .   ? 1.726   0.975   -7.145  1.00 46.99 ? 2029 HOH A O   1 
HETATM 1371 O O   . HOH C 3 .   ? 5.160   4.564   -6.043  1.00 46.44 ? 2030 HOH A O   1 
HETATM 1372 O O   . HOH C 3 .   ? -4.066  -6.385  11.572  1.00 46.41 ? 2031 HOH A O   1 
HETATM 1373 O O   . HOH C 3 .   ? -2.353  3.062   15.907  1.00 45.10 ? 2032 HOH A O   1 
HETATM 1374 O O   . HOH C 3 .   ? -6.730  -2.242  19.200  1.00 48.00 ? 2033 HOH A O   1 
HETATM 1375 O O   . HOH C 3 .   ? 0.681   1.619   17.060  1.00 45.42 ? 2034 HOH A O   1 
HETATM 1376 O O   . HOH C 3 .   ? 4.175   2.253   17.008  1.00 46.02 ? 2035 HOH A O   1 
HETATM 1377 O O   . HOH C 3 .   ? 7.877   4.376   15.387  1.00 38.90 ? 2036 HOH A O   1 
HETATM 1378 O O   . HOH C 3 .   ? 12.799  1.937   10.822  1.00 34.53 ? 2037 HOH A O   1 
HETATM 1379 O O   . HOH C 3 .   ? 7.208   5.699   11.646  1.00 32.63 ? 2038 HOH A O   1 
HETATM 1380 O O   . HOH C 3 .   ? 15.314  -0.168  9.047   1.00 44.86 ? 2039 HOH A O   1 
HETATM 1381 O O   . HOH C 3 .   ? 8.063   -8.992  8.926   1.00 39.61 ? 2040 HOH A O   1 
HETATM 1382 O O   . HOH C 3 .   ? 4.350   -16.899 6.817   1.00 48.39 ? 2041 HOH A O   1 
HETATM 1383 O O   . HOH C 3 .   ? -4.613  -13.435 2.826   1.00 46.91 ? 2042 HOH A O   1 
HETATM 1384 O O   . HOH C 3 .   ? -4.233  -11.402 9.105   1.00 43.81 ? 2043 HOH A O   1 
HETATM 1385 O O   . HOH C 3 .   ? -4.379  10.322  -16.029 1.00 47.85 ? 2044 HOH A O   1 
HETATM 1386 O O   . HOH C 3 .   ? -2.474  8.200   -6.250  1.00 57.37 ? 2045 HOH A O   1 
HETATM 1387 O O   . HOH C 3 .   ? 1.390   9.877   -9.580  1.00 50.20 ? 2046 HOH A O   1 
HETATM 1388 O O   . HOH C 3 .   ? 0.105   0.591   -10.004 1.00 47.29 ? 2047 HOH A O   1 
HETATM 1389 O O   . HOH C 3 .   ? -1.748  -15.711 7.815   1.00 37.49 ? 2048 HOH A O   1 
HETATM 1390 O O   . HOH C 3 .   ? -4.448  -9.319  11.263  1.00 46.99 ? 2049 HOH A O   1 
HETATM 1391 O O   . HOH C 3 .   ? -6.078  -15.839 7.987   1.00 46.92 ? 2050 HOH A O   1 
HETATM 1392 O O   . HOH C 3 .   ? -15.866 -6.500  9.394   1.00 43.06 ? 2051 HOH A O   1 
HETATM 1393 O O   . HOH C 3 .   ? -14.838 -14.346 2.552   1.00 48.97 ? 2052 HOH A O   1 
HETATM 1394 O O   . HOH C 3 .   ? -12.553 -3.834  8.984   1.00 42.24 ? 2053 HOH A O   1 
HETATM 1395 O O   . HOH C 3 .   ? -19.659 -3.225  7.566   1.00 42.97 ? 2054 HOH A O   1 
HETATM 1396 O O   . HOH C 3 .   ? -18.907 -0.633  9.075   1.00 45.33 ? 2055 HOH A O   1 
HETATM 1397 O O   . HOH C 3 .   ? -13.782 6.552   12.004  1.00 36.31 ? 2056 HOH A O   1 
HETATM 1398 O O   . HOH C 3 .   ? -15.617 6.862   0.259   1.00 40.68 ? 2057 HOH A O   1 
HETATM 1399 O O   . HOH C 3 .   ? -18.589 5.337   5.848   1.00 53.48 ? 2058 HOH A O   1 
HETATM 1400 O O   . HOH C 3 .   ? -9.189  7.525   11.422  1.00 41.36 ? 2059 HOH A O   1 
HETATM 1401 O O   . HOH C 3 .   ? -12.334 3.625   12.534  1.00 49.06 ? 2060 HOH A O   1 
HETATM 1402 O O   . HOH C 3 .   ? -15.510 0.199   -4.180  1.00 43.11 ? 2061 HOH A O   1 
HETATM 1403 O O   . HOH C 3 .   ? -11.229 9.798   4.831   1.00 40.29 ? 2062 HOH A O   1 
HETATM 1404 O O   . HOH C 3 .   ? -11.992 15.567  -4.192  1.00 38.15 ? 2063 HOH A O   1 
HETATM 1405 O O   . HOH C 3 .   ? -14.237 7.909   -4.285  1.00 48.17 ? 2064 HOH A O   1 
HETATM 1406 O O   . HOH C 3 .   ? -5.534  17.678  0.486   1.00 39.77 ? 2065 HOH A O   1 
HETATM 1407 O O   . HOH C 3 .   ? -6.674  13.469  -3.763  1.00 38.09 ? 2066 HOH A O   1 
HETATM 1408 O O   . HOH C 3 .   ? -8.887  20.544  -6.049  1.00 45.72 ? 2067 HOH A O   1 
HETATM 1409 O O   . HOH C 3 .   ? -7.904  15.345  -5.830  1.00 41.44 ? 2068 HOH A O   1 
HETATM 1410 O O   . HOH C 3 .   ? -1.233  16.646  0.776   1.00 31.40 ? 2069 HOH A O   1 
HETATM 1411 O O   . HOH C 3 .   ? -5.046  19.454  -6.246  1.00 43.72 ? 2070 HOH A O   1 
HETATM 1412 O O   . HOH C 3 .   ? 2.206   20.284  -6.576  1.00 47.71 ? 2071 HOH A O   1 
HETATM 1413 O O   . HOH C 3 .   ? -0.723  25.282  -11.129 1.00 49.76 ? 2072 HOH A O   1 
HETATM 1414 O O   . HOH C 3 .   ? -10.524 13.919  -6.257  1.00 39.80 ? 2073 HOH A O   1 
HETATM 1415 O O   . HOH C 3 .   ? -10.052 14.230  -14.090 1.00 52.99 ? 2074 HOH A O   1 
HETATM 1416 O O   . HOH C 3 .   ? -9.979  -4.238  -13.290 1.00 42.85 ? 2075 HOH A O   1 
HETATM 1417 O O   . HOH C 3 .   ? -12.378 -1.649  -9.639  1.00 46.21 ? 2076 HOH A O   1 
HETATM 1418 O O   . HOH C 3 .   ? -13.290 -8.085  -7.544  1.00 46.46 ? 2077 HOH A O   1 
HETATM 1419 O O   . HOH C 3 .   ? -11.972 -10.550 -9.585  1.00 40.75 ? 2078 HOH A O   1 
HETATM 1420 O O   . HOH C 3 .   ? -7.089  -15.094 2.390   1.00 45.04 ? 2079 HOH A O   1 
HETATM 1421 O O   . HOH C 3 .   ? -10.702 -13.189 -4.312  1.00 41.98 ? 2080 HOH A O   1 
HETATM 1422 O O   . HOH C 3 .   ? -5.770  -14.885 -9.376  1.00 46.01 ? 2081 HOH A O   1 
HETATM 1423 O O   . HOH C 3 .   ? -6.139  -7.123  -11.400 1.00 46.17 ? 2082 HOH A O   1 
HETATM 1424 O O   . HOH C 3 .   ? -8.823  -12.474 -15.317 1.00 48.52 ? 2083 HOH A O   1 
HETATM 1425 O O   . HOH C 3 .   ? 0.556   -4.643  -11.680 1.00 48.53 ? 2084 HOH A O   1 
HETATM 1426 O O   . HOH C 3 .   ? -3.634  -7.648  -13.123 1.00 46.87 ? 2085 HOH A O   1 
HETATM 1427 O O   . HOH C 3 .   ? 5.309   -13.461 -11.857 1.00 46.21 ? 2086 HOH A O   1 
HETATM 1428 O O   . HOH C 3 .   ? 4.309   -8.244  -16.572 1.00 39.75 ? 2087 HOH A O   1 
HETATM 1429 O O   . HOH C 3 .   ? 15.798  -6.781  -12.764 1.00 46.04 ? 2088 HOH A O   1 
HETATM 1430 O O   . HOH C 3 .   ? 14.106  -4.821  -18.955 1.00 46.82 ? 2089 HOH A O   1 
HETATM 1431 O O   . HOH C 3 .   ? 0.679   8.203   -0.772  1.00 38.77 ? 2090 HOH A O   1 
HETATM 1432 O O   . HOH C 3 .   ? 2.583   12.375  -2.338  1.00 49.82 ? 2091 HOH A O   1 
# 
